data_3UQD
#
_entry.id   3UQD
#
_cell.length_a   69.885
_cell.length_b   155.189
_cell.length_c   224.989
_cell.angle_alpha   90.00
_cell.angle_beta   90.00
_cell.angle_gamma   90.00
#
_symmetry.space_group_name_H-M   'C 2 2 21'
#
loop_
_entity.id
_entity.type
_entity.pdbx_description
1 polymer '6-phosphofructokinase isozyme 2'
2 non-polymer "ADENOSINE-5'-TRIPHOSPHATE"
3 non-polymer 6-O-phosphono-beta-D-fructofuranose
4 non-polymer 'MAGNESIUM ION'
5 non-polymer 1,6-di-O-phosphono-beta-D-fructofuranose
6 non-polymer "ADENOSINE-5'-DIPHOSPHATE"
7 water water
#
_entity_poly.entity_id   1
_entity_poly.type   'polypeptide(L)'
_entity_poly.pdbx_seq_one_letter_code
;MVRIYTLTLAPSLDSATITPQIYPEGKLRCTAPVFEPGGGGINVARAIAHLGGSATAIFPAGGATGEHLVSLLADENVPV
ATVEAKDWTRQNLHVHVEASGEQYRFVMPGAALNEDEFRQLEEQVLEIESGAILVISGSLPPGVKLEKLTQLISAAQKQG
IRCIVDSSGEALSAALAIGNIELVKPNQKELSALVNRELTQPDDVRKAAQEIVNSGKAKRVVVSLGPQGALGVDSENCIQ
VVPPPVKSQSTVGAGDSMVGAMTLKLAENASLEEMVRFGVAAGSAATLNQGTRLCSHDDTQKIYAYLSR
;
_entity_poly.pdbx_strand_id   A,B,C,D
#
loop_
_chem_comp.id
_chem_comp.type
_chem_comp.name
_chem_comp.formula
ADP non-polymer ADENOSINE-5'-DIPHOSPHATE 'C10 H15 N5 O10 P2'
ATP non-polymer ADENOSINE-5'-TRIPHOSPHATE 'C10 H16 N5 O13 P3'
F6P D-saccharide, beta linking 6-O-phosphono-beta-D-fructofuranose 'C6 H13 O9 P'
FBP D-saccharide, beta linking 1,6-di-O-phosphono-beta-D-fructofuranose 'C6 H14 O12 P2'
MG non-polymer 'MAGNESIUM ION' 'Mg 2'
#
# COMPACT_ATOMS: atom_id res chain seq x y z
N MET A 1 -29.76 -39.48 -5.26
CA MET A 1 -28.96 -38.59 -4.43
C MET A 1 -29.18 -38.85 -2.94
N VAL A 2 -28.18 -38.54 -2.13
CA VAL A 2 -28.29 -38.65 -0.69
C VAL A 2 -28.40 -37.27 -0.06
N ARG A 3 -28.70 -37.23 1.24
CA ARG A 3 -28.81 -35.99 1.98
C ARG A 3 -27.44 -35.34 2.14
N ILE A 4 -27.41 -34.01 2.17
CA ILE A 4 -26.16 -33.28 2.31
C ILE A 4 -26.18 -32.37 3.52
N TYR A 5 -25.09 -32.38 4.28
CA TYR A 5 -24.94 -31.54 5.46
C TYR A 5 -23.60 -30.84 5.42
N THR A 6 -23.50 -29.68 6.08
CA THR A 6 -22.21 -29.01 6.24
C THR A 6 -21.94 -28.72 7.73
N LEU A 7 -20.68 -28.53 8.08
CA LEU A 7 -20.30 -28.20 9.44
C LEU A 7 -19.39 -26.97 9.48
N THR A 8 -19.83 -25.92 10.14
CA THR A 8 -19.01 -24.74 10.32
C THR A 8 -18.73 -24.56 11.81
N LEU A 9 -17.55 -24.96 12.26
CA LEU A 9 -17.21 -24.81 13.66
C LEU A 9 -16.95 -23.35 14.00
N ALA A 10 -16.55 -22.56 13.00
CA ALA A 10 -16.39 -21.12 13.17
C ALA A 10 -17.23 -20.34 12.17
N PRO A 11 -18.52 -20.14 12.50
CA PRO A 11 -19.43 -19.33 11.67
C PRO A 11 -19.15 -17.85 11.82
N SER A 12 -19.78 -17.03 10.99
CA SER A 12 -19.50 -15.60 10.99
C SER A 12 -20.71 -14.77 10.56
N LEU A 13 -20.91 -13.64 11.23
CA LEU A 13 -21.84 -12.63 10.73
C LEU A 13 -21.05 -11.60 9.95
N ASP A 14 -21.09 -11.68 8.63
CA ASP A 14 -20.31 -10.78 7.79
C ASP A 14 -21.02 -9.45 7.54
N SER A 15 -20.35 -8.36 7.87
CA SER A 15 -20.86 -7.04 7.57
C SER A 15 -20.06 -6.40 6.43
N ALA A 16 -20.74 -5.73 5.53
CA ALA A 16 -20.09 -5.11 4.38
C ALA A 16 -20.40 -3.63 4.38
N THR A 17 -19.37 -2.81 4.21
CA THR A 17 -19.53 -1.35 4.18
C THR A 17 -18.79 -0.73 2.99
N ILE A 18 -19.12 0.51 2.66
CA ILE A 18 -18.49 1.21 1.55
C ILE A 18 -17.86 2.54 2.02
N THR A 19 -16.64 2.79 1.58
CA THR A 19 -15.95 4.04 1.92
C THR A 19 -15.23 4.60 0.69
N PRO A 20 -15.23 5.93 0.54
CA PRO A 20 -14.70 6.52 -0.70
C PRO A 20 -13.19 6.35 -0.85
N GLN A 21 -12.46 6.51 0.25
CA GLN A 21 -11.00 6.44 0.21
C GLN A 21 -10.46 5.50 1.29
N ILE A 22 -9.21 5.07 1.13
CA ILE A 22 -8.51 4.36 2.21
C ILE A 22 -7.09 4.89 2.47
N TYR A 23 -6.87 5.33 3.70
CA TYR A 23 -5.58 5.85 4.15
C TYR A 23 -5.54 5.77 5.68
N PRO A 24 -4.34 5.67 6.27
CA PRO A 24 -4.27 5.51 7.72
C PRO A 24 -4.58 6.78 8.52
N GLU A 25 -4.82 6.61 9.82
CA GLU A 25 -4.95 7.69 10.80
C GLU A 25 -6.23 8.53 10.73
N GLY A 26 -6.75 8.73 9.52
CA GLY A 26 -7.94 9.54 9.35
C GLY A 26 -9.23 8.84 9.73
N LYS A 27 -10.32 9.59 9.74
CA LYS A 27 -11.64 9.01 9.92
C LYS A 27 -12.16 8.61 8.55
N LEU A 28 -12.15 7.31 8.25
CA LEU A 28 -12.73 6.83 7.00
C LEU A 28 -14.24 6.65 7.20
N ARG A 29 -15.02 7.60 6.71
CA ARG A 29 -16.48 7.55 6.84
C ARG A 29 -17.07 6.42 6.02
N CYS A 30 -17.74 5.49 6.71
CA CYS A 30 -18.28 4.30 6.05
C CYS A 30 -19.80 4.28 6.12
N THR A 31 -20.43 3.66 5.11
CA THR A 31 -21.88 3.59 5.07
C THR A 31 -22.39 2.49 6.00
N ALA A 32 -23.68 2.55 6.31
CA ALA A 32 -24.30 1.59 7.21
C ALA A 32 -24.14 0.19 6.65
N PRO A 33 -23.61 -0.73 7.47
CA PRO A 33 -23.20 -2.06 7.01
C PRO A 33 -24.34 -2.98 6.59
N VAL A 34 -24.15 -3.67 5.48
CA VAL A 34 -25.06 -4.72 5.03
C VAL A 34 -24.56 -6.05 5.60
N PHE A 35 -25.47 -6.96 5.90
CA PHE A 35 -25.09 -8.23 6.53
C PHE A 35 -25.36 -9.43 5.63
N GLU A 36 -24.59 -10.49 5.83
CA GLU A 36 -24.81 -11.76 5.12
C GLU A 36 -24.14 -12.90 5.90
N PRO A 37 -24.56 -14.14 5.65
CA PRO A 37 -23.98 -15.27 6.39
C PRO A 37 -22.53 -15.55 6.01
N GLY A 38 -21.72 -15.93 6.99
CA GLY A 38 -20.30 -16.18 6.76
C GLY A 38 -19.84 -17.47 7.41
N GLY A 39 -18.71 -17.99 6.94
CA GLY A 39 -18.22 -19.28 7.39
C GLY A 39 -18.19 -20.27 6.24
N GLY A 40 -17.20 -21.16 6.24
CA GLY A 40 -16.93 -22.03 5.10
C GLY A 40 -18.06 -22.99 4.79
N GLY A 41 -18.48 -23.75 5.80
CA GLY A 41 -19.54 -24.73 5.63
C GLY A 41 -20.86 -24.08 5.32
N ILE A 42 -21.07 -22.89 5.88
CA ILE A 42 -22.30 -22.13 5.63
C ILE A 42 -22.36 -21.67 4.18
N ASN A 43 -21.24 -21.18 3.66
CA ASN A 43 -21.17 -20.75 2.27
C ASN A 43 -21.28 -21.91 1.29
N VAL A 44 -20.74 -23.07 1.66
CA VAL A 44 -20.93 -24.28 0.85
C VAL A 44 -22.42 -24.59 0.72
N ALA A 45 -23.14 -24.54 1.85
CA ALA A 45 -24.57 -24.80 1.86
C ALA A 45 -25.36 -23.77 1.04
N ARG A 46 -24.96 -22.50 1.14
CA ARG A 46 -25.58 -21.44 0.36
C ARG A 46 -25.38 -21.65 -1.16
N ALA A 47 -24.18 -22.04 -1.55
CA ALA A 47 -23.88 -22.26 -2.95
C ALA A 47 -24.66 -23.46 -3.48
N ILE A 48 -24.81 -24.49 -2.66
CA ILE A 48 -25.59 -25.69 -3.02
C ILE A 48 -27.05 -25.35 -3.31
N ALA A 49 -27.66 -24.54 -2.45
CA ALA A 49 -29.05 -24.09 -2.67
C ALA A 49 -29.19 -23.28 -3.97
N HIS A 50 -28.20 -22.45 -4.29
CA HIS A 50 -28.21 -21.69 -5.55
C HIS A 50 -28.17 -22.62 -6.76
N LEU A 51 -27.50 -23.75 -6.60
CA LEU A 51 -27.28 -24.68 -7.70
C LEU A 51 -28.40 -25.72 -7.82
N GLY A 52 -29.39 -25.62 -6.95
CA GLY A 52 -30.58 -26.45 -7.05
C GLY A 52 -30.61 -27.62 -6.07
N GLY A 53 -29.53 -27.81 -5.34
CA GLY A 53 -29.48 -28.87 -4.35
C GLY A 53 -30.05 -28.38 -3.03
N SER A 54 -29.85 -29.15 -1.98
CA SER A 54 -30.32 -28.78 -0.66
C SER A 54 -29.38 -29.31 0.41
N ALA A 55 -28.78 -28.41 1.17
CA ALA A 55 -27.84 -28.82 2.21
C ALA A 55 -28.17 -28.16 3.55
N THR A 56 -28.09 -28.94 4.61
CA THR A 56 -28.35 -28.42 5.96
C THR A 56 -27.05 -27.98 6.65
N ALA A 57 -26.98 -26.70 7.00
CA ALA A 57 -25.79 -26.14 7.63
C ALA A 57 -25.84 -26.29 9.15
N ILE A 58 -24.90 -27.07 9.68
CA ILE A 58 -24.74 -27.25 11.13
C ILE A 58 -23.67 -26.30 11.65
N PHE A 59 -23.99 -25.55 12.69
CA PHE A 59 -23.05 -24.59 13.28
C PHE A 59 -23.51 -24.07 14.64
N PRO A 60 -22.57 -23.55 15.44
CA PRO A 60 -22.96 -22.85 16.68
C PRO A 60 -23.44 -21.43 16.40
N ALA A 61 -24.37 -20.94 17.20
CA ALA A 61 -24.80 -19.56 17.14
C ALA A 61 -24.92 -18.99 18.54
N GLY A 62 -24.28 -17.85 18.78
CA GLY A 62 -24.30 -17.24 20.09
C GLY A 62 -24.79 -15.81 20.04
N GLY A 63 -25.62 -15.44 21.01
CA GLY A 63 -26.07 -14.07 21.18
C GLY A 63 -26.85 -13.49 20.00
N ALA A 64 -27.03 -12.17 20.04
CA ALA A 64 -27.80 -11.45 19.03
C ALA A 64 -27.19 -11.53 17.63
N THR A 65 -25.86 -11.64 17.56
CA THR A 65 -25.18 -11.80 16.27
C THR A 65 -25.45 -13.18 15.69
N GLY A 66 -25.63 -14.16 16.57
CA GLY A 66 -25.93 -15.50 16.15
C GLY A 66 -27.33 -15.56 15.57
N GLU A 67 -28.28 -14.93 16.26
CA GLU A 67 -29.66 -14.89 15.82
C GLU A 67 -29.77 -14.16 14.48
N HIS A 68 -28.96 -13.11 14.34
CA HIS A 68 -28.90 -12.33 13.12
C HIS A 68 -28.42 -13.22 11.96
N LEU A 69 -27.44 -14.06 12.25
CA LEU A 69 -26.91 -14.99 11.25
C LEU A 69 -27.98 -16.00 10.84
N VAL A 70 -28.62 -16.59 11.83
CA VAL A 70 -29.68 -17.58 11.60
C VAL A 70 -30.83 -16.99 10.79
N SER A 71 -31.21 -15.76 11.12
CA SER A 71 -32.28 -15.07 10.40
C SER A 71 -31.93 -14.86 8.93
N LEU A 72 -30.66 -14.53 8.67
CA LEU A 72 -30.22 -14.26 7.31
C LEU A 72 -30.28 -15.54 6.45
N LEU A 73 -29.93 -16.66 7.06
CA LEU A 73 -30.00 -17.94 6.36
C LEU A 73 -31.45 -18.31 6.04
N ALA A 74 -32.35 -18.07 6.99
CA ALA A 74 -33.77 -18.31 6.74
C ALA A 74 -34.30 -17.44 5.59
N ASP A 75 -33.84 -16.20 5.51
CA ASP A 75 -34.24 -15.29 4.43
C ASP A 75 -33.83 -15.81 3.06
N GLU A 76 -32.78 -16.64 3.03
CA GLU A 76 -32.29 -17.26 1.80
C GLU A 76 -32.82 -18.67 1.63
N ASN A 77 -33.61 -19.12 2.60
CA ASN A 77 -34.20 -20.46 2.56
C ASN A 77 -33.17 -21.60 2.59
N VAL A 78 -32.08 -21.41 3.33
CA VAL A 78 -31.12 -22.49 3.55
C VAL A 78 -31.41 -23.15 4.90
N PRO A 79 -31.64 -24.47 4.89
CA PRO A 79 -31.93 -25.16 6.16
C PRO A 79 -30.72 -25.11 7.09
N VAL A 80 -30.96 -25.04 8.39
CA VAL A 80 -29.88 -25.02 9.38
C VAL A 80 -30.19 -25.92 10.55
N ALA A 81 -29.12 -26.35 11.24
CA ALA A 81 -29.24 -27.05 12.50
C ALA A 81 -28.22 -26.45 13.45
N THR A 82 -28.68 -25.63 14.38
CA THR A 82 -27.78 -24.86 15.22
C THR A 82 -27.69 -25.37 16.65
N VAL A 83 -26.59 -25.00 17.31
CA VAL A 83 -26.42 -25.22 18.73
C VAL A 83 -26.23 -23.85 19.35
N GLU A 84 -26.90 -23.60 20.47
CA GLU A 84 -26.76 -22.31 21.14
C GLU A 84 -25.45 -22.29 21.91
N ALA A 85 -24.70 -21.21 21.76
CA ALA A 85 -23.43 -21.06 22.47
C ALA A 85 -23.41 -19.75 23.27
N LYS A 86 -22.58 -19.71 24.31
CA LYS A 86 -22.49 -18.55 25.19
C LYS A 86 -21.70 -17.42 24.53
N ASP A 87 -20.56 -17.75 23.95
CA ASP A 87 -19.75 -16.79 23.24
C ASP A 87 -20.46 -16.32 21.97
N TRP A 88 -20.61 -15.02 21.82
CA TRP A 88 -21.30 -14.45 20.67
C TRP A 88 -20.60 -14.75 19.35
N THR A 89 -21.40 -15.01 18.32
CA THR A 89 -20.89 -15.23 16.97
C THR A 89 -20.07 -14.01 16.53
N ARG A 90 -18.88 -14.27 15.98
CA ARG A 90 -17.99 -13.22 15.52
C ARG A 90 -18.58 -12.43 14.36
N GLN A 91 -18.03 -11.24 14.14
CA GLN A 91 -18.50 -10.37 13.08
C GLN A 91 -17.31 -9.88 12.24
N ASN A 92 -17.27 -10.28 10.97
CA ASN A 92 -16.21 -9.84 10.06
C ASN A 92 -16.60 -8.57 9.29
N LEU A 93 -15.61 -7.84 8.79
CA LEU A 93 -15.89 -6.60 8.06
C LEU A 93 -15.29 -6.61 6.65
N HIS A 94 -16.16 -6.39 5.66
CA HIS A 94 -15.75 -6.31 4.26
C HIS A 94 -15.87 -4.86 3.80
N VAL A 95 -14.76 -4.28 3.35
CA VAL A 95 -14.75 -2.86 2.99
C VAL A 95 -14.44 -2.64 1.51
N HIS A 96 -15.37 -1.99 0.80
CA HIS A 96 -15.18 -1.68 -0.62
C HIS A 96 -14.81 -0.21 -0.80
N VAL A 97 -13.62 0.05 -1.34
CA VAL A 97 -13.16 1.42 -1.56
C VAL A 97 -13.50 1.94 -2.95
N GLU A 98 -14.32 2.98 -3.01
CA GLU A 98 -14.83 3.49 -4.28
C GLU A 98 -13.79 4.10 -5.21
N ALA A 99 -12.83 4.84 -4.65
CA ALA A 99 -11.83 5.53 -5.46
C ALA A 99 -11.02 4.54 -6.30
N SER A 100 -10.80 3.34 -5.76
CA SER A 100 -9.98 2.34 -6.43
C SER A 100 -10.76 1.11 -6.90
N GLY A 101 -11.86 0.80 -6.22
CA GLY A 101 -12.64 -0.38 -6.55
C GLY A 101 -12.11 -1.63 -5.87
N GLU A 102 -11.14 -1.46 -4.98
CA GLU A 102 -10.54 -2.58 -4.26
C GLU A 102 -11.43 -2.96 -3.08
N GLN A 103 -11.23 -4.16 -2.55
CA GLN A 103 -12.00 -4.61 -1.40
C GLN A 103 -11.08 -5.16 -0.31
N TYR A 104 -11.45 -4.96 0.94
CA TYR A 104 -10.61 -5.36 2.07
C TYR A 104 -11.40 -6.22 3.05
N ARG A 105 -10.81 -7.33 3.45
CA ARG A 105 -11.53 -8.34 4.23
C ARG A 105 -10.88 -8.59 5.58
N PHE A 106 -11.44 -7.99 6.63
CA PHE A 106 -10.91 -8.14 7.98
C PHE A 106 -11.57 -9.32 8.70
N VAL A 107 -10.79 -10.37 8.90
CA VAL A 107 -11.29 -11.63 9.44
C VAL A 107 -10.93 -11.85 10.91
N MET A 108 -11.95 -11.79 11.76
CA MET A 108 -11.80 -11.99 13.21
C MET A 108 -11.71 -13.48 13.54
N PRO A 109 -11.21 -13.81 14.75
CA PRO A 109 -11.19 -15.22 15.15
C PRO A 109 -12.59 -15.75 15.39
N GLY A 110 -12.80 -17.05 15.22
CA GLY A 110 -14.09 -17.64 15.50
C GLY A 110 -14.43 -17.54 16.97
N ALA A 111 -15.72 -17.67 17.30
CA ALA A 111 -16.17 -17.60 18.68
C ALA A 111 -15.80 -18.87 19.42
N ALA A 112 -15.59 -18.75 20.74
CA ALA A 112 -15.19 -19.88 21.57
C ALA A 112 -16.29 -20.93 21.69
N LEU A 113 -15.88 -22.19 21.81
CA LEU A 113 -16.81 -23.29 22.09
C LEU A 113 -16.38 -24.06 23.34
N ASN A 114 -17.29 -24.20 24.30
CA ASN A 114 -16.99 -25.00 25.48
C ASN A 114 -17.25 -26.49 25.23
N GLU A 115 -17.03 -27.32 26.25
CA GLU A 115 -17.19 -28.77 26.11
C GLU A 115 -18.60 -29.14 25.69
N ASP A 116 -19.57 -28.70 26.49
CA ASP A 116 -20.97 -29.04 26.29
C ASP A 116 -21.48 -28.60 24.91
N GLU A 117 -21.04 -27.43 24.47
CA GLU A 117 -21.47 -26.89 23.19
C GLU A 117 -20.89 -27.70 22.02
N PHE A 118 -19.65 -28.16 22.18
CA PHE A 118 -19.05 -28.99 21.14
C PHE A 118 -19.68 -30.38 21.17
N ARG A 119 -20.00 -30.87 22.36
CA ARG A 119 -20.63 -32.18 22.49
C ARG A 119 -22.01 -32.20 21.83
N GLN A 120 -22.67 -31.05 21.84
CA GLN A 120 -23.95 -30.91 21.14
C GLN A 120 -23.76 -30.95 19.64
N LEU A 121 -22.74 -30.25 19.15
CA LEU A 121 -22.43 -30.21 17.72
C LEU A 121 -22.11 -31.62 17.22
N GLU A 122 -21.37 -32.37 18.02
CA GLU A 122 -21.02 -33.74 17.66
C GLU A 122 -22.26 -34.64 17.63
N GLU A 123 -23.18 -34.40 18.57
CA GLU A 123 -24.45 -35.13 18.59
C GLU A 123 -25.23 -34.89 17.31
N GLN A 124 -25.24 -33.64 16.86
CA GLN A 124 -25.94 -33.29 15.62
C GLN A 124 -25.34 -34.05 14.43
N VAL A 125 -24.02 -34.07 14.34
CA VAL A 125 -23.35 -34.76 13.25
C VAL A 125 -23.65 -36.25 13.26
N LEU A 126 -23.64 -36.85 14.45
CA LEU A 126 -23.88 -38.29 14.58
C LEU A 126 -25.35 -38.69 14.42
N GLU A 127 -26.21 -37.73 14.13
CA GLU A 127 -27.61 -38.03 13.82
C GLU A 127 -27.82 -38.07 12.32
N ILE A 128 -26.76 -37.82 11.57
CA ILE A 128 -26.78 -37.93 10.12
C ILE A 128 -26.83 -39.42 9.71
N GLU A 129 -27.71 -39.75 8.75
CA GLU A 129 -27.88 -41.12 8.31
C GLU A 129 -26.67 -41.63 7.50
N SER A 130 -26.48 -42.95 7.50
CA SER A 130 -25.38 -43.57 6.77
C SER A 130 -25.52 -43.37 5.26
N GLY A 131 -24.39 -43.11 4.60
CA GLY A 131 -24.40 -42.90 3.17
C GLY A 131 -24.59 -41.43 2.81
N ALA A 132 -24.91 -40.62 3.82
CA ALA A 132 -25.08 -39.18 3.59
C ALA A 132 -23.73 -38.46 3.64
N ILE A 133 -23.70 -37.28 3.05
CA ILE A 133 -22.48 -36.51 2.89
C ILE A 133 -22.38 -35.36 3.91
N LEU A 134 -21.20 -35.19 4.49
CA LEU A 134 -20.93 -34.09 5.40
C LEU A 134 -19.71 -33.32 4.94
N VAL A 135 -19.87 -32.03 4.68
CA VAL A 135 -18.75 -31.18 4.30
C VAL A 135 -18.29 -30.39 5.52
N ILE A 136 -17.04 -30.61 5.92
CA ILE A 136 -16.44 -29.85 7.00
C ILE A 136 -15.54 -28.78 6.42
N SER A 137 -15.87 -27.51 6.67
CA SER A 137 -15.16 -26.41 6.00
C SER A 137 -15.09 -25.16 6.86
N GLY A 138 -13.95 -24.49 6.81
CA GLY A 138 -13.72 -23.30 7.62
C GLY A 138 -12.62 -23.51 8.63
N SER A 139 -12.25 -22.44 9.34
CA SER A 139 -11.18 -22.51 10.31
C SER A 139 -11.62 -23.17 11.61
N LEU A 140 -10.70 -23.27 12.57
CA LEU A 140 -10.99 -23.83 13.88
C LEU A 140 -11.05 -22.71 14.92
N PRO A 141 -12.14 -22.67 15.69
CA PRO A 141 -12.24 -21.69 16.78
C PRO A 141 -11.28 -22.07 17.89
N PRO A 142 -10.83 -21.09 18.69
CA PRO A 142 -10.03 -21.42 19.86
C PRO A 142 -10.85 -22.24 20.84
N GLY A 143 -10.20 -23.19 21.51
CA GLY A 143 -10.89 -24.05 22.45
C GLY A 143 -11.12 -25.45 21.90
N VAL A 144 -11.07 -25.56 20.57
CA VAL A 144 -11.25 -26.85 19.92
C VAL A 144 -9.90 -27.45 19.53
N LYS A 145 -9.52 -28.53 20.19
CA LYS A 145 -8.27 -29.22 19.87
C LYS A 145 -8.43 -30.08 18.62
N LEU A 146 -7.35 -30.15 17.83
CA LEU A 146 -7.33 -30.96 16.61
C LEU A 146 -7.77 -32.39 16.87
N GLU A 147 -7.36 -32.92 18.01
CA GLU A 147 -7.71 -34.28 18.43
C GLU A 147 -9.23 -34.46 18.52
N LYS A 148 -9.93 -33.39 18.88
CA LYS A 148 -11.39 -33.43 18.96
C LYS A 148 -12.04 -33.38 17.59
N LEU A 149 -11.47 -32.60 16.68
CA LEU A 149 -11.97 -32.54 15.30
C LEU A 149 -11.82 -33.89 14.61
N THR A 150 -10.68 -34.54 14.83
CA THR A 150 -10.42 -35.84 14.22
C THR A 150 -11.26 -36.96 14.83
N GLN A 151 -11.51 -36.89 16.14
CA GLN A 151 -12.39 -37.84 16.80
C GLN A 151 -13.81 -37.72 16.26
N LEU A 152 -14.18 -36.50 15.88
CA LEU A 152 -15.49 -36.24 15.31
C LEU A 152 -15.60 -36.83 13.91
N ILE A 153 -14.58 -36.61 13.10
CA ILE A 153 -14.53 -37.18 11.76
C ILE A 153 -14.51 -38.71 11.80
N SER A 154 -13.70 -39.26 12.69
CA SER A 154 -13.58 -40.72 12.86
C SER A 154 -14.91 -41.36 13.22
N ALA A 155 -15.62 -40.79 14.18
CA ALA A 155 -16.91 -41.30 14.61
C ALA A 155 -17.89 -41.30 13.45
N ALA A 156 -17.87 -40.21 12.68
CA ALA A 156 -18.78 -40.04 11.56
C ALA A 156 -18.55 -41.11 10.49
N GLN A 157 -17.29 -41.40 10.21
CA GLN A 157 -16.94 -42.40 9.22
C GLN A 157 -17.32 -43.81 9.69
N LYS A 158 -17.34 -44.02 11.00
CA LYS A 158 -17.70 -45.33 11.56
C LYS A 158 -19.13 -45.71 11.21
N GLN A 159 -20.02 -44.73 11.17
CA GLN A 159 -21.40 -44.98 10.77
C GLN A 159 -21.63 -44.56 9.32
N GLY A 160 -20.58 -44.68 8.50
CA GLY A 160 -20.70 -44.53 7.06
C GLY A 160 -21.03 -43.14 6.54
N ILE A 161 -20.81 -42.11 7.35
CA ILE A 161 -20.99 -40.74 6.87
C ILE A 161 -19.80 -40.39 5.98
N ARG A 162 -20.10 -39.97 4.76
CA ARG A 162 -19.07 -39.68 3.78
C ARG A 162 -18.55 -38.25 3.96
N CYS A 163 -17.30 -38.15 4.39
CA CYS A 163 -16.76 -36.84 4.77
C CYS A 163 -15.98 -36.14 3.65
N ILE A 164 -16.27 -34.84 3.49
CA ILE A 164 -15.53 -33.98 2.59
C ILE A 164 -14.90 -32.86 3.42
N VAL A 165 -13.63 -32.57 3.17
CA VAL A 165 -12.90 -31.62 4.01
C VAL A 165 -12.29 -30.47 3.21
N ASP A 166 -12.56 -29.24 3.65
CA ASP A 166 -11.89 -28.07 3.10
C ASP A 166 -11.36 -27.20 4.23
N SER A 167 -10.06 -27.26 4.46
CA SER A 167 -9.43 -26.47 5.51
C SER A 167 -8.03 -26.04 5.12
N SER A 168 -7.24 -25.64 6.11
CA SER A 168 -5.84 -25.32 5.89
C SER A 168 -5.02 -25.65 7.13
N GLY A 169 -3.72 -25.79 6.96
CA GLY A 169 -2.80 -25.96 8.08
C GLY A 169 -2.94 -27.26 8.84
N GLU A 170 -2.81 -27.17 10.16
CA GLU A 170 -2.86 -28.34 11.04
C GLU A 170 -4.17 -29.09 10.94
N ALA A 171 -5.26 -28.34 10.78
CA ALA A 171 -6.59 -28.93 10.68
C ALA A 171 -6.73 -29.84 9.48
N LEU A 172 -6.36 -29.35 8.31
CA LEU A 172 -6.42 -30.13 7.09
C LEU A 172 -5.50 -31.35 7.18
N SER A 173 -4.32 -31.14 7.77
CA SER A 173 -3.31 -32.18 7.86
C SER A 173 -3.76 -33.31 8.78
N ALA A 174 -4.32 -32.93 9.93
CA ALA A 174 -4.82 -33.91 10.89
C ALA A 174 -6.00 -34.70 10.33
N ALA A 175 -6.88 -34.01 9.59
CA ALA A 175 -8.02 -34.67 8.95
C ALA A 175 -7.55 -35.75 7.98
N LEU A 176 -6.57 -35.43 7.15
CA LEU A 176 -6.04 -36.38 6.20
C LEU A 176 -5.26 -37.51 6.89
N ALA A 177 -4.81 -37.25 8.11
CA ALA A 177 -4.08 -38.25 8.87
C ALA A 177 -5.00 -39.40 9.31
N ILE A 178 -6.30 -39.11 9.37
CA ILE A 178 -7.30 -40.14 9.68
C ILE A 178 -7.54 -41.04 8.47
N GLY A 179 -7.60 -40.43 7.30
CA GLY A 179 -7.74 -41.18 6.06
C GLY A 179 -9.17 -41.37 5.61
N ASN A 180 -9.33 -41.95 4.42
CA ASN A 180 -10.64 -42.27 3.85
C ASN A 180 -11.57 -41.07 3.67
N ILE A 181 -10.97 -39.90 3.49
CA ILE A 181 -11.77 -38.71 3.17
C ILE A 181 -12.26 -38.88 1.74
N GLU A 182 -13.51 -38.53 1.49
CA GLU A 182 -14.11 -38.68 0.16
C GLU A 182 -13.52 -37.68 -0.84
N LEU A 183 -13.16 -36.49 -0.36
CA LEU A 183 -12.71 -35.41 -1.23
C LEU A 183 -12.07 -34.29 -0.42
N VAL A 184 -10.92 -33.80 -0.88
CA VAL A 184 -10.32 -32.60 -0.34
C VAL A 184 -10.03 -31.61 -1.46
N LYS A 185 -10.18 -30.32 -1.16
CA LYS A 185 -9.86 -29.28 -2.16
C LYS A 185 -8.83 -28.31 -1.62
N PRO A 186 -7.55 -28.71 -1.66
CA PRO A 186 -6.53 -27.71 -1.29
C PRO A 186 -6.23 -26.83 -2.51
N ASN A 187 -5.94 -25.56 -2.29
CA ASN A 187 -5.37 -24.74 -3.37
C ASN A 187 -3.87 -25.02 -3.40
N GLN A 188 -3.15 -24.37 -4.31
CA GLN A 188 -1.71 -24.65 -4.43
C GLN A 188 -0.96 -24.49 -3.10
N LYS A 189 -1.21 -23.37 -2.42
CA LYS A 189 -0.53 -23.06 -1.18
C LYS A 189 -0.81 -24.12 -0.11
N GLU A 190 -2.05 -24.56 -0.03
CA GLU A 190 -2.45 -25.57 0.95
C GLU A 190 -1.88 -26.95 0.64
N LEU A 191 -1.73 -27.25 -0.65
CA LEU A 191 -1.13 -28.54 -1.04
C LEU A 191 0.34 -28.58 -0.64
N SER A 192 1.05 -27.49 -0.90
CA SER A 192 2.46 -27.37 -0.57
C SER A 192 2.73 -27.59 0.92
N ALA A 193 1.89 -27.02 1.77
CA ALA A 193 2.08 -27.18 3.22
C ALA A 193 1.79 -28.61 3.67
N LEU A 194 0.79 -29.24 3.04
CA LEU A 194 0.44 -30.63 3.32
C LEU A 194 1.63 -31.55 3.11
N VAL A 195 2.17 -31.51 1.91
CA VAL A 195 3.28 -32.36 1.50
C VAL A 195 4.58 -31.85 2.13
N ASN A 196 4.55 -30.60 2.57
CA ASN A 196 5.67 -29.96 3.25
C ASN A 196 6.87 -29.79 2.32
N ARG A 197 6.62 -29.35 1.10
CA ARG A 197 7.68 -29.06 0.15
C ARG A 197 7.24 -28.16 -0.99
N GLU A 198 8.19 -27.39 -1.52
CA GLU A 198 7.93 -26.47 -2.62
C GLU A 198 7.57 -27.22 -3.88
N LEU A 199 6.45 -26.86 -4.49
CA LEU A 199 6.03 -27.48 -5.74
C LEU A 199 6.46 -26.59 -6.91
N THR A 200 7.61 -26.91 -7.49
CA THR A 200 8.24 -26.03 -8.48
C THR A 200 8.30 -26.60 -9.90
N GLN A 201 8.25 -27.92 -10.02
CA GLN A 201 8.32 -28.57 -11.34
C GLN A 201 6.92 -28.75 -11.93
N PRO A 202 6.81 -28.71 -13.27
CA PRO A 202 5.53 -28.81 -13.98
C PRO A 202 4.58 -29.90 -13.45
N ASP A 203 5.10 -31.07 -13.11
CA ASP A 203 4.27 -32.19 -12.71
C ASP A 203 4.15 -32.34 -11.19
N ASP A 204 4.69 -31.38 -10.44
CA ASP A 204 4.75 -31.50 -8.97
C ASP A 204 3.38 -31.54 -8.29
N VAL A 205 2.45 -30.69 -8.76
CA VAL A 205 1.13 -30.64 -8.17
C VAL A 205 0.40 -31.97 -8.35
N ARG A 206 0.42 -32.51 -9.56
CA ARG A 206 -0.23 -33.79 -9.83
C ARG A 206 0.38 -34.93 -9.00
N LYS A 207 1.70 -34.97 -8.91
CA LYS A 207 2.39 -36.01 -8.14
C LYS A 207 2.03 -35.95 -6.65
N ALA A 208 2.03 -34.74 -6.10
CA ALA A 208 1.72 -34.54 -4.70
C ALA A 208 0.29 -34.95 -4.39
N ALA A 209 -0.64 -34.56 -5.27
CA ALA A 209 -2.04 -34.90 -5.12
C ALA A 209 -2.26 -36.41 -5.19
N GLN A 210 -1.67 -37.04 -6.20
CA GLN A 210 -1.72 -38.49 -6.35
C GLN A 210 -1.17 -39.21 -5.13
N GLU A 211 -0.12 -38.66 -4.53
CA GLU A 211 0.49 -39.21 -3.33
C GLU A 211 -0.51 -39.35 -2.20
N ILE A 212 -1.35 -38.32 -2.05
CA ILE A 212 -2.36 -38.30 -1.01
C ILE A 212 -3.39 -39.39 -1.28
N VAL A 213 -3.73 -39.59 -2.54
CA VAL A 213 -4.66 -40.65 -2.93
C VAL A 213 -4.08 -42.04 -2.71
N ASN A 214 -2.88 -42.27 -3.23
CA ASN A 214 -2.22 -43.58 -3.14
C ASN A 214 -1.98 -44.01 -1.69
N SER A 215 -1.77 -43.03 -0.82
CA SER A 215 -1.52 -43.32 0.59
C SER A 215 -2.81 -43.70 1.33
N GLY A 216 -3.95 -43.39 0.71
CA GLY A 216 -5.23 -43.71 1.29
C GLY A 216 -5.86 -42.58 2.09
N LYS A 217 -5.18 -41.44 2.17
CA LYS A 217 -5.66 -40.32 2.96
C LYS A 217 -6.98 -39.75 2.44
N ALA A 218 -7.14 -39.73 1.12
CA ALA A 218 -8.39 -39.31 0.51
C ALA A 218 -8.60 -40.00 -0.83
N LYS A 219 -9.86 -40.31 -1.15
CA LYS A 219 -10.20 -41.00 -2.40
C LYS A 219 -10.11 -40.04 -3.58
N ARG A 220 -10.35 -38.76 -3.32
CA ARG A 220 -10.30 -37.76 -4.38
C ARG A 220 -9.57 -36.52 -3.90
N VAL A 221 -8.67 -36.02 -4.73
CA VAL A 221 -8.00 -34.76 -4.46
C VAL A 221 -8.20 -33.85 -5.66
N VAL A 222 -8.86 -32.73 -5.43
CA VAL A 222 -8.97 -31.71 -6.46
C VAL A 222 -8.18 -30.50 -5.98
N VAL A 223 -7.05 -30.25 -6.63
CA VAL A 223 -6.28 -29.05 -6.32
C VAL A 223 -6.82 -27.89 -7.16
N SER A 224 -7.32 -26.85 -6.50
CA SER A 224 -7.82 -25.69 -7.23
C SER A 224 -6.66 -24.74 -7.52
N LEU A 225 -6.66 -24.19 -8.73
CA LEU A 225 -5.49 -23.46 -9.22
C LEU A 225 -5.81 -22.03 -9.64
N GLY A 226 -6.68 -21.35 -8.88
CA GLY A 226 -7.07 -19.98 -9.20
C GLY A 226 -7.56 -19.84 -10.63
N PRO A 227 -7.03 -18.86 -11.38
CA PRO A 227 -7.45 -18.65 -12.78
C PRO A 227 -7.18 -19.86 -13.68
N GLN A 228 -6.29 -20.76 -13.26
CA GLN A 228 -5.95 -21.92 -14.08
C GLN A 228 -6.92 -23.09 -13.92
N GLY A 229 -7.96 -22.91 -13.10
CA GLY A 229 -8.97 -23.94 -12.92
C GLY A 229 -8.57 -24.95 -11.86
N ALA A 230 -8.52 -26.23 -12.24
CA ALA A 230 -8.25 -27.27 -11.27
C ALA A 230 -7.70 -28.56 -11.89
N LEU A 231 -7.01 -29.33 -11.06
CA LEU A 231 -6.53 -30.65 -11.44
C LEU A 231 -7.04 -31.64 -10.40
N GLY A 232 -7.87 -32.58 -10.83
CA GLY A 232 -8.41 -33.58 -9.92
C GLY A 232 -7.86 -34.96 -10.21
N VAL A 233 -7.58 -35.73 -9.17
CA VAL A 233 -7.14 -37.11 -9.31
C VAL A 233 -7.86 -38.06 -8.38
N ASP A 234 -8.11 -39.28 -8.86
CA ASP A 234 -8.53 -40.38 -8.00
C ASP A 234 -7.55 -41.55 -8.16
N SER A 235 -8.00 -42.76 -7.85
CA SER A 235 -7.13 -43.93 -7.94
C SER A 235 -6.85 -44.32 -9.38
N GLU A 236 -7.78 -44.00 -10.27
CA GLU A 236 -7.67 -44.42 -11.67
C GLU A 236 -7.28 -43.29 -12.63
N ASN A 237 -7.85 -42.10 -12.42
CA ASN A 237 -7.77 -41.05 -13.43
C ASN A 237 -7.30 -39.67 -12.97
N CYS A 238 -6.83 -38.88 -13.94
CA CYS A 238 -6.49 -37.48 -13.70
C CYS A 238 -7.16 -36.59 -14.73
N ILE A 239 -7.71 -35.47 -14.28
CA ILE A 239 -8.34 -34.52 -15.18
C ILE A 239 -7.99 -33.08 -14.82
N GLN A 240 -7.72 -32.28 -15.85
CA GLN A 240 -7.44 -30.87 -15.66
C GLN A 240 -8.47 -30.07 -16.41
N VAL A 241 -8.99 -29.03 -15.76
CA VAL A 241 -10.04 -28.21 -16.33
C VAL A 241 -9.70 -26.73 -16.17
N VAL A 242 -9.67 -26.00 -17.29
CA VAL A 242 -9.40 -24.57 -17.27
C VAL A 242 -10.73 -23.81 -17.48
N PRO A 243 -10.93 -22.70 -16.73
CA PRO A 243 -12.13 -21.87 -16.93
C PRO A 243 -12.07 -21.18 -18.29
N PRO A 244 -13.23 -20.75 -18.81
CA PRO A 244 -13.30 -20.02 -20.09
C PRO A 244 -12.67 -18.63 -19.97
N PRO A 245 -12.23 -18.03 -21.09
CA PRO A 245 -11.58 -16.72 -21.06
C PRO A 245 -12.56 -15.59 -20.82
N VAL A 246 -13.04 -15.44 -19.59
CA VAL A 246 -13.87 -14.30 -19.21
C VAL A 246 -13.27 -13.64 -17.96
N LYS A 247 -13.28 -12.31 -17.93
CA LYS A 247 -12.62 -11.60 -16.83
C LYS A 247 -13.32 -11.81 -15.49
N SER A 248 -12.51 -11.92 -14.43
CA SER A 248 -13.05 -12.07 -13.09
C SER A 248 -13.25 -10.69 -12.48
N GLN A 249 -14.32 -10.54 -11.72
CA GLN A 249 -14.65 -9.27 -11.11
C GLN A 249 -14.18 -9.30 -9.66
N SER A 250 -14.42 -10.43 -9.02
CA SER A 250 -14.07 -10.61 -7.61
C SER A 250 -14.00 -12.09 -7.28
N THR A 251 -12.84 -12.56 -6.83
CA THR A 251 -12.62 -13.99 -6.61
C THR A 251 -13.06 -14.50 -5.24
N VAL A 252 -13.63 -13.65 -4.39
CA VAL A 252 -14.06 -14.15 -3.08
C VAL A 252 -15.35 -14.96 -3.23
N GLY A 253 -15.38 -16.11 -2.55
CA GLY A 253 -16.50 -17.03 -2.68
C GLY A 253 -16.23 -18.15 -3.66
N ALA A 254 -15.17 -18.00 -4.46
CA ALA A 254 -14.81 -19.00 -5.48
C ALA A 254 -14.52 -20.37 -4.87
N GLY A 255 -13.75 -20.38 -3.79
CA GLY A 255 -13.44 -21.62 -3.09
C GLY A 255 -14.66 -22.39 -2.62
N ASP A 256 -15.53 -21.73 -1.85
CA ASP A 256 -16.71 -22.37 -1.28
C ASP A 256 -17.76 -22.75 -2.34
N SER A 257 -17.81 -21.98 -3.43
CA SER A 257 -18.71 -22.29 -4.53
C SER A 257 -18.29 -23.56 -5.24
N MET A 258 -17.00 -23.70 -5.49
CA MET A 258 -16.46 -24.92 -6.09
C MET A 258 -16.79 -26.15 -5.24
N VAL A 259 -16.41 -26.10 -3.96
CA VAL A 259 -16.72 -27.19 -3.03
C VAL A 259 -18.22 -27.50 -2.97
N GLY A 260 -19.05 -26.45 -2.99
CA GLY A 260 -20.48 -26.63 -3.11
C GLY A 260 -20.86 -27.49 -4.30
N ALA A 261 -20.42 -27.09 -5.49
CA ALA A 261 -20.75 -27.79 -6.73
C ALA A 261 -20.21 -29.23 -6.75
N MET A 262 -18.97 -29.42 -6.29
CA MET A 262 -18.40 -30.77 -6.34
C MET A 262 -19.09 -31.69 -5.35
N THR A 263 -19.62 -31.13 -4.27
CA THR A 263 -20.38 -31.91 -3.29
C THR A 263 -21.70 -32.40 -3.90
N LEU A 264 -22.38 -31.51 -4.63
CA LEU A 264 -23.63 -31.84 -5.29
C LEU A 264 -23.43 -32.98 -6.29
N LYS A 265 -22.39 -32.88 -7.11
CA LYS A 265 -22.07 -33.91 -8.09
C LYS A 265 -21.71 -35.23 -7.43
N LEU A 266 -20.98 -35.17 -6.32
CA LEU A 266 -20.62 -36.38 -5.59
C LEU A 266 -21.88 -37.05 -5.06
N ALA A 267 -22.83 -36.25 -4.64
CA ALA A 267 -24.13 -36.73 -4.17
C ALA A 267 -24.95 -37.35 -5.30
N GLU A 268 -24.69 -36.94 -6.53
CA GLU A 268 -25.37 -37.48 -7.71
C GLU A 268 -24.58 -38.62 -8.33
N ASN A 269 -23.60 -39.14 -7.59
CA ASN A 269 -22.73 -40.20 -8.08
C ASN A 269 -22.06 -39.90 -9.42
N ALA A 270 -21.63 -38.65 -9.59
CA ALA A 270 -21.03 -38.21 -10.84
C ALA A 270 -19.64 -38.77 -11.09
N SER A 271 -19.20 -38.74 -12.33
CA SER A 271 -17.85 -39.14 -12.68
C SER A 271 -16.88 -38.09 -12.16
N LEU A 272 -15.60 -38.44 -12.07
CA LEU A 272 -14.57 -37.48 -11.69
C LEU A 272 -14.58 -36.28 -12.64
N GLU A 273 -14.68 -36.57 -13.94
CA GLU A 273 -14.72 -35.52 -14.96
C GLU A 273 -15.86 -34.52 -14.78
N GLU A 274 -17.05 -35.03 -14.49
CA GLU A 274 -18.22 -34.18 -14.29
C GLU A 274 -18.05 -33.33 -13.05
N MET A 275 -17.49 -33.93 -12.01
CA MET A 275 -17.33 -33.26 -10.72
C MET A 275 -16.36 -32.08 -10.81
N VAL A 276 -15.24 -32.29 -11.48
CA VAL A 276 -14.23 -31.25 -11.60
C VAL A 276 -14.71 -30.11 -12.50
N ARG A 277 -15.35 -30.47 -13.61
CA ARG A 277 -15.89 -29.49 -14.56
C ARG A 277 -16.92 -28.58 -13.90
N PHE A 278 -17.78 -29.18 -13.08
CA PHE A 278 -18.84 -28.44 -12.40
C PHE A 278 -18.26 -27.56 -11.29
N GLY A 279 -17.21 -28.05 -10.64
CA GLY A 279 -16.57 -27.31 -9.57
C GLY A 279 -15.93 -26.03 -10.11
N VAL A 280 -15.25 -26.18 -11.24
CA VAL A 280 -14.62 -25.05 -11.93
C VAL A 280 -15.70 -24.12 -12.45
N ALA A 281 -16.78 -24.70 -12.96
CA ALA A 281 -17.91 -23.90 -13.42
C ALA A 281 -18.45 -23.00 -12.32
N ALA A 282 -18.71 -23.57 -11.14
CA ALA A 282 -19.24 -22.82 -10.00
C ALA A 282 -18.23 -21.84 -9.43
N GLY A 283 -17.01 -22.32 -9.22
CA GLY A 283 -15.95 -21.47 -8.71
C GLY A 283 -15.74 -20.26 -9.60
N SER A 284 -15.63 -20.51 -10.89
CA SER A 284 -15.42 -19.43 -11.86
C SER A 284 -16.64 -18.53 -12.05
N ALA A 285 -17.84 -19.09 -11.89
CA ALA A 285 -19.07 -18.29 -11.94
C ALA A 285 -19.10 -17.28 -10.79
N ALA A 286 -18.66 -17.70 -9.62
CA ALA A 286 -18.57 -16.79 -8.48
C ALA A 286 -17.73 -15.55 -8.80
N THR A 287 -16.65 -15.76 -9.56
CA THR A 287 -15.73 -14.67 -9.87
C THR A 287 -16.33 -13.62 -10.81
N LEU A 288 -17.45 -13.96 -11.47
CA LEU A 288 -18.12 -13.03 -12.37
C LEU A 288 -18.89 -11.98 -11.59
N ASN A 289 -19.18 -12.26 -10.32
CA ASN A 289 -19.94 -11.35 -9.49
C ASN A 289 -19.02 -10.40 -8.73
N GLN A 290 -19.53 -9.21 -8.41
CA GLN A 290 -18.79 -8.27 -7.57
C GLN A 290 -18.89 -8.70 -6.12
N GLY A 291 -17.91 -8.29 -5.33
CA GLY A 291 -17.96 -8.51 -3.89
C GLY A 291 -17.84 -9.94 -3.47
N THR A 292 -18.70 -10.34 -2.55
CA THR A 292 -18.65 -11.66 -1.92
C THR A 292 -19.71 -12.61 -2.47
N ARG A 293 -20.42 -12.19 -3.51
CA ARG A 293 -21.53 -12.98 -4.04
C ARG A 293 -21.07 -14.33 -4.58
N LEU A 294 -21.77 -15.38 -4.18
CA LEU A 294 -21.43 -16.74 -4.59
C LEU A 294 -21.86 -17.04 -6.02
N CYS A 295 -21.64 -18.28 -6.45
CA CYS A 295 -22.06 -18.73 -7.78
C CYS A 295 -23.58 -18.72 -7.93
N SER A 296 -24.06 -18.28 -9.07
CA SER A 296 -25.47 -18.34 -9.40
C SER A 296 -25.70 -19.56 -10.27
N HIS A 297 -26.95 -20.03 -10.33
CA HIS A 297 -27.30 -21.20 -11.12
C HIS A 297 -27.06 -21.00 -12.62
N ASP A 298 -27.52 -19.88 -13.15
CA ASP A 298 -27.45 -19.67 -14.61
C ASP A 298 -26.02 -19.50 -15.12
N ASP A 299 -25.19 -18.81 -14.35
CA ASP A 299 -23.79 -18.62 -14.73
C ASP A 299 -23.05 -19.94 -14.70
N THR A 300 -23.29 -20.72 -13.65
CA THR A 300 -22.63 -22.01 -13.49
C THR A 300 -23.00 -22.94 -14.63
N GLN A 301 -24.29 -23.00 -14.94
CA GLN A 301 -24.80 -23.84 -16.01
C GLN A 301 -24.24 -23.45 -17.38
N LYS A 302 -24.13 -22.15 -17.61
CA LYS A 302 -23.55 -21.63 -18.86
C LYS A 302 -22.09 -22.06 -19.02
N ILE A 303 -21.32 -21.93 -17.96
CA ILE A 303 -19.91 -22.34 -18.01
C ILE A 303 -19.79 -23.86 -18.11
N TYR A 304 -20.61 -24.58 -17.34
CA TYR A 304 -20.59 -26.04 -17.35
C TYR A 304 -20.94 -26.61 -18.73
N ALA A 305 -21.98 -26.04 -19.35
CA ALA A 305 -22.38 -26.42 -20.70
C ALA A 305 -21.23 -26.25 -21.66
N TYR A 306 -20.53 -25.12 -21.54
CA TYR A 306 -19.38 -24.84 -22.39
C TYR A 306 -18.29 -25.89 -22.21
N LEU A 307 -17.95 -26.17 -20.96
CA LEU A 307 -16.92 -27.15 -20.61
C LEU A 307 -17.28 -28.57 -21.05
N SER A 308 -18.58 -28.86 -21.08
CA SER A 308 -19.07 -30.22 -21.32
C SER A 308 -19.43 -30.47 -22.78
N ARG A 309 -19.22 -29.48 -23.64
CA ARG A 309 -19.55 -29.60 -25.06
C ARG A 309 -18.95 -30.85 -25.71
N MET B 1 15.73 -22.65 -43.11
CA MET B 1 14.91 -21.75 -42.31
C MET B 1 15.17 -20.30 -42.69
N VAL B 2 14.10 -19.56 -42.97
CA VAL B 2 14.22 -18.16 -43.34
C VAL B 2 14.80 -17.32 -42.20
N ARG B 3 15.42 -16.20 -42.55
CA ARG B 3 15.99 -15.31 -41.56
C ARG B 3 14.90 -14.53 -40.83
N ILE B 4 15.20 -14.14 -39.59
CA ILE B 4 14.25 -13.42 -38.75
C ILE B 4 14.81 -12.07 -38.32
N TYR B 5 13.99 -11.02 -38.40
CA TYR B 5 14.35 -9.70 -37.92
C TYR B 5 13.26 -9.15 -37.00
N THR B 6 13.63 -8.25 -36.09
CA THR B 6 12.64 -7.53 -35.32
C THR B 6 12.85 -6.03 -35.46
N LEU B 7 11.80 -5.26 -35.19
CA LEU B 7 11.85 -3.81 -35.27
C LEU B 7 11.26 -3.20 -34.00
N THR B 8 12.08 -2.45 -33.27
CA THR B 8 11.62 -1.78 -32.07
C THR B 8 11.80 -0.28 -32.21
N LEU B 9 10.71 0.42 -32.53
CA LEU B 9 10.76 1.86 -32.72
C LEU B 9 11.01 2.59 -31.40
N ALA B 10 10.56 2.00 -30.29
CA ALA B 10 10.76 2.61 -28.98
C ALA B 10 11.49 1.67 -28.01
N PRO B 11 12.81 1.53 -28.19
CA PRO B 11 13.60 0.62 -27.36
C PRO B 11 13.65 1.08 -25.91
N SER B 12 14.25 0.27 -25.04
CA SER B 12 14.36 0.62 -23.64
C SER B 12 15.56 -0.02 -22.98
N LEU B 13 16.25 0.73 -22.14
CA LEU B 13 17.22 0.15 -21.22
C LEU B 13 16.48 -0.09 -19.92
N ASP B 14 16.15 -1.35 -19.64
CA ASP B 14 15.42 -1.67 -18.43
C ASP B 14 16.36 -1.69 -17.23
N SER B 15 15.87 -1.23 -16.10
CA SER B 15 16.61 -1.31 -14.85
C SER B 15 15.69 -1.94 -13.81
N ALA B 16 16.23 -2.85 -13.02
CA ALA B 16 15.44 -3.55 -12.03
C ALA B 16 16.07 -3.41 -10.66
N THR B 17 15.25 -3.08 -9.66
CA THR B 17 15.75 -2.96 -8.30
C THR B 17 14.79 -3.61 -7.31
N ILE B 18 15.18 -3.60 -6.04
CA ILE B 18 14.45 -4.29 -4.99
C ILE B 18 14.39 -3.42 -3.73
N THR B 19 13.20 -3.27 -3.16
CA THR B 19 13.02 -2.56 -1.91
C THR B 19 12.06 -3.34 -0.99
N PRO B 20 12.30 -3.29 0.33
CA PRO B 20 11.52 -4.06 1.33
C PRO B 20 10.02 -3.80 1.32
N GLN B 21 9.65 -2.52 1.39
CA GLN B 21 8.25 -2.13 1.40
C GLN B 21 8.07 -0.91 0.49
N ILE B 22 6.83 -0.64 0.08
CA ILE B 22 6.55 0.55 -0.69
C ILE B 22 5.55 1.47 0.02
N TYR B 23 5.97 2.71 0.28
CA TYR B 23 5.10 3.69 0.91
C TYR B 23 5.49 5.09 0.43
N PRO B 24 4.56 6.06 0.53
CA PRO B 24 4.85 7.41 0.07
C PRO B 24 5.77 8.16 1.01
N GLU B 25 6.30 9.29 0.52
CA GLU B 25 6.96 10.32 1.34
C GLU B 25 8.40 10.02 1.75
N GLY B 26 8.63 8.86 2.33
CA GLY B 26 9.97 8.52 2.79
C GLY B 26 10.90 8.06 1.70
N LYS B 27 12.20 8.14 1.97
CA LYS B 27 13.21 7.53 1.11
C LYS B 27 13.07 6.03 1.17
N LEU B 28 12.89 5.40 0.00
CA LEU B 28 12.80 3.96 -0.07
C LEU B 28 14.16 3.38 -0.47
N ARG B 29 14.79 2.69 0.46
CA ARG B 29 16.12 2.10 0.22
C ARG B 29 16.02 0.97 -0.80
N CYS B 30 16.72 1.14 -1.91
CA CYS B 30 16.70 0.15 -2.98
C CYS B 30 18.10 -0.42 -3.19
N THR B 31 18.16 -1.65 -3.71
CA THR B 31 19.43 -2.28 -4.03
C THR B 31 19.96 -1.71 -5.34
N ALA B 32 21.25 -1.90 -5.59
CA ALA B 32 21.87 -1.48 -6.84
C ALA B 32 21.15 -2.11 -8.04
N PRO B 33 20.79 -1.29 -9.03
CA PRO B 33 19.97 -1.72 -10.17
C PRO B 33 20.72 -2.68 -11.08
N VAL B 34 19.98 -3.58 -11.73
CA VAL B 34 20.53 -4.46 -12.74
C VAL B 34 19.97 -4.05 -14.10
N PHE B 35 20.83 -3.91 -15.08
CA PHE B 35 20.42 -3.40 -16.39
C PHE B 35 20.32 -4.51 -17.42
N GLU B 36 19.30 -4.43 -18.27
CA GLU B 36 19.13 -5.37 -19.36
C GLU B 36 18.41 -4.70 -20.52
N PRO B 37 18.58 -5.23 -21.74
CA PRO B 37 17.92 -4.65 -22.91
C PRO B 37 16.40 -4.82 -22.80
N GLY B 38 15.65 -3.82 -23.25
CA GLY B 38 14.20 -3.89 -23.22
C GLY B 38 13.56 -3.32 -24.46
N GLY B 39 12.23 -3.34 -24.51
CA GLY B 39 11.52 -2.96 -25.72
C GLY B 39 11.03 -4.19 -26.45
N GLY B 40 9.84 -4.09 -27.05
CA GLY B 40 9.15 -5.23 -27.62
C GLY B 40 9.94 -6.13 -28.55
N GLY B 41 10.34 -5.59 -29.70
CA GLY B 41 11.03 -6.38 -30.71
C GLY B 41 12.41 -6.78 -30.26
N ILE B 42 12.95 -6.03 -29.32
CA ILE B 42 14.25 -6.34 -28.76
C ILE B 42 14.16 -7.59 -27.90
N ASN B 43 13.16 -7.62 -27.02
CA ASN B 43 12.94 -8.81 -26.20
C ASN B 43 12.62 -10.05 -27.03
N VAL B 44 11.90 -9.85 -28.14
CA VAL B 44 11.60 -10.94 -29.07
C VAL B 44 12.89 -11.54 -29.60
N ALA B 45 13.80 -10.70 -30.05
CA ALA B 45 15.09 -11.17 -30.57
C ALA B 45 15.94 -11.86 -29.49
N ARG B 46 15.93 -11.30 -28.29
CA ARG B 46 16.64 -11.88 -27.15
C ARG B 46 16.11 -13.27 -26.80
N ALA B 47 14.78 -13.40 -26.75
CA ALA B 47 14.15 -14.68 -26.46
C ALA B 47 14.54 -15.71 -27.51
N ILE B 48 14.53 -15.30 -28.77
CA ILE B 48 14.93 -16.16 -29.87
C ILE B 48 16.37 -16.67 -29.69
N ALA B 49 17.27 -15.75 -29.33
CA ALA B 49 18.67 -16.09 -29.09
C ALA B 49 18.83 -17.06 -27.91
N HIS B 50 18.03 -16.87 -26.87
CA HIS B 50 18.03 -17.77 -25.72
C HIS B 50 17.62 -19.18 -26.11
N LEU B 51 16.70 -19.26 -27.07
CA LEU B 51 16.11 -20.53 -27.47
C LEU B 51 16.92 -21.25 -28.54
N GLY B 52 18.01 -20.63 -28.97
CA GLY B 52 18.93 -21.28 -29.88
C GLY B 52 18.74 -20.89 -31.34
N GLY B 53 17.86 -19.93 -31.59
CA GLY B 53 17.67 -19.42 -32.93
C GLY B 53 18.49 -18.16 -33.12
N SER B 54 18.29 -17.48 -34.24
CA SER B 54 18.98 -16.21 -34.47
C SER B 54 18.07 -15.19 -35.16
N ALA B 55 17.91 -14.04 -34.51
CA ALA B 55 17.12 -12.94 -35.06
C ALA B 55 17.89 -11.63 -34.92
N THR B 56 17.83 -10.80 -35.95
CA THR B 56 18.53 -9.51 -35.94
C THR B 56 17.61 -8.37 -35.50
N ALA B 57 17.98 -7.70 -34.41
CA ALA B 57 17.17 -6.60 -33.87
C ALA B 57 17.47 -5.24 -34.53
N ILE B 58 16.48 -4.67 -35.19
CA ILE B 58 16.61 -3.34 -35.76
C ILE B 58 15.98 -2.31 -34.82
N PHE B 59 16.72 -1.26 -34.47
CA PHE B 59 16.21 -0.24 -33.57
C PHE B 59 17.06 1.03 -33.61
N PRO B 60 16.47 2.17 -33.22
CA PRO B 60 17.29 3.37 -33.05
C PRO B 60 17.95 3.35 -31.68
N ALA B 61 19.13 3.97 -31.56
CA ALA B 61 19.81 4.05 -30.28
C ALA B 61 20.40 5.44 -30.07
N GLY B 62 20.28 5.96 -28.85
CA GLY B 62 20.73 7.30 -28.56
C GLY B 62 21.43 7.45 -27.23
N GLY B 63 22.50 8.22 -27.23
CA GLY B 63 23.20 8.55 -25.99
C GLY B 63 23.84 7.36 -25.29
N ALA B 64 24.26 7.59 -24.07
CA ALA B 64 24.92 6.58 -23.26
C ALA B 64 24.01 5.40 -22.95
N THR B 65 22.72 5.65 -22.78
CA THR B 65 21.77 4.58 -22.57
C THR B 65 21.68 3.71 -23.81
N GLY B 66 21.77 4.33 -24.98
CA GLY B 66 21.76 3.60 -26.24
C GLY B 66 22.98 2.72 -26.36
N GLU B 67 24.13 3.25 -25.92
CA GLU B 67 25.36 2.48 -25.92
C GLU B 67 25.31 1.28 -24.96
N HIS B 68 24.67 1.49 -23.81
CA HIS B 68 24.51 0.44 -22.81
C HIS B 68 23.62 -0.68 -23.36
N LEU B 69 22.59 -0.29 -24.12
CA LEU B 69 21.64 -1.23 -24.71
C LEU B 69 22.35 -2.14 -25.69
N VAL B 70 23.09 -1.53 -26.62
CA VAL B 70 23.85 -2.23 -27.64
C VAL B 70 24.86 -3.20 -27.03
N SER B 71 25.61 -2.72 -26.05
CA SER B 71 26.62 -3.53 -25.37
C SER B 71 26.01 -4.76 -24.70
N LEU B 72 24.91 -4.56 -23.98
CA LEU B 72 24.21 -5.64 -23.32
C LEU B 72 23.70 -6.70 -24.32
N LEU B 73 23.37 -6.25 -25.52
CA LEU B 73 22.86 -7.16 -26.55
C LEU B 73 23.97 -8.02 -27.16
N ALA B 74 25.17 -7.48 -27.25
CA ALA B 74 26.33 -8.24 -27.71
C ALA B 74 26.65 -9.36 -26.71
N ASP B 75 26.59 -9.03 -25.42
CA ASP B 75 26.75 -10.02 -24.36
C ASP B 75 25.81 -11.21 -24.52
N GLU B 76 24.59 -10.95 -24.98
CA GLU B 76 23.60 -11.99 -25.17
C GLU B 76 23.61 -12.56 -26.58
N ASN B 77 24.62 -12.18 -27.35
CA ASN B 77 24.80 -12.67 -28.72
C ASN B 77 23.59 -12.41 -29.61
N VAL B 78 22.96 -11.25 -29.45
CA VAL B 78 21.87 -10.84 -30.34
C VAL B 78 22.42 -9.89 -31.40
N PRO B 79 22.38 -10.31 -32.67
CA PRO B 79 22.87 -9.42 -33.73
C PRO B 79 21.94 -8.22 -33.88
N VAL B 80 22.52 -7.04 -34.11
CA VAL B 80 21.72 -5.82 -34.18
C VAL B 80 22.01 -5.01 -35.44
N ALA B 81 21.05 -4.21 -35.84
CA ALA B 81 21.23 -3.22 -36.91
C ALA B 81 20.67 -1.90 -36.42
N THR B 82 21.55 -1.03 -35.93
CA THR B 82 21.09 0.17 -35.24
C THR B 82 21.19 1.43 -36.06
N VAL B 83 20.37 2.41 -35.71
CA VAL B 83 20.42 3.74 -36.28
C VAL B 83 20.72 4.70 -35.12
N GLU B 84 21.68 5.59 -35.31
CA GLU B 84 21.98 6.59 -34.29
C GLU B 84 20.86 7.62 -34.23
N ALA B 85 20.35 7.85 -33.04
CA ALA B 85 19.31 8.85 -32.81
C ALA B 85 19.87 9.96 -31.95
N LYS B 86 19.29 11.16 -32.07
CA LYS B 86 19.74 12.28 -31.28
C LYS B 86 19.18 12.21 -29.86
N ASP B 87 17.88 11.91 -29.75
CA ASP B 87 17.26 11.77 -28.44
C ASP B 87 17.71 10.47 -27.79
N TRP B 88 18.03 10.53 -26.50
CA TRP B 88 18.57 9.39 -25.77
C TRP B 88 17.55 8.29 -25.55
N THR B 89 17.99 7.05 -25.70
CA THR B 89 17.20 5.87 -25.39
C THR B 89 16.64 5.99 -23.96
N ARG B 90 15.36 5.69 -23.80
CA ARG B 90 14.70 5.82 -22.51
C ARG B 90 15.25 4.80 -21.51
N GLN B 91 14.91 5.01 -20.25
CA GLN B 91 15.36 4.10 -19.19
C GLN B 91 14.23 3.86 -18.20
N ASN B 92 13.62 2.68 -18.28
CA ASN B 92 12.50 2.34 -17.41
C ASN B 92 12.95 1.66 -16.13
N LEU B 93 12.26 1.93 -15.03
CA LEU B 93 12.63 1.37 -13.74
C LEU B 93 11.58 0.40 -13.22
N HIS B 94 12.01 -0.83 -12.94
CA HIS B 94 11.10 -1.85 -12.40
C HIS B 94 11.47 -2.14 -10.95
N VAL B 95 10.51 -1.96 -10.05
CA VAL B 95 10.75 -2.11 -8.62
C VAL B 95 9.99 -3.27 -8.01
N HIS B 96 10.74 -4.29 -7.57
CA HIS B 96 10.17 -5.43 -6.88
C HIS B 96 10.11 -5.15 -5.39
N VAL B 97 8.94 -5.37 -4.79
CA VAL B 97 8.75 -5.16 -3.36
C VAL B 97 8.75 -6.49 -2.62
N GLU B 98 9.64 -6.65 -1.65
CA GLU B 98 9.81 -7.92 -0.94
C GLU B 98 8.58 -8.41 -0.18
N ALA B 99 8.02 -7.57 0.67
CA ALA B 99 6.95 -7.98 1.58
C ALA B 99 5.66 -8.36 0.86
N SER B 100 5.51 -7.92 -0.38
CA SER B 100 4.28 -8.16 -1.13
C SER B 100 4.52 -9.10 -2.31
N GLY B 101 5.77 -9.19 -2.75
CA GLY B 101 6.12 -9.98 -3.92
C GLY B 101 5.73 -9.32 -5.21
N GLU B 102 5.20 -8.11 -5.12
CA GLU B 102 4.70 -7.40 -6.30
C GLU B 102 5.77 -6.53 -6.97
N GLN B 103 5.51 -6.15 -8.21
CA GLN B 103 6.43 -5.35 -8.98
C GLN B 103 5.77 -4.08 -9.51
N TYR B 104 6.47 -2.95 -9.40
CA TYR B 104 5.99 -1.68 -9.92
C TYR B 104 6.82 -1.25 -11.12
N ARG B 105 6.16 -0.80 -12.18
CA ARG B 105 6.83 -0.54 -13.43
C ARG B 105 6.64 0.90 -13.91
N PHE B 106 7.70 1.70 -13.81
CA PHE B 106 7.62 3.09 -14.22
C PHE B 106 8.20 3.27 -15.63
N VAL B 107 7.32 3.56 -16.58
CA VAL B 107 7.67 3.52 -18.00
C VAL B 107 7.73 4.91 -18.64
N MET B 108 8.95 5.35 -18.95
CA MET B 108 9.18 6.66 -19.55
C MET B 108 8.73 6.66 -21.01
N PRO B 109 8.53 7.84 -21.61
CA PRO B 109 8.11 7.85 -23.02
C PRO B 109 9.26 7.37 -23.89
N GLY B 110 8.94 6.73 -25.02
CA GLY B 110 9.96 6.32 -25.97
C GLY B 110 10.71 7.54 -26.49
N ALA B 111 11.96 7.34 -26.89
CA ALA B 111 12.78 8.44 -27.39
C ALA B 111 12.26 8.99 -28.70
N ALA B 112 12.41 10.30 -28.88
CA ALA B 112 11.95 10.97 -30.10
C ALA B 112 12.62 10.42 -31.35
N LEU B 113 11.88 10.43 -32.45
CA LEU B 113 12.40 10.01 -33.75
C LEU B 113 12.04 11.04 -34.82
N ASN B 114 13.05 11.73 -35.36
CA ASN B 114 12.77 12.66 -36.46
C ASN B 114 12.59 11.95 -37.80
N GLU B 115 12.30 12.74 -38.84
CA GLU B 115 12.06 12.21 -40.18
C GLU B 115 13.22 11.40 -40.73
N ASP B 116 14.43 11.91 -40.54
CA ASP B 116 15.62 11.32 -41.12
C ASP B 116 16.02 10.02 -40.42
N GLU B 117 15.81 9.99 -39.11
CA GLU B 117 16.11 8.79 -38.32
C GLU B 117 15.13 7.68 -38.62
N PHE B 118 13.87 8.03 -38.87
CA PHE B 118 12.88 7.02 -39.23
C PHE B 118 13.16 6.48 -40.64
N ARG B 119 13.62 7.36 -41.52
CA ARG B 119 13.95 6.96 -42.89
C ARG B 119 15.05 5.91 -42.88
N GLN B 120 16.04 6.09 -42.01
CA GLN B 120 17.13 5.13 -41.89
C GLN B 120 16.61 3.78 -41.42
N LEU B 121 15.69 3.80 -40.47
CA LEU B 121 15.08 2.56 -39.98
C LEU B 121 14.33 1.85 -41.10
N GLU B 122 13.60 2.62 -41.91
CA GLU B 122 12.87 2.05 -43.04
C GLU B 122 13.80 1.43 -44.09
N GLU B 123 14.91 2.10 -44.38
CA GLU B 123 15.86 1.60 -45.36
C GLU B 123 16.52 0.30 -44.87
N GLN B 124 16.76 0.23 -43.57
CA GLN B 124 17.28 -0.99 -42.93
C GLN B 124 16.28 -2.15 -43.03
N VAL B 125 15.00 -1.83 -42.89
CA VAL B 125 13.94 -2.84 -42.99
C VAL B 125 13.75 -3.33 -44.44
N LEU B 126 13.84 -2.42 -45.39
CA LEU B 126 13.61 -2.78 -46.80
C LEU B 126 14.84 -3.43 -47.44
N GLU B 127 15.88 -3.65 -46.64
CA GLU B 127 17.04 -4.43 -47.08
C GLU B 127 16.81 -5.91 -46.79
N ILE B 128 15.81 -6.19 -45.96
CA ILE B 128 15.40 -7.56 -45.66
C ILE B 128 14.90 -8.24 -46.94
N GLU B 129 15.36 -9.46 -47.18
CA GLU B 129 15.03 -10.17 -48.42
C GLU B 129 13.62 -10.74 -48.40
N SER B 130 13.11 -11.03 -49.60
CA SER B 130 11.80 -11.67 -49.74
C SER B 130 11.79 -13.04 -49.06
N GLY B 131 10.70 -13.34 -48.35
CA GLY B 131 10.56 -14.63 -47.69
C GLY B 131 10.94 -14.60 -46.22
N ALA B 132 11.74 -13.61 -45.83
CA ALA B 132 12.15 -13.48 -44.44
C ALA B 132 11.02 -12.99 -43.54
N ILE B 133 11.19 -13.18 -42.24
CA ILE B 133 10.19 -12.78 -41.27
C ILE B 133 10.60 -11.51 -40.51
N LEU B 134 9.67 -10.55 -40.41
CA LEU B 134 9.86 -9.34 -39.63
C LEU B 134 8.84 -9.26 -38.49
N VAL B 135 9.33 -9.06 -37.28
CA VAL B 135 8.45 -8.87 -36.13
C VAL B 135 8.45 -7.40 -35.70
N ILE B 136 7.30 -6.75 -35.79
CA ILE B 136 7.16 -5.38 -35.33
C ILE B 136 6.49 -5.37 -33.95
N SER B 137 7.25 -5.04 -32.91
CA SER B 137 6.75 -5.12 -31.55
C SER B 137 7.19 -3.98 -30.64
N GLY B 138 6.25 -3.46 -29.86
CA GLY B 138 6.53 -2.40 -28.92
C GLY B 138 5.72 -1.15 -29.22
N SER B 139 5.72 -0.20 -28.28
CA SER B 139 4.94 1.02 -28.44
C SER B 139 5.51 1.92 -29.52
N LEU B 140 4.72 2.91 -29.93
CA LEU B 140 5.15 3.87 -30.94
C LEU B 140 5.79 5.08 -30.24
N PRO B 141 6.94 5.54 -30.76
CA PRO B 141 7.61 6.72 -30.19
C PRO B 141 6.75 7.97 -30.42
N PRO B 142 6.79 8.93 -29.49
CA PRO B 142 6.10 10.20 -29.73
C PRO B 142 6.76 10.91 -30.91
N GLY B 143 5.94 11.36 -31.87
CA GLY B 143 6.46 12.03 -33.04
C GLY B 143 6.47 11.15 -34.27
N VAL B 144 5.95 9.93 -34.12
CA VAL B 144 5.81 9.01 -35.24
C VAL B 144 4.34 8.85 -35.58
N LYS B 145 3.94 9.32 -36.75
CA LYS B 145 2.57 9.15 -37.21
C LYS B 145 2.32 7.69 -37.61
N LEU B 146 1.10 7.21 -37.37
CA LEU B 146 0.74 5.84 -37.70
C LEU B 146 0.92 5.55 -39.18
N GLU B 147 0.57 6.53 -40.01
CA GLU B 147 0.64 6.38 -41.46
C GLU B 147 2.04 6.02 -41.94
N LYS B 148 3.06 6.41 -41.18
CA LYS B 148 4.43 6.05 -41.51
C LYS B 148 4.70 4.57 -41.26
N LEU B 149 4.34 4.10 -40.07
CA LEU B 149 4.51 2.70 -39.71
C LEU B 149 3.68 1.83 -40.63
N THR B 150 2.50 2.32 -40.97
CA THR B 150 1.59 1.61 -41.87
C THR B 150 2.20 1.49 -43.27
N GLN B 151 2.74 2.60 -43.79
CA GLN B 151 3.37 2.60 -45.10
C GLN B 151 4.56 1.64 -45.12
N LEU B 152 5.29 1.57 -44.00
CA LEU B 152 6.42 0.68 -43.88
C LEU B 152 6.00 -0.79 -44.01
N ILE B 153 4.87 -1.14 -43.41
CA ILE B 153 4.36 -2.50 -43.47
C ILE B 153 3.96 -2.87 -44.89
N SER B 154 3.20 -2.00 -45.54
CA SER B 154 2.77 -2.25 -46.92
C SER B 154 3.95 -2.38 -47.87
N ALA B 155 4.91 -1.46 -47.75
CA ALA B 155 6.12 -1.53 -48.57
C ALA B 155 6.84 -2.84 -48.32
N ALA B 156 6.90 -3.24 -47.04
CA ALA B 156 7.58 -4.47 -46.65
C ALA B 156 6.95 -5.69 -47.31
N GLN B 157 5.62 -5.74 -47.31
CA GLN B 157 4.88 -6.86 -47.88
C GLN B 157 4.96 -6.92 -49.40
N LYS B 158 5.10 -5.75 -50.03
CA LYS B 158 5.21 -5.69 -51.48
C LYS B 158 6.46 -6.40 -51.99
N GLN B 159 7.51 -6.41 -51.16
CA GLN B 159 8.74 -7.10 -51.54
C GLN B 159 8.94 -8.43 -50.82
N GLY B 160 7.83 -9.04 -50.40
CA GLY B 160 7.84 -10.42 -49.93
C GLY B 160 8.18 -10.66 -48.47
N ILE B 161 8.35 -9.60 -47.70
CA ILE B 161 8.68 -9.74 -46.28
C ILE B 161 7.44 -10.12 -45.48
N ARG B 162 7.56 -11.16 -44.66
CA ARG B 162 6.44 -11.69 -43.91
C ARG B 162 6.36 -11.05 -42.53
N CYS B 163 5.32 -10.24 -42.32
CA CYS B 163 5.25 -9.39 -41.13
C CYS B 163 4.41 -9.93 -39.97
N ILE B 164 4.98 -9.87 -38.78
CA ILE B 164 4.28 -10.26 -37.55
C ILE B 164 4.16 -9.03 -36.66
N VAL B 165 2.96 -8.74 -36.19
CA VAL B 165 2.72 -7.51 -35.42
C VAL B 165 2.24 -7.79 -34.00
N ASP B 166 2.93 -7.22 -33.02
CA ASP B 166 2.47 -7.24 -31.63
C ASP B 166 2.42 -5.82 -31.11
N SER B 167 1.23 -5.24 -31.12
CA SER B 167 1.03 -3.88 -30.63
C SER B 167 -0.34 -3.74 -30.00
N SER B 168 -0.72 -2.51 -29.67
CA SER B 168 -2.02 -2.25 -29.07
C SER B 168 -2.64 -0.97 -29.62
N GLY B 169 -3.94 -0.84 -29.40
CA GLY B 169 -4.66 0.36 -29.81
C GLY B 169 -4.70 0.57 -31.30
N GLU B 170 -4.42 1.80 -31.70
CA GLU B 170 -4.57 2.22 -33.09
C GLU B 170 -3.54 1.57 -34.02
N ALA B 171 -2.34 1.33 -33.51
CA ALA B 171 -1.29 0.72 -34.30
C ALA B 171 -1.69 -0.67 -34.76
N LEU B 172 -2.23 -1.46 -33.84
CA LEU B 172 -2.63 -2.83 -34.14
C LEU B 172 -3.80 -2.84 -35.13
N SER B 173 -4.76 -1.95 -34.91
CA SER B 173 -5.87 -1.78 -35.83
C SER B 173 -5.38 -1.39 -37.22
N ALA B 174 -4.52 -0.38 -37.27
CA ALA B 174 -3.97 0.09 -38.54
C ALA B 174 -3.18 -1.01 -39.26
N ALA B 175 -2.45 -1.82 -38.49
CA ALA B 175 -1.67 -2.91 -39.07
C ALA B 175 -2.59 -3.98 -39.66
N LEU B 176 -3.57 -4.42 -38.87
CA LEU B 176 -4.54 -5.41 -39.33
C LEU B 176 -5.34 -4.92 -40.52
N ALA B 177 -5.49 -3.60 -40.64
CA ALA B 177 -6.24 -3.01 -41.73
C ALA B 177 -5.55 -3.24 -43.07
N ILE B 178 -4.22 -3.21 -43.04
CA ILE B 178 -3.43 -3.49 -44.24
C ILE B 178 -3.63 -4.96 -44.62
N GLY B 179 -3.75 -5.82 -43.61
CA GLY B 179 -4.10 -7.22 -43.83
C GLY B 179 -2.91 -8.10 -44.15
N ASN B 180 -3.19 -9.39 -44.30
CA ASN B 180 -2.16 -10.39 -44.61
C ASN B 180 -1.03 -10.46 -43.58
N ILE B 181 -1.34 -10.09 -42.34
CA ILE B 181 -0.37 -10.21 -41.25
C ILE B 181 -0.19 -11.68 -40.90
N GLU B 182 1.06 -12.13 -40.82
CA GLU B 182 1.35 -13.53 -40.55
C GLU B 182 0.82 -13.98 -39.19
N LEU B 183 0.99 -13.12 -38.19
CA LEU B 183 0.55 -13.45 -36.84
C LEU B 183 0.39 -12.21 -35.96
N VAL B 184 -0.66 -12.20 -35.16
CA VAL B 184 -0.85 -11.17 -34.14
C VAL B 184 -1.08 -11.84 -32.79
N LYS B 185 -0.53 -11.26 -31.73
CA LYS B 185 -0.77 -11.76 -30.39
C LYS B 185 -1.40 -10.70 -29.48
N PRO B 186 -2.69 -10.44 -29.69
CA PRO B 186 -3.35 -9.51 -28.77
C PRO B 186 -3.63 -10.22 -27.45
N ASN B 187 -3.60 -9.49 -26.33
CA ASN B 187 -4.13 -10.04 -25.10
C ASN B 187 -5.63 -9.83 -25.09
N GLN B 188 -6.29 -10.10 -23.97
CA GLN B 188 -7.76 -10.07 -23.95
C GLN B 188 -8.33 -8.66 -24.15
N LYS B 189 -7.79 -7.68 -23.42
CA LYS B 189 -8.19 -6.30 -23.62
C LYS B 189 -7.89 -5.81 -25.03
N GLU B 190 -6.70 -6.13 -25.54
CA GLU B 190 -6.31 -5.73 -26.88
C GLU B 190 -7.27 -6.30 -27.94
N LEU B 191 -7.71 -7.53 -27.74
CA LEU B 191 -8.63 -8.19 -28.68
C LEU B 191 -10.01 -7.54 -28.64
N SER B 192 -10.46 -7.21 -27.44
CA SER B 192 -11.77 -6.61 -27.28
C SER B 192 -11.90 -5.25 -28.00
N ALA B 193 -10.83 -4.47 -27.99
CA ALA B 193 -10.84 -3.17 -28.66
C ALA B 193 -10.77 -3.31 -30.19
N LEU B 194 -10.10 -4.35 -30.66
CA LEU B 194 -10.03 -4.65 -32.09
C LEU B 194 -11.39 -4.94 -32.70
N VAL B 195 -12.15 -5.82 -32.06
CA VAL B 195 -13.48 -6.18 -32.54
C VAL B 195 -14.54 -5.20 -32.02
N ASN B 196 -14.12 -4.30 -31.15
CA ASN B 196 -14.97 -3.24 -30.61
C ASN B 196 -16.26 -3.76 -29.96
N ARG B 197 -16.11 -4.60 -28.94
CA ARG B 197 -17.22 -5.07 -28.15
C ARG B 197 -16.72 -5.83 -26.93
N GLU B 198 -17.59 -6.05 -25.96
CA GLU B 198 -17.22 -6.79 -24.76
C GLU B 198 -17.23 -8.30 -25.01
N LEU B 199 -16.23 -8.98 -24.46
CA LEU B 199 -16.13 -10.43 -24.57
C LEU B 199 -16.58 -11.07 -23.26
N THR B 200 -17.89 -11.24 -23.12
CA THR B 200 -18.50 -11.64 -21.85
C THR B 200 -18.88 -13.11 -21.79
N GLN B 201 -19.11 -13.71 -22.96
CA GLN B 201 -19.51 -15.11 -23.02
C GLN B 201 -18.29 -16.02 -23.17
N PRO B 202 -18.39 -17.28 -22.69
CA PRO B 202 -17.27 -18.23 -22.73
C PRO B 202 -16.61 -18.35 -24.11
N ASP B 203 -17.39 -18.28 -25.17
CA ASP B 203 -16.88 -18.52 -26.52
C ASP B 203 -16.49 -17.24 -27.27
N ASP B 204 -16.58 -16.11 -26.60
CA ASP B 204 -16.37 -14.80 -27.24
C ASP B 204 -14.94 -14.56 -27.73
N VAL B 205 -13.96 -14.92 -26.92
CA VAL B 205 -12.57 -14.75 -27.30
C VAL B 205 -12.23 -15.55 -28.57
N ARG B 206 -12.69 -16.81 -28.62
CA ARG B 206 -12.46 -17.66 -29.78
C ARG B 206 -13.14 -17.13 -31.04
N LYS B 207 -14.43 -16.81 -30.93
CA LYS B 207 -15.17 -16.22 -32.04
C LYS B 207 -14.49 -14.96 -32.56
N ALA B 208 -14.12 -14.07 -31.64
CA ALA B 208 -13.45 -12.83 -31.99
C ALA B 208 -12.15 -13.08 -32.75
N ALA B 209 -11.37 -14.05 -32.28
CA ALA B 209 -10.10 -14.38 -32.92
C ALA B 209 -10.34 -14.99 -34.30
N GLN B 210 -11.41 -15.75 -34.43
CA GLN B 210 -11.74 -16.42 -35.69
C GLN B 210 -12.23 -15.44 -36.74
N GLU B 211 -12.98 -14.42 -36.31
CA GLU B 211 -13.44 -13.37 -37.21
C GLU B 211 -12.30 -12.62 -37.88
N ILE B 212 -11.27 -12.31 -37.09
CA ILE B 212 -10.07 -11.66 -37.61
C ILE B 212 -9.35 -12.52 -38.64
N VAL B 213 -9.19 -13.81 -38.33
CA VAL B 213 -8.60 -14.75 -39.27
C VAL B 213 -9.43 -14.85 -40.56
N ASN B 214 -10.73 -15.05 -40.40
CA ASN B 214 -11.59 -15.27 -41.55
C ASN B 214 -11.66 -14.07 -42.50
N SER B 215 -11.50 -12.88 -41.94
CA SER B 215 -11.52 -11.66 -42.74
C SER B 215 -10.24 -11.51 -43.57
N GLY B 216 -9.21 -12.28 -43.23
CA GLY B 216 -7.94 -12.21 -43.94
C GLY B 216 -6.97 -11.16 -43.41
N LYS B 217 -7.38 -10.43 -42.37
CA LYS B 217 -6.51 -9.43 -41.74
C LYS B 217 -5.23 -10.06 -41.20
N ALA B 218 -5.38 -11.21 -40.55
CA ALA B 218 -4.25 -11.97 -40.05
C ALA B 218 -4.43 -13.44 -40.37
N LYS B 219 -3.33 -14.13 -40.66
CA LYS B 219 -3.41 -15.54 -41.01
C LYS B 219 -3.52 -16.40 -39.75
N ARG B 220 -3.06 -15.84 -38.64
CA ARG B 220 -3.08 -16.55 -37.35
C ARG B 220 -3.29 -15.53 -36.24
N VAL B 221 -4.20 -15.84 -35.33
CA VAL B 221 -4.42 -14.98 -34.16
C VAL B 221 -4.19 -15.80 -32.90
N VAL B 222 -3.27 -15.32 -32.05
CA VAL B 222 -3.03 -16.00 -30.79
C VAL B 222 -3.33 -15.04 -29.65
N VAL B 223 -4.43 -15.29 -28.96
CA VAL B 223 -4.84 -14.45 -27.85
C VAL B 223 -4.16 -14.96 -26.60
N SER B 224 -3.27 -14.14 -26.03
CA SER B 224 -2.58 -14.53 -24.81
C SER B 224 -3.45 -14.24 -23.60
N LEU B 225 -3.44 -15.14 -22.63
CA LEU B 225 -4.44 -15.11 -21.57
C LEU B 225 -3.79 -15.06 -20.19
N GLY B 226 -2.57 -14.52 -20.13
CA GLY B 226 -1.84 -14.49 -18.88
C GLY B 226 -1.68 -15.88 -18.30
N PRO B 227 -2.11 -16.06 -17.04
CA PRO B 227 -2.03 -17.35 -16.33
C PRO B 227 -2.77 -18.48 -17.05
N GLN B 228 -3.77 -18.15 -17.85
CA GLN B 228 -4.56 -19.18 -18.53
C GLN B 228 -3.93 -19.59 -19.86
N GLY B 229 -2.74 -19.08 -20.15
CA GLY B 229 -2.02 -19.50 -21.34
C GLY B 229 -2.44 -18.73 -22.57
N ALA B 230 -2.82 -19.43 -23.62
CA ALA B 230 -3.12 -18.78 -24.90
C ALA B 230 -4.12 -19.57 -25.72
N LEU B 231 -4.90 -18.86 -26.53
CA LEU B 231 -5.87 -19.49 -27.42
C LEU B 231 -5.52 -19.11 -28.85
N GLY B 232 -5.12 -20.11 -29.65
CA GLY B 232 -4.63 -19.84 -30.98
C GLY B 232 -5.54 -20.39 -32.05
N VAL B 233 -5.71 -19.63 -33.13
CA VAL B 233 -6.51 -20.07 -34.27
C VAL B 233 -5.84 -19.70 -35.58
N ASP B 234 -6.03 -20.55 -36.58
CA ASP B 234 -5.77 -20.17 -37.96
C ASP B 234 -7.03 -20.47 -38.76
N SER B 235 -6.89 -20.59 -40.07
CA SER B 235 -8.04 -20.84 -40.94
C SER B 235 -8.61 -22.24 -40.79
N GLU B 236 -7.91 -23.13 -40.08
CA GLU B 236 -8.32 -24.52 -40.01
C GLU B 236 -8.48 -25.05 -38.59
N ASN B 237 -7.51 -24.77 -37.72
CA ASN B 237 -7.49 -25.34 -36.38
C ASN B 237 -7.62 -24.31 -35.25
N CYS B 238 -7.77 -24.83 -34.04
CA CYS B 238 -7.99 -24.01 -32.86
C CYS B 238 -7.52 -24.77 -31.62
N ILE B 239 -6.75 -24.10 -30.76
CA ILE B 239 -6.23 -24.75 -29.57
C ILE B 239 -5.98 -23.75 -28.44
N GLN B 240 -6.36 -24.14 -27.22
CA GLN B 240 -5.93 -23.40 -26.04
C GLN B 240 -4.95 -24.24 -25.24
N VAL B 241 -3.84 -23.62 -24.85
CA VAL B 241 -2.82 -24.28 -24.06
C VAL B 241 -2.68 -23.59 -22.71
N VAL B 242 -2.84 -24.36 -21.63
CA VAL B 242 -2.71 -23.80 -20.29
C VAL B 242 -1.34 -24.20 -19.71
N PRO B 243 -0.64 -23.25 -19.07
CA PRO B 243 0.68 -23.56 -18.52
C PRO B 243 0.57 -24.42 -17.26
N PRO B 244 1.69 -25.06 -16.86
CA PRO B 244 1.76 -25.82 -15.60
C PRO B 244 1.55 -24.89 -14.42
N PRO B 245 1.09 -25.42 -13.28
CA PRO B 245 0.93 -24.62 -12.06
C PRO B 245 2.26 -24.29 -11.40
N VAL B 246 3.03 -23.40 -12.00
CA VAL B 246 4.30 -22.97 -11.42
C VAL B 246 4.23 -21.51 -10.99
N LYS B 247 4.95 -21.17 -9.93
CA LYS B 247 4.91 -19.82 -9.37
C LYS B 247 5.50 -18.78 -10.32
N SER B 248 4.69 -17.78 -10.64
CA SER B 248 5.11 -16.71 -11.52
C SER B 248 5.69 -15.56 -10.70
N GLN B 249 6.71 -14.89 -11.24
CA GLN B 249 7.32 -13.76 -10.57
C GLN B 249 7.12 -12.49 -11.39
N SER B 250 8.13 -12.12 -12.17
CA SER B 250 8.02 -10.98 -13.08
C SER B 250 7.47 -11.41 -14.44
N THR B 251 6.59 -10.59 -15.00
CA THR B 251 5.92 -10.92 -16.25
C THR B 251 6.50 -10.10 -17.40
N VAL B 252 7.46 -9.23 -17.09
CA VAL B 252 8.04 -8.35 -18.10
C VAL B 252 8.70 -9.15 -19.23
N GLY B 253 8.17 -9.01 -20.44
CA GLY B 253 8.72 -9.70 -21.60
C GLY B 253 8.14 -11.08 -21.80
N ALA B 254 7.17 -11.47 -20.98
CA ALA B 254 6.52 -12.77 -21.13
C ALA B 254 5.86 -12.87 -22.51
N GLY B 255 5.08 -11.86 -22.85
CA GLY B 255 4.47 -11.78 -24.17
C GLY B 255 5.48 -11.80 -25.30
N ASP B 256 6.59 -11.08 -25.11
CA ASP B 256 7.63 -11.05 -26.14
C ASP B 256 8.33 -12.39 -26.32
N SER B 257 8.63 -13.07 -25.21
CA SER B 257 9.21 -14.40 -25.26
C SER B 257 8.29 -15.37 -25.97
N MET B 258 7.00 -15.27 -25.69
CA MET B 258 5.98 -16.05 -26.40
C MET B 258 6.05 -15.78 -27.90
N VAL B 259 6.00 -14.51 -28.29
CA VAL B 259 6.06 -14.11 -29.69
C VAL B 259 7.33 -14.62 -30.35
N GLY B 260 8.43 -14.62 -29.59
CA GLY B 260 9.70 -15.12 -30.08
C GLY B 260 9.68 -16.61 -30.39
N ALA B 261 9.21 -17.40 -29.43
CA ALA B 261 9.14 -18.85 -29.61
C ALA B 261 8.20 -19.22 -30.76
N MET B 262 7.10 -18.48 -30.90
CA MET B 262 6.14 -18.77 -31.97
C MET B 262 6.70 -18.37 -33.34
N THR B 263 7.55 -17.34 -33.36
CA THR B 263 8.15 -16.88 -34.60
C THR B 263 9.15 -17.92 -35.11
N LEU B 264 9.87 -18.54 -34.16
CA LEU B 264 10.76 -19.63 -34.48
C LEU B 264 10.02 -20.81 -35.13
N LYS B 265 8.95 -21.25 -34.48
CA LYS B 265 8.16 -22.38 -35.00
C LYS B 265 7.52 -22.07 -36.35
N LEU B 266 7.16 -20.80 -36.56
CA LEU B 266 6.61 -20.37 -37.83
C LEU B 266 7.67 -20.42 -38.92
N ALA B 267 8.92 -20.15 -38.53
CA ALA B 267 10.03 -20.23 -39.47
C ALA B 267 10.42 -21.67 -39.75
N GLU B 268 10.23 -22.55 -38.77
CA GLU B 268 10.48 -23.98 -38.94
C GLU B 268 9.29 -24.65 -39.62
N ASN B 269 8.34 -23.84 -40.09
CA ASN B 269 7.12 -24.31 -40.73
C ASN B 269 6.31 -25.29 -39.88
N ALA B 270 6.34 -25.10 -38.56
CA ALA B 270 5.66 -25.99 -37.62
C ALA B 270 4.14 -25.90 -37.72
N SER B 271 3.45 -26.76 -36.97
CA SER B 271 2.00 -26.74 -36.92
C SER B 271 1.50 -25.76 -35.86
N LEU B 272 0.22 -25.39 -35.96
CA LEU B 272 -0.40 -24.47 -35.02
C LEU B 272 -0.22 -24.95 -33.58
N GLU B 273 -0.47 -26.23 -33.36
CA GLU B 273 -0.43 -26.81 -32.02
C GLU B 273 0.96 -26.72 -31.39
N GLU B 274 1.99 -27.02 -32.19
CA GLU B 274 3.38 -26.88 -31.73
C GLU B 274 3.67 -25.43 -31.44
N MET B 275 3.15 -24.56 -32.29
CA MET B 275 3.44 -23.14 -32.22
C MET B 275 2.89 -22.52 -30.96
N VAL B 276 1.65 -22.86 -30.63
CA VAL B 276 0.99 -22.31 -29.45
C VAL B 276 1.57 -22.90 -28.17
N ARG B 277 1.90 -24.19 -28.21
CA ARG B 277 2.55 -24.86 -27.09
C ARG B 277 3.92 -24.26 -26.75
N PHE B 278 4.72 -24.06 -27.79
CA PHE B 278 6.06 -23.52 -27.63
C PHE B 278 5.97 -22.11 -27.07
N GLY B 279 4.99 -21.35 -27.54
CA GLY B 279 4.75 -19.99 -27.09
C GLY B 279 4.37 -19.89 -25.63
N VAL B 280 3.50 -20.78 -25.19
CA VAL B 280 3.09 -20.83 -23.79
C VAL B 280 4.27 -21.27 -22.93
N ALA B 281 5.04 -22.22 -23.44
CA ALA B 281 6.23 -22.68 -22.73
C ALA B 281 7.22 -21.52 -22.51
N ALA B 282 7.47 -20.76 -23.57
CA ALA B 282 8.41 -19.65 -23.50
C ALA B 282 7.89 -18.53 -22.62
N GLY B 283 6.64 -18.15 -22.85
CA GLY B 283 6.00 -17.10 -22.07
C GLY B 283 5.98 -17.42 -20.58
N SER B 284 5.63 -18.66 -20.24
CA SER B 284 5.62 -19.09 -18.85
C SER B 284 7.03 -19.24 -18.29
N ALA B 285 7.98 -19.68 -19.11
CA ALA B 285 9.38 -19.74 -18.70
C ALA B 285 9.88 -18.34 -18.34
N ALA B 286 9.39 -17.35 -19.06
CA ALA B 286 9.82 -15.96 -18.89
C ALA B 286 9.25 -15.31 -17.63
N THR B 287 8.41 -16.03 -16.89
CA THR B 287 7.82 -15.47 -15.68
C THR B 287 8.42 -16.04 -14.40
N LEU B 288 9.35 -16.97 -14.53
CA LEU B 288 9.94 -17.62 -13.36
C LEU B 288 10.91 -16.73 -12.58
N ASN B 289 11.46 -15.73 -13.27
CA ASN B 289 12.49 -14.89 -12.67
C ASN B 289 12.09 -13.42 -12.53
N GLN B 290 12.89 -12.64 -11.80
CA GLN B 290 12.67 -11.21 -11.65
C GLN B 290 13.30 -10.44 -12.81
N GLY B 291 12.90 -9.19 -12.99
CA GLY B 291 13.47 -8.33 -14.01
C GLY B 291 13.02 -8.62 -15.43
N THR B 292 13.93 -8.50 -16.38
CA THR B 292 13.66 -8.78 -17.78
C THR B 292 14.64 -9.83 -18.31
N ARG B 293 14.75 -10.94 -17.58
CA ARG B 293 15.68 -12.02 -17.97
C ARG B 293 15.13 -12.85 -19.12
N LEU B 294 13.82 -12.80 -19.31
CA LEU B 294 13.12 -13.61 -20.32
C LEU B 294 13.27 -15.12 -20.09
N CYS B 295 12.93 -15.91 -21.11
CA CYS B 295 12.95 -17.36 -21.01
C CYS B 295 14.33 -17.94 -21.26
N SER B 296 14.71 -18.95 -20.48
CA SER B 296 15.94 -19.67 -20.72
C SER B 296 15.66 -20.94 -21.53
N HIS B 297 16.68 -21.48 -22.16
CA HIS B 297 16.53 -22.65 -23.03
C HIS B 297 16.01 -23.86 -22.27
N ASP B 298 16.64 -24.20 -21.15
CA ASP B 298 16.29 -25.40 -20.41
C ASP B 298 14.88 -25.34 -19.80
N ASP B 299 14.51 -24.18 -19.25
CA ASP B 299 13.19 -24.02 -18.67
C ASP B 299 12.09 -24.14 -19.72
N THR B 300 12.30 -23.52 -20.87
CA THR B 300 11.31 -23.55 -21.94
C THR B 300 11.15 -24.97 -22.46
N GLN B 301 12.27 -25.67 -22.63
CA GLN B 301 12.25 -27.04 -23.13
C GLN B 301 11.53 -28.00 -22.17
N LYS B 302 11.85 -27.90 -20.88
CA LYS B 302 11.22 -28.74 -19.87
C LYS B 302 9.72 -28.48 -19.79
N ILE B 303 9.32 -27.21 -19.87
CA ILE B 303 7.89 -26.89 -19.88
C ILE B 303 7.23 -27.38 -21.16
N TYR B 304 7.86 -27.15 -22.30
CA TYR B 304 7.33 -27.56 -23.59
C TYR B 304 7.10 -29.08 -23.67
N ALA B 305 8.03 -29.85 -23.12
CA ALA B 305 7.89 -31.30 -23.12
C ALA B 305 6.69 -31.73 -22.27
N TYR B 306 6.52 -31.10 -21.12
CA TYR B 306 5.37 -31.38 -20.27
C TYR B 306 4.06 -31.10 -21.00
N LEU B 307 3.97 -29.93 -21.65
CA LEU B 307 2.77 -29.54 -22.37
C LEU B 307 2.46 -30.47 -23.54
N SER B 308 3.49 -31.11 -24.08
CA SER B 308 3.31 -31.92 -25.28
C SER B 308 2.96 -33.37 -25.00
N ARG B 309 2.91 -33.74 -23.72
CA ARG B 309 2.54 -35.10 -23.34
C ARG B 309 1.15 -35.44 -23.86
N VAL C 2 -17.49 24.56 39.22
CA VAL C 2 -18.83 24.19 38.79
C VAL C 2 -18.84 22.78 38.21
N ARG C 3 -20.04 22.24 38.00
CA ARG C 3 -20.20 20.90 37.47
C ARG C 3 -19.98 20.82 35.96
N ILE C 4 -19.49 19.67 35.49
CA ILE C 4 -19.28 19.44 34.07
C ILE C 4 -20.17 18.32 33.52
N TYR C 5 -20.80 18.59 32.38
CA TYR C 5 -21.56 17.59 31.65
C TYR C 5 -20.99 17.52 30.25
N THR C 6 -21.25 16.42 29.55
CA THR C 6 -20.90 16.30 28.13
C THR C 6 -22.07 15.73 27.33
N LEU C 7 -22.04 15.94 26.02
CA LEU C 7 -23.15 15.49 25.17
C LEU C 7 -22.65 14.85 23.88
N THR C 8 -22.95 13.55 23.72
CA THR C 8 -22.58 12.82 22.52
C THR C 8 -23.83 12.33 21.81
N LEU C 9 -24.19 12.99 20.72
CA LEU C 9 -25.37 12.61 19.97
C LEU C 9 -25.14 11.30 19.22
N ALA C 10 -23.88 11.05 18.86
CA ALA C 10 -23.51 9.84 18.13
C ALA C 10 -22.42 9.05 18.85
N PRO C 11 -22.78 8.33 19.92
CA PRO C 11 -21.79 7.50 20.64
C PRO C 11 -21.26 6.37 19.76
N SER C 12 -20.27 5.65 20.27
CA SER C 12 -19.71 4.52 19.55
C SER C 12 -19.10 3.50 20.49
N LEU C 13 -19.43 2.23 20.29
CA LEU C 13 -18.66 1.17 20.90
C LEU C 13 -17.45 0.94 20.01
N ASP C 14 -16.30 1.46 20.45
CA ASP C 14 -15.06 1.34 19.71
C ASP C 14 -14.47 -0.07 19.84
N SER C 15 -14.02 -0.61 18.71
CA SER C 15 -13.35 -1.91 18.71
C SER C 15 -11.97 -1.79 18.07
N ALA C 16 -10.97 -2.36 18.73
CA ALA C 16 -9.59 -2.28 18.25
C ALA C 16 -9.03 -3.68 18.01
N THR C 17 -8.38 -3.85 16.86
CA THR C 17 -7.78 -5.13 16.50
C THR C 17 -6.39 -4.91 15.88
N ILE C 18 -5.62 -5.99 15.77
CA ILE C 18 -4.29 -5.94 15.17
C ILE C 18 -4.17 -6.95 14.04
N THR C 19 -3.49 -6.57 12.95
CA THR C 19 -3.23 -7.48 11.84
C THR C 19 -1.79 -7.27 11.36
N PRO C 20 -1.13 -8.35 10.89
CA PRO C 20 0.25 -8.30 10.39
C PRO C 20 0.45 -7.23 9.32
N GLN C 21 -0.33 -7.28 8.24
CA GLN C 21 -0.24 -6.27 7.21
C GLN C 21 -1.56 -6.00 6.51
N ILE C 22 -1.57 -5.00 5.63
CA ILE C 22 -2.79 -4.60 4.95
C ILE C 22 -2.63 -4.59 3.43
N TYR C 23 -3.59 -5.25 2.77
CA TYR C 23 -3.60 -5.38 1.31
C TYR C 23 -4.99 -5.84 0.85
N PRO C 24 -5.32 -5.63 -0.43
CA PRO C 24 -6.69 -5.93 -0.85
C PRO C 24 -6.91 -7.39 -1.23
N GLU C 25 -8.18 -7.74 -1.44
CA GLU C 25 -8.60 -9.05 -1.95
CA GLU C 25 -8.60 -9.05 -1.95
C GLU C 25 -8.39 -10.22 -0.97
N GLY C 26 -7.20 -10.34 -0.40
CA GLY C 26 -6.93 -11.44 0.51
C GLY C 26 -7.62 -11.31 1.86
N LYS C 27 -7.65 -12.40 2.63
CA LYS C 27 -8.15 -12.37 4.00
C LYS C 27 -7.10 -11.79 4.93
N LEU C 28 -7.45 -10.73 5.65
CA LEU C 28 -6.54 -10.17 6.62
C LEU C 28 -6.90 -10.65 8.02
N ARG C 29 -6.16 -11.63 8.52
CA ARG C 29 -6.36 -12.17 9.86
C ARG C 29 -6.18 -11.09 10.93
N CYS C 30 -7.17 -10.94 11.78
CA CYS C 30 -7.10 -9.96 12.85
C CYS C 30 -7.21 -10.63 14.21
N THR C 31 -6.68 -9.97 15.24
CA THR C 31 -6.71 -10.51 16.58
C THR C 31 -8.10 -10.36 17.19
N ALA C 32 -8.28 -10.94 18.37
CA ALA C 32 -9.54 -10.79 19.10
C ALA C 32 -9.71 -9.34 19.52
N PRO C 33 -10.76 -8.68 19.01
CA PRO C 33 -10.99 -7.24 19.20
C PRO C 33 -11.16 -6.86 20.66
N VAL C 34 -10.67 -5.67 21.01
CA VAL C 34 -10.84 -5.13 22.34
C VAL C 34 -11.84 -3.97 22.31
N PHE C 35 -12.85 -4.04 23.17
CA PHE C 35 -13.92 -3.06 23.17
C PHE C 35 -13.66 -1.95 24.19
N GLU C 36 -13.93 -0.71 23.79
CA GLU C 36 -13.79 0.44 24.66
C GLU C 36 -14.90 1.45 24.38
N PRO C 37 -15.21 2.31 25.37
CA PRO C 37 -16.17 3.39 25.14
C PRO C 37 -15.65 4.37 24.10
N GLY C 38 -16.56 4.95 23.30
CA GLY C 38 -16.16 5.88 22.26
C GLY C 38 -17.18 6.95 21.98
N GLY C 39 -16.82 7.91 21.14
CA GLY C 39 -17.68 9.04 20.86
C GLY C 39 -17.15 10.28 21.55
N GLY C 40 -17.28 11.43 20.90
CA GLY C 40 -16.67 12.67 21.33
C GLY C 40 -16.88 13.08 22.78
N GLY C 41 -18.13 13.36 23.14
CA GLY C 41 -18.43 13.81 24.49
C GLY C 41 -18.20 12.73 25.54
N ILE C 42 -18.31 11.47 25.12
CA ILE C 42 -18.03 10.34 26.00
C ILE C 42 -16.54 10.30 26.36
N ASN C 43 -15.67 10.39 25.35
CA ASN C 43 -14.23 10.39 25.57
C ASN C 43 -13.78 11.58 26.42
N VAL C 44 -14.42 12.73 26.19
CA VAL C 44 -14.16 13.91 26.99
C VAL C 44 -14.45 13.63 28.46
N ALA C 45 -15.58 12.97 28.72
CA ALA C 45 -15.99 12.66 30.09
C ALA C 45 -15.08 11.60 30.70
N ARG C 46 -14.64 10.65 29.89
CA ARG C 46 -13.68 9.64 30.34
C ARG C 46 -12.37 10.31 30.74
N ALA C 47 -11.88 11.21 29.88
CA ALA C 47 -10.62 11.92 30.12
C ALA C 47 -10.67 12.67 31.45
N ILE C 48 -11.77 13.37 31.69
CA ILE C 48 -11.93 14.17 32.91
C ILE C 48 -11.93 13.28 34.15
N ALA C 49 -12.53 12.11 34.05
CA ALA C 49 -12.52 11.15 35.16
C ALA C 49 -11.10 10.65 35.43
N HIS C 50 -10.37 10.34 34.34
CA HIS C 50 -8.99 9.88 34.44
C HIS C 50 -8.11 10.93 35.11
N LEU C 51 -8.42 12.20 34.88
CA LEU C 51 -7.61 13.30 35.41
C LEU C 51 -8.07 13.75 36.80
N GLY C 52 -8.98 12.97 37.41
CA GLY C 52 -9.39 13.20 38.78
C GLY C 52 -10.65 14.02 38.96
N GLY C 53 -11.19 14.51 37.85
CA GLY C 53 -12.41 15.28 37.88
C GLY C 53 -13.64 14.40 37.71
N SER C 54 -14.81 15.02 37.69
CA SER C 54 -16.05 14.30 37.43
C SER C 54 -16.89 15.04 36.39
N ALA C 55 -17.29 14.31 35.35
CA ALA C 55 -18.17 14.84 34.34
C ALA C 55 -19.24 13.82 34.00
N THR C 56 -20.48 14.27 33.90
CA THR C 56 -21.59 13.39 33.57
C THR C 56 -21.75 13.33 32.05
N ALA C 57 -21.62 12.13 31.49
CA ALA C 57 -21.79 11.94 30.05
C ALA C 57 -23.25 11.66 29.70
N ILE C 58 -23.80 12.50 28.82
CA ILE C 58 -25.17 12.34 28.35
C ILE C 58 -25.17 11.85 26.90
N PHE C 59 -25.92 10.80 26.63
CA PHE C 59 -25.91 10.15 25.31
C PHE C 59 -27.02 9.09 25.16
N PRO C 60 -27.39 8.77 23.90
CA PRO C 60 -28.36 7.70 23.68
C PRO C 60 -27.67 6.35 23.56
N ALA C 61 -28.27 5.30 24.12
CA ALA C 61 -27.74 3.95 24.01
C ALA C 61 -28.80 3.00 23.46
N GLY C 62 -28.41 2.18 22.49
CA GLY C 62 -29.33 1.25 21.88
C GLY C 62 -28.79 -0.15 21.70
N GLY C 63 -29.59 -1.15 22.08
CA GLY C 63 -29.24 -2.54 21.85
C GLY C 63 -28.17 -3.08 22.77
N ALA C 64 -27.59 -4.22 22.40
CA ALA C 64 -26.58 -4.88 23.20
C ALA C 64 -25.25 -4.13 23.17
N THR C 65 -24.95 -3.49 22.03
CA THR C 65 -23.76 -2.65 21.93
C THR C 65 -23.90 -1.48 22.90
N GLY C 66 -25.12 -0.99 23.07
CA GLY C 66 -25.39 0.10 24.00
C GLY C 66 -25.14 -0.32 25.42
N GLU C 67 -25.58 -1.52 25.78
CA GLU C 67 -25.38 -2.04 27.12
C GLU C 67 -23.90 -2.28 27.38
N HIS C 68 -23.23 -2.80 26.36
CA HIS C 68 -21.79 -3.04 26.40
C HIS C 68 -21.05 -1.73 26.69
N LEU C 69 -21.44 -0.68 25.97
CA LEU C 69 -20.87 0.65 26.15
C LEU C 69 -21.11 1.22 27.55
N VAL C 70 -22.33 1.06 28.06
CA VAL C 70 -22.67 1.51 29.40
C VAL C 70 -21.91 0.71 30.46
N SER C 71 -21.81 -0.60 30.26
CA SER C 71 -21.08 -1.48 31.19
C SER C 71 -19.61 -1.11 31.29
N LEU C 72 -19.01 -0.69 30.18
CA LEU C 72 -17.61 -0.27 30.17
C LEU C 72 -17.41 1.06 30.90
N LEU C 73 -18.29 2.01 30.67
CA LEU C 73 -18.24 3.30 31.35
C LEU C 73 -18.52 3.15 32.84
N ALA C 74 -19.34 2.18 33.19
CA ALA C 74 -19.59 1.87 34.59
C ALA C 74 -18.31 1.39 35.26
N ASP C 75 -17.50 0.63 34.53
CA ASP C 75 -16.25 0.12 35.06
C ASP C 75 -15.21 1.22 35.19
N GLU C 76 -15.46 2.34 34.51
CA GLU C 76 -14.55 3.47 34.58
C GLU C 76 -15.09 4.56 35.51
N ASN C 77 -16.14 4.20 36.25
CA ASN C 77 -16.78 5.13 37.18
C ASN C 77 -17.11 6.48 36.55
N VAL C 78 -17.67 6.44 35.35
CA VAL C 78 -18.06 7.64 34.64
C VAL C 78 -19.57 7.84 34.75
N PRO C 79 -20.01 8.92 35.41
CA PRO C 79 -21.45 9.21 35.57
C PRO C 79 -22.13 9.36 34.21
N VAL C 80 -23.14 8.55 33.97
CA VAL C 80 -23.85 8.59 32.70
C VAL C 80 -25.32 8.99 32.86
N ALA C 81 -25.81 9.76 31.91
CA ALA C 81 -27.24 10.00 31.79
C ALA C 81 -27.63 9.48 30.42
N THR C 82 -28.19 8.27 30.39
CA THR C 82 -28.48 7.59 29.14
C THR C 82 -29.94 7.67 28.74
N VAL C 83 -30.16 7.68 27.42
CA VAL C 83 -31.50 7.64 26.86
C VAL C 83 -31.59 6.39 26.00
N GLU C 84 -32.59 5.56 26.27
CA GLU C 84 -32.79 4.33 25.50
C GLU C 84 -33.25 4.64 24.08
N ALA C 85 -32.51 4.10 23.11
CA ALA C 85 -32.82 4.32 21.70
C ALA C 85 -33.07 2.99 21.01
N LYS C 86 -33.90 3.02 19.98
CA LYS C 86 -34.25 1.80 19.25
C LYS C 86 -33.10 1.31 18.39
N ASP C 87 -32.55 2.18 17.56
CA ASP C 87 -31.43 1.82 16.71
C ASP C 87 -30.18 1.52 17.55
N TRP C 88 -29.52 0.40 17.26
CA TRP C 88 -28.36 -0.03 18.03
C TRP C 88 -27.16 0.90 17.91
N THR C 89 -26.45 1.06 19.01
CA THR C 89 -25.23 1.86 19.03
C THR C 89 -24.22 1.35 18.01
N ARG C 90 -23.74 2.24 17.15
CA ARG C 90 -22.78 1.88 16.11
C ARG C 90 -21.52 1.26 16.68
N GLN C 91 -20.79 0.57 15.82
CA GLN C 91 -19.59 -0.16 16.21
C GLN C 91 -18.47 0.14 15.22
N ASN C 92 -17.50 0.94 15.65
CA ASN C 92 -16.39 1.34 14.79
C ASN C 92 -15.20 0.41 14.95
N LEU C 93 -14.50 0.15 13.83
CA LEU C 93 -13.37 -0.77 13.83
C LEU C 93 -12.03 -0.06 13.61
N HIS C 94 -11.10 -0.26 14.54
CA HIS C 94 -9.78 0.33 14.43
C HIS C 94 -8.72 -0.75 14.25
N VAL C 95 -8.14 -0.81 13.04
CA VAL C 95 -7.16 -1.84 12.71
C VAL C 95 -5.72 -1.32 12.75
N HIS C 96 -4.92 -1.90 13.64
CA HIS C 96 -3.50 -1.57 13.74
C HIS C 96 -2.67 -2.50 12.88
N VAL C 97 -1.91 -1.94 11.93
CA VAL C 97 -1.09 -2.73 11.04
C VAL C 97 0.36 -2.80 11.51
N GLU C 98 0.84 -4.01 11.79
CA GLU C 98 2.16 -4.22 12.38
C GLU C 98 3.33 -3.83 11.47
N ALA C 99 3.19 -4.07 10.18
CA ALA C 99 4.28 -3.80 9.24
C ALA C 99 4.49 -2.30 8.99
N SER C 100 3.56 -1.48 9.46
CA SER C 100 3.63 -0.04 9.26
C SER C 100 3.54 0.72 10.57
N GLY C 101 2.95 0.10 11.58
CA GLY C 101 2.70 0.76 12.84
C GLY C 101 1.56 1.75 12.73
N GLU C 102 0.96 1.81 11.54
CA GLU C 102 -0.12 2.74 11.24
C GLU C 102 -1.45 2.17 11.72
N GLN C 103 -2.47 3.03 11.74
CA GLN C 103 -3.80 2.62 12.15
C GLN C 103 -4.82 3.00 11.09
N TYR C 104 -5.77 2.10 10.82
CA TYR C 104 -6.88 2.40 9.91
C TYR C 104 -8.20 2.45 10.67
N ARG C 105 -8.99 3.50 10.41
CA ARG C 105 -10.19 3.76 11.19
C ARG C 105 -11.44 3.67 10.34
N PHE C 106 -12.24 2.64 10.56
CA PHE C 106 -13.49 2.49 9.82
C PHE C 106 -14.65 2.93 10.70
N VAL C 107 -15.25 4.06 10.32
CA VAL C 107 -16.18 4.80 11.16
C VAL C 107 -17.60 4.75 10.60
N MET C 108 -18.45 3.95 11.22
CA MET C 108 -19.82 3.74 10.78
C MET C 108 -20.66 4.97 11.11
N PRO C 109 -21.83 5.12 10.45
CA PRO C 109 -22.69 6.24 10.83
C PRO C 109 -23.19 6.07 12.25
N GLY C 110 -23.42 7.18 12.96
CA GLY C 110 -23.98 7.11 14.30
C GLY C 110 -25.36 6.49 14.24
N ALA C 111 -25.82 5.96 15.37
CA ALA C 111 -27.15 5.38 15.44
C ALA C 111 -28.21 6.46 15.20
N ALA C 112 -29.32 6.08 14.57
CA ALA C 112 -30.41 7.00 14.31
C ALA C 112 -31.00 7.55 15.61
N LEU C 113 -31.61 8.72 15.53
CA LEU C 113 -32.29 9.31 16.69
C LEU C 113 -33.69 9.81 16.31
N ASN C 114 -34.71 9.23 16.95
CA ASN C 114 -36.10 9.67 16.78
C ASN C 114 -36.29 11.09 17.29
N GLU C 115 -37.46 11.64 17.02
CA GLU C 115 -37.83 12.93 17.59
C GLU C 115 -38.01 12.81 19.10
N ASP C 116 -38.53 11.67 19.54
CA ASP C 116 -38.79 11.43 20.95
C ASP C 116 -37.51 11.24 21.74
N GLU C 117 -36.60 10.45 21.18
CA GLU C 117 -35.32 10.20 21.82
C GLU C 117 -34.49 11.47 21.94
N PHE C 118 -34.50 12.29 20.90
CA PHE C 118 -33.76 13.55 20.93
C PHE C 118 -34.39 14.49 21.94
N ARG C 119 -35.71 14.41 22.08
CA ARG C 119 -36.45 15.21 23.04
C ARG C 119 -36.01 14.90 24.46
N GLN C 120 -35.80 13.62 24.75
CA GLN C 120 -35.37 13.21 26.08
C GLN C 120 -34.00 13.75 26.42
N LEU C 121 -33.10 13.71 25.43
CA LEU C 121 -31.77 14.26 25.57
C LEU C 121 -31.84 15.77 25.80
N GLU C 122 -32.66 16.44 25.00
CA GLU C 122 -32.85 17.89 25.11
C GLU C 122 -33.42 18.27 26.48
N GLU C 123 -34.13 17.33 27.10
CA GLU C 123 -34.71 17.56 28.43
C GLU C 123 -33.66 17.32 29.53
N GLN C 124 -32.76 16.38 29.28
CA GLN C 124 -31.64 16.13 30.19
C GLN C 124 -30.72 17.35 30.21
N VAL C 125 -30.41 17.87 29.03
CA VAL C 125 -29.53 19.01 28.89
C VAL C 125 -30.08 20.23 29.62
N LEU C 126 -31.39 20.45 29.52
CA LEU C 126 -32.02 21.59 30.18
C LEU C 126 -32.30 21.35 31.66
N GLU C 127 -31.89 20.19 32.17
CA GLU C 127 -31.94 19.93 33.61
C GLU C 127 -30.60 20.27 34.25
N ILE C 128 -29.73 20.89 33.46
CA ILE C 128 -28.45 21.38 33.93
C ILE C 128 -28.63 22.76 34.57
N GLU C 129 -28.08 22.94 35.77
CA GLU C 129 -28.23 24.19 36.50
C GLU C 129 -27.37 25.29 35.90
N SER C 130 -27.75 26.54 36.20
CA SER C 130 -27.01 27.70 35.74
C SER C 130 -25.61 27.71 36.35
N GLY C 131 -24.61 27.97 35.52
CA GLY C 131 -23.24 28.05 36.00
C GLY C 131 -22.39 26.87 35.59
N ALA C 132 -23.04 25.74 35.31
CA ALA C 132 -22.32 24.53 34.94
C ALA C 132 -21.77 24.61 33.51
N ILE C 133 -20.93 23.64 33.16
CA ILE C 133 -20.34 23.60 31.83
C ILE C 133 -20.84 22.38 31.04
N LEU C 134 -21.20 22.61 29.79
CA LEU C 134 -21.63 21.53 28.92
C LEU C 134 -20.73 21.39 27.70
N VAL C 135 -20.16 20.21 27.52
CA VAL C 135 -19.30 19.94 26.37
C VAL C 135 -20.04 19.13 25.31
N ILE C 136 -20.38 19.79 24.21
CA ILE C 136 -20.98 19.14 23.06
C ILE C 136 -19.87 18.70 22.10
N SER C 137 -19.72 17.39 21.91
CA SER C 137 -18.59 16.86 21.14
C SER C 137 -18.96 15.62 20.32
N GLY C 138 -18.38 15.52 19.12
CA GLY C 138 -18.67 14.41 18.23
C GLY C 138 -19.65 14.81 17.13
N SER C 139 -19.85 13.91 16.17
CA SER C 139 -20.66 14.21 14.99
C SER C 139 -22.17 14.15 15.24
N LEU C 140 -22.92 14.70 14.28
CA LEU C 140 -24.38 14.63 14.31
C LEU C 140 -24.89 13.36 13.62
N PRO C 141 -25.65 12.55 14.36
CA PRO C 141 -26.23 11.28 13.90
C PRO C 141 -27.46 11.52 13.02
N PRO C 142 -27.87 10.49 12.25
CA PRO C 142 -29.07 10.56 11.40
C PRO C 142 -30.36 10.89 12.17
N GLY C 143 -31.12 11.85 11.66
CA GLY C 143 -32.38 12.24 12.25
C GLY C 143 -32.31 13.52 13.06
N VAL C 144 -31.11 14.09 13.19
CA VAL C 144 -30.93 15.29 14.00
C VAL C 144 -30.67 16.53 13.14
N LYS C 145 -31.66 17.43 13.13
CA LYS C 145 -31.53 18.70 12.41
C LYS C 145 -30.54 19.63 13.10
N LEU C 146 -29.68 20.25 12.29
CA LEU C 146 -28.69 21.18 12.79
C LEU C 146 -29.31 22.29 13.63
N GLU C 147 -30.42 22.85 13.14
CA GLU C 147 -31.12 23.91 13.85
C GLU C 147 -31.63 23.46 15.22
N LYS C 148 -31.91 22.17 15.36
CA LYS C 148 -32.33 21.61 16.64
C LYS C 148 -31.18 21.60 17.65
N LEU C 149 -29.96 21.48 17.14
CA LEU C 149 -28.79 21.51 18.00
C LEU C 149 -28.51 22.95 18.44
N THR C 150 -28.64 23.90 17.51
CA THR C 150 -28.34 25.29 17.84
C THR C 150 -29.39 25.95 18.74
N GLN C 151 -30.65 25.55 18.59
CA GLN C 151 -31.69 26.02 19.48
C GLN C 151 -31.42 25.48 20.89
N LEU C 152 -30.83 24.29 20.96
CA LEU C 152 -30.47 23.67 22.22
C LEU C 152 -29.35 24.47 22.90
N ILE C 153 -28.39 24.93 22.12
CA ILE C 153 -27.31 25.77 22.62
C ILE C 153 -27.84 27.12 23.12
N SER C 154 -28.68 27.76 22.31
CA SER C 154 -29.30 29.04 22.68
C SER C 154 -30.13 28.90 23.95
N ALA C 155 -30.91 27.84 24.03
CA ALA C 155 -31.74 27.59 25.19
C ALA C 155 -30.87 27.37 26.42
N ALA C 156 -29.86 26.52 26.27
CA ALA C 156 -28.92 26.26 27.35
C ALA C 156 -28.27 27.57 27.81
N GLN C 157 -27.89 28.39 26.85
CA GLN C 157 -27.27 29.68 27.15
C GLN C 157 -28.19 30.58 27.97
N LYS C 158 -29.46 30.62 27.62
CA LYS C 158 -30.43 31.47 28.31
C LYS C 158 -30.59 31.12 29.78
N GLN C 159 -30.28 29.88 30.15
CA GLN C 159 -30.38 29.48 31.55
C GLN C 159 -29.02 29.27 32.21
N GLY C 160 -28.01 29.98 31.72
CA GLY C 160 -26.71 30.03 32.36
C GLY C 160 -25.83 28.80 32.17
N ILE C 161 -26.07 28.06 31.10
CA ILE C 161 -25.22 26.91 30.80
C ILE C 161 -24.05 27.37 29.92
N ARG C 162 -22.83 27.11 30.38
CA ARG C 162 -21.62 27.53 29.66
C ARG C 162 -21.20 26.46 28.66
N CYS C 163 -21.31 26.79 27.38
CA CYS C 163 -21.18 25.80 26.32
C CYS C 163 -19.81 25.70 25.66
N ILE C 164 -19.34 24.45 25.52
CA ILE C 164 -18.13 24.14 24.78
C ILE C 164 -18.50 23.23 23.62
N VAL C 165 -18.04 23.58 22.42
CA VAL C 165 -18.44 22.87 21.21
C VAL C 165 -17.24 22.34 20.42
N ASP C 166 -17.18 21.02 20.25
CA ASP C 166 -16.17 20.41 19.39
C ASP C 166 -16.83 19.36 18.51
N SER C 167 -17.44 19.82 17.41
CA SER C 167 -18.23 18.94 16.56
C SER C 167 -17.87 19.09 15.08
N SER C 168 -18.85 18.82 14.21
CA SER C 168 -18.62 18.87 12.77
C SER C 168 -18.28 20.26 12.27
N GLY C 169 -18.07 20.39 10.97
CA GLY C 169 -17.78 21.67 10.37
C GLY C 169 -18.95 22.63 10.45
N GLU C 170 -20.13 22.14 10.09
CA GLU C 170 -21.33 22.97 10.06
C GLU C 170 -21.80 23.33 11.47
N ALA C 171 -21.73 22.36 12.39
CA ALA C 171 -22.06 22.62 13.78
C ALA C 171 -21.14 23.67 14.40
N LEU C 172 -19.87 23.64 14.02
CA LEU C 172 -18.92 24.63 14.54
C LEU C 172 -19.33 26.02 14.09
N SER C 173 -19.60 26.17 12.80
CA SER C 173 -20.02 27.44 12.23
C SER C 173 -21.31 27.95 12.87
N ALA C 174 -22.27 27.04 13.03
CA ALA C 174 -23.58 27.42 13.56
C ALA C 174 -23.52 27.80 15.04
N ALA C 175 -22.67 27.13 15.80
CA ALA C 175 -22.52 27.42 17.22
C ALA C 175 -21.92 28.80 17.42
N LEU C 176 -21.04 29.19 16.51
CA LEU C 176 -20.37 30.48 16.58
C LEU C 176 -21.29 31.62 16.17
N ALA C 177 -22.26 31.32 15.33
CA ALA C 177 -23.26 32.31 14.92
C ALA C 177 -24.13 32.68 16.13
N ILE C 178 -24.41 31.68 16.97
CA ILE C 178 -25.09 31.92 18.24
C ILE C 178 -24.21 32.82 19.10
N GLY C 179 -22.92 32.50 19.13
CA GLY C 179 -21.95 33.32 19.82
C GLY C 179 -21.83 32.98 21.29
N ASN C 180 -20.86 33.60 21.95
CA ASN C 180 -20.61 33.40 23.38
C ASN C 180 -20.24 31.98 23.77
N ILE C 181 -19.74 31.21 22.81
CA ILE C 181 -19.26 29.86 23.10
C ILE C 181 -18.01 29.95 23.97
N GLU C 182 -18.02 29.23 25.09
CA GLU C 182 -16.92 29.29 26.05
C GLU C 182 -15.58 28.92 25.45
N LEU C 183 -15.57 27.84 24.67
CA LEU C 183 -14.34 27.30 24.12
C LEU C 183 -14.60 26.47 22.86
N VAL C 184 -13.80 26.68 21.83
CA VAL C 184 -13.81 25.83 20.65
C VAL C 184 -12.39 25.35 20.33
N LYS C 185 -12.28 24.15 19.78
CA LYS C 185 -10.98 23.58 19.44
C LYS C 185 -10.89 23.16 17.97
N PRO C 186 -10.88 24.13 17.05
CA PRO C 186 -10.70 23.75 15.65
C PRO C 186 -9.26 23.30 15.41
N ASN C 187 -9.05 22.33 14.53
CA ASN C 187 -7.69 22.07 14.04
C ASN C 187 -7.39 23.01 12.88
N GLN C 188 -6.28 22.78 12.18
CA GLN C 188 -5.89 23.68 11.11
C GLN C 188 -6.85 23.69 9.91
N LYS C 189 -7.31 22.52 9.50
CA LYS C 189 -8.26 22.42 8.39
C LYS C 189 -9.61 23.02 8.75
N GLU C 190 -10.04 22.80 10.00
CA GLU C 190 -11.31 23.32 10.48
C GLU C 190 -11.31 24.85 10.60
N LEU C 191 -10.19 25.40 11.07
CA LEU C 191 -10.05 26.85 11.18
C LEU C 191 -10.11 27.47 9.80
N SER C 192 -9.44 26.83 8.84
CA SER C 192 -9.42 27.30 7.46
C SER C 192 -10.80 27.25 6.82
N ALA C 193 -11.52 26.14 7.03
CA ALA C 193 -12.86 25.99 6.50
C ALA C 193 -13.83 26.98 7.14
N LEU C 194 -13.58 27.32 8.39
CA LEU C 194 -14.37 28.29 9.13
C LEU C 194 -14.29 29.69 8.50
N VAL C 195 -13.08 30.21 8.36
CA VAL C 195 -12.89 31.58 7.90
C VAL C 195 -12.75 31.69 6.38
N ASN C 196 -12.94 30.58 5.67
CA ASN C 196 -12.96 30.59 4.21
C ASN C 196 -11.71 31.14 3.53
N ARG C 197 -10.54 30.71 4.00
CA ARG C 197 -9.29 31.14 3.38
C ARG C 197 -8.13 30.22 3.76
N GLU C 198 -7.13 30.15 2.89
CA GLU C 198 -5.94 29.36 3.16
C GLU C 198 -5.05 30.07 4.18
N LEU C 199 -4.50 29.28 5.11
CA LEU C 199 -3.61 29.83 6.13
C LEU C 199 -2.17 29.59 5.69
N THR C 200 -1.60 30.57 5.00
CA THR C 200 -0.31 30.39 4.31
C THR C 200 0.85 31.13 4.98
N GLN C 201 0.54 32.16 5.75
CA GLN C 201 1.57 32.95 6.41
C GLN C 201 1.80 32.42 7.83
N PRO C 202 3.01 32.63 8.37
CA PRO C 202 3.36 32.13 9.71
C PRO C 202 2.34 32.54 10.77
N ASP C 203 1.76 33.73 10.62
CA ASP C 203 0.88 34.30 11.63
C ASP C 203 -0.63 34.13 11.34
N ASP C 204 -0.96 33.49 10.23
CA ASP C 204 -2.37 33.37 9.83
C ASP C 204 -3.23 32.64 10.85
N VAL C 205 -2.69 31.59 11.47
CA VAL C 205 -3.48 30.82 12.44
C VAL C 205 -3.82 31.67 13.66
N ARG C 206 -2.84 32.41 14.16
CA ARG C 206 -3.08 33.31 15.28
C ARG C 206 -4.11 34.38 14.91
N LYS C 207 -3.99 34.92 13.70
CA LYS C 207 -4.86 36.02 13.27
C LYS C 207 -6.32 35.60 13.15
N ALA C 208 -6.55 34.40 12.64
CA ALA C 208 -7.90 33.90 12.45
C ALA C 208 -8.53 33.49 13.78
N ALA C 209 -7.73 32.91 14.67
CA ALA C 209 -8.22 32.53 15.99
C ALA C 209 -8.60 33.76 16.81
N GLN C 210 -7.75 34.79 16.75
CA GLN C 210 -8.00 36.02 17.49
C GLN C 210 -9.23 36.72 16.93
N GLU C 211 -9.37 36.69 15.61
CA GLU C 211 -10.50 37.27 14.90
C GLU C 211 -11.83 36.72 15.42
N ILE C 212 -11.83 35.43 15.73
CA ILE C 212 -13.01 34.76 16.23
C ILE C 212 -13.35 35.23 17.65
N VAL C 213 -12.31 35.43 18.47
CA VAL C 213 -12.50 35.91 19.84
C VAL C 213 -12.95 37.37 19.86
N ASN C 214 -12.28 38.20 19.07
CA ASN C 214 -12.61 39.63 19.00
C ASN C 214 -13.99 39.92 18.43
N SER C 215 -14.57 38.94 17.72
CA SER C 215 -15.88 39.12 17.11
C SER C 215 -16.99 38.61 18.04
N GLY C 216 -16.59 38.12 19.21
CA GLY C 216 -17.53 37.72 20.24
C GLY C 216 -18.11 36.33 20.07
N LYS C 217 -17.80 35.68 18.96
CA LYS C 217 -18.33 34.35 18.65
C LYS C 217 -17.94 33.32 19.70
N ALA C 218 -16.71 33.41 20.19
CA ALA C 218 -16.23 32.54 21.26
C ALA C 218 -15.31 33.30 22.20
N LYS C 219 -15.26 32.85 23.46
CA LYS C 219 -14.43 33.50 24.46
C LYS C 219 -12.97 33.03 24.36
N ARG C 220 -12.79 31.75 24.09
CA ARG C 220 -11.47 31.16 23.93
C ARG C 220 -11.40 30.32 22.65
N VAL C 221 -10.32 30.47 21.91
CA VAL C 221 -10.07 29.62 20.75
C VAL C 221 -8.73 28.89 20.92
N VAL C 222 -8.79 27.56 20.95
CA VAL C 222 -7.59 26.75 21.01
C VAL C 222 -7.43 26.01 19.69
N VAL C 223 -6.48 26.45 18.88
CA VAL C 223 -6.25 25.81 17.59
C VAL C 223 -5.31 24.62 17.75
N SER C 224 -5.82 23.45 17.43
CA SER C 224 -5.10 22.21 17.61
C SER C 224 -4.20 21.93 16.40
N LEU C 225 -2.96 21.55 16.67
CA LEU C 225 -1.95 21.42 15.62
C LEU C 225 -1.34 20.02 15.52
N GLY C 226 -1.96 19.03 16.14
CA GLY C 226 -1.41 17.68 16.15
C GLY C 226 -0.04 17.60 16.82
N PRO C 227 0.98 17.22 16.05
CA PRO C 227 2.38 17.11 16.52
C PRO C 227 2.93 18.42 17.08
N GLN C 228 2.48 19.55 16.53
CA GLN C 228 2.98 20.86 16.94
C GLN C 228 2.26 21.40 18.19
N GLY C 229 1.38 20.59 18.76
CA GLY C 229 0.66 20.97 19.97
C GLY C 229 -0.58 21.81 19.71
N ALA C 230 -0.69 22.91 20.43
CA ALA C 230 -1.84 23.79 20.27
C ALA C 230 -1.46 25.28 20.41
N LEU C 231 -2.24 26.13 19.76
CA LEU C 231 -2.11 27.56 19.93
C LEU C 231 -3.41 28.11 20.49
N GLY C 232 -3.37 28.61 21.71
CA GLY C 232 -4.55 29.15 22.35
C GLY C 232 -4.57 30.67 22.46
N VAL C 233 -5.75 31.25 22.21
CA VAL C 233 -5.95 32.68 22.39
C VAL C 233 -7.23 32.98 23.16
N ASP C 234 -7.21 34.03 23.97
CA ASP C 234 -8.43 34.63 24.48
C ASP C 234 -8.39 36.14 24.20
N SER C 235 -9.15 36.92 24.95
CA SER C 235 -9.25 38.35 24.70
C SER C 235 -7.99 39.10 25.12
N GLU C 236 -7.08 38.40 25.79
CA GLU C 236 -5.93 39.05 26.41
C GLU C 236 -4.58 38.41 26.03
N ASN C 237 -4.49 37.08 26.19
CA ASN C 237 -3.22 36.38 26.01
C ASN C 237 -3.17 35.45 24.79
N CYS C 238 -1.97 34.99 24.47
CA CYS C 238 -1.73 34.09 23.35
C CYS C 238 -0.57 33.15 23.67
N ILE C 239 -0.78 31.86 23.52
CA ILE C 239 0.27 30.89 23.85
C ILE C 239 0.24 29.68 22.95
N GLN C 240 1.42 29.29 22.45
CA GLN C 240 1.57 27.98 21.82
C GLN C 240 2.38 27.05 22.70
N VAL C 241 1.83 25.87 22.96
CA VAL C 241 2.53 24.83 23.70
C VAL C 241 2.84 23.67 22.77
N VAL C 242 4.07 23.18 22.83
CA VAL C 242 4.53 22.12 21.94
C VAL C 242 4.84 20.86 22.77
N PRO C 243 4.37 19.70 22.30
CA PRO C 243 4.56 18.43 23.02
C PRO C 243 6.01 18.01 23.03
N PRO C 244 6.40 17.14 23.98
CA PRO C 244 7.75 16.57 24.00
C PRO C 244 7.97 15.69 22.76
N PRO C 245 9.24 15.54 22.34
CA PRO C 245 9.54 14.72 21.17
C PRO C 245 9.39 13.24 21.48
N VAL C 246 8.15 12.77 21.60
CA VAL C 246 7.90 11.35 21.83
C VAL C 246 6.92 10.79 20.77
N LYS C 247 7.24 9.62 20.27
CA LYS C 247 6.49 9.01 19.17
C LYS C 247 5.05 8.68 19.58
N SER C 248 4.13 8.92 18.66
CA SER C 248 2.71 8.69 18.90
C SER C 248 2.27 7.34 18.37
N GLN C 249 1.30 6.73 19.06
CA GLN C 249 0.69 5.49 18.60
C GLN C 249 -0.69 5.80 18.03
N SER C 250 -1.72 5.53 18.82
CA SER C 250 -3.09 5.87 18.44
C SER C 250 -3.41 7.29 18.88
N THR C 251 -3.96 8.09 17.97
CA THR C 251 -4.35 9.45 18.33
C THR C 251 -5.86 9.62 18.43
N VAL C 252 -6.57 8.50 18.55
CA VAL C 252 -8.03 8.57 18.69
C VAL C 252 -8.42 9.05 20.10
N GLY C 253 -9.21 10.13 20.15
CA GLY C 253 -9.60 10.72 21.41
C GLY C 253 -8.58 11.71 21.94
N ALA C 254 -7.51 11.93 21.19
CA ALA C 254 -6.46 12.87 21.59
C ALA C 254 -7.04 14.28 21.68
N GLY C 255 -7.86 14.64 20.71
CA GLY C 255 -8.54 15.92 20.74
C GLY C 255 -9.52 15.99 21.89
N ASP C 256 -10.18 14.85 22.16
CA ASP C 256 -11.19 14.77 23.20
C ASP C 256 -10.58 14.89 24.58
N SER C 257 -9.43 14.24 24.76
CA SER C 257 -8.69 14.34 26.02
C SER C 257 -8.24 15.77 26.26
N MET C 258 -7.76 16.42 25.20
CA MET C 258 -7.35 17.81 25.28
C MET C 258 -8.53 18.69 25.70
N VAL C 259 -9.69 18.45 25.10
CA VAL C 259 -10.91 19.18 25.45
C VAL C 259 -11.33 18.94 26.90
N GLY C 260 -11.20 17.69 27.34
CA GLY C 260 -11.54 17.33 28.71
C GLY C 260 -10.63 18.02 29.72
N ALA C 261 -9.32 17.94 29.46
CA ALA C 261 -8.32 18.57 30.32
C ALA C 261 -8.51 20.08 30.37
N MET C 262 -8.74 20.68 29.20
CA MET C 262 -8.97 22.11 29.11
C MET C 262 -10.27 22.55 29.79
N THR C 263 -11.29 21.72 29.68
CA THR C 263 -12.54 21.98 30.36
C THR C 263 -12.33 21.91 31.87
N LEU C 264 -11.60 20.90 32.31
CA LEU C 264 -11.29 20.73 33.72
C LEU C 264 -10.63 21.99 34.30
N LYS C 265 -9.60 22.50 33.61
CA LYS C 265 -8.91 23.70 34.05
C LYS C 265 -9.80 24.92 33.95
N LEU C 266 -10.69 24.92 32.96
CA LEU C 266 -11.68 25.97 32.82
C LEU C 266 -12.64 25.92 34.01
N ALA C 267 -12.92 24.71 34.49
CA ALA C 267 -13.82 24.53 35.62
C ALA C 267 -13.14 24.91 36.93
N GLU C 268 -11.80 24.98 36.90
CA GLU C 268 -11.03 25.44 38.05
C GLU C 268 -10.70 26.91 37.91
N ASN C 269 -11.18 27.51 36.83
CA ASN C 269 -10.93 28.93 36.53
C ASN C 269 -9.44 29.26 36.34
N ALA C 270 -8.70 28.29 35.81
CA ALA C 270 -7.27 28.46 35.61
C ALA C 270 -6.94 29.50 34.54
N SER C 271 -5.67 29.85 34.42
CA SER C 271 -5.21 30.81 33.41
C SER C 271 -5.18 30.14 32.03
N LEU C 272 -5.19 30.96 30.98
CA LEU C 272 -5.14 30.45 29.62
C LEU C 272 -3.89 29.60 29.39
N GLU C 273 -2.76 30.05 29.93
CA GLU C 273 -1.49 29.37 29.76
C GLU C 273 -1.53 28.01 30.43
N GLU C 274 -2.14 27.98 31.61
CA GLU C 274 -2.29 26.73 32.36
C GLU C 274 -3.22 25.77 31.62
N MET C 275 -4.30 26.30 31.08
CA MET C 275 -5.29 25.50 30.37
C MET C 275 -4.72 24.85 29.11
N VAL C 276 -4.06 25.63 28.28
CA VAL C 276 -3.48 25.11 27.04
C VAL C 276 -2.36 24.10 27.33
N ARG C 277 -1.51 24.42 28.30
CA ARG C 277 -0.41 23.53 28.67
C ARG C 277 -0.95 22.18 29.16
N PHE C 278 -1.97 22.23 30.01
CA PHE C 278 -2.58 21.01 30.52
C PHE C 278 -3.30 20.29 29.38
N GLY C 279 -3.84 21.07 28.44
CA GLY C 279 -4.47 20.51 27.26
C GLY C 279 -3.51 19.69 26.42
N VAL C 280 -2.39 20.28 26.03
CA VAL C 280 -1.39 19.58 25.22
C VAL C 280 -0.77 18.41 25.98
N ALA C 281 -0.60 18.57 27.29
CA ALA C 281 -0.13 17.49 28.16
C ALA C 281 -1.04 16.27 28.06
N ALA C 282 -2.35 16.48 28.22
CA ALA C 282 -3.31 15.39 28.20
C ALA C 282 -3.51 14.84 26.79
N GLY C 283 -3.47 15.74 25.81
CA GLY C 283 -3.65 15.35 24.42
C GLY C 283 -2.54 14.42 23.96
N SER C 284 -1.31 14.70 24.36
CA SER C 284 -0.18 13.89 23.96
C SER C 284 -0.08 12.59 24.76
N ALA C 285 -0.47 12.66 26.03
CA ALA C 285 -0.48 11.47 26.87
C ALA C 285 -1.47 10.46 26.29
N ALA C 286 -2.50 10.99 25.63
CA ALA C 286 -3.54 10.16 25.03
C ALA C 286 -3.11 9.57 23.69
N THR C 287 -1.86 9.82 23.30
CA THR C 287 -1.34 9.25 22.05
C THR C 287 -0.30 8.17 22.33
N LEU C 288 -0.09 7.85 23.60
CA LEU C 288 0.97 6.92 23.99
C LEU C 288 0.58 5.44 23.82
N ASN C 289 -0.71 5.19 23.61
CA ASN C 289 -1.18 3.83 23.44
C ASN C 289 -2.00 3.67 22.16
N GLY C 291 -5.15 2.13 21.36
CA GLY C 291 -6.49 2.20 20.80
C GLY C 291 -7.24 3.45 21.23
N THR C 292 -8.28 3.26 22.04
CA THR C 292 -9.03 4.38 22.58
C THR C 292 -8.93 4.40 24.10
N ARG C 293 -7.69 4.51 24.59
CA ARG C 293 -7.41 4.45 26.03
C ARG C 293 -7.37 5.85 26.64
N LEU C 294 -7.09 6.84 25.80
CA LEU C 294 -7.01 8.25 26.21
C LEU C 294 -5.85 8.54 27.18
N CYS C 295 -5.98 9.64 27.91
CA CYS C 295 -4.89 10.12 28.77
C CYS C 295 -4.98 9.58 30.20
N SER C 296 -3.89 9.02 30.70
CA SER C 296 -3.83 8.56 32.08
C SER C 296 -3.42 9.71 33.00
N HIS C 297 -3.66 9.54 34.30
CA HIS C 297 -3.28 10.56 35.27
C HIS C 297 -1.77 10.76 35.34
N ASP C 298 -1.03 9.64 35.37
CA ASP C 298 0.42 9.69 35.54
C ASP C 298 1.13 10.29 34.33
N ASP C 299 0.75 9.86 33.13
CA ASP C 299 1.38 10.35 31.90
C ASP C 299 1.11 11.84 31.70
N THR C 300 -0.13 12.26 31.93
CA THR C 300 -0.48 13.65 31.78
C THR C 300 0.30 14.50 32.78
N GLN C 301 0.33 14.05 34.04
CA GLN C 301 1.04 14.76 35.09
C GLN C 301 2.53 14.91 34.77
N LYS C 302 3.10 13.87 34.16
CA LYS C 302 4.53 13.88 33.84
C LYS C 302 4.84 14.82 32.67
N ILE C 303 4.06 14.72 31.61
CA ILE C 303 4.22 15.60 30.46
C ILE C 303 3.96 17.05 30.88
N TYR C 304 2.95 17.24 31.74
CA TYR C 304 2.61 18.56 32.25
C TYR C 304 3.77 19.15 33.03
N ALA C 305 4.28 18.40 34.01
CA ALA C 305 5.42 18.85 34.81
C ALA C 305 6.61 19.17 33.91
N TYR C 306 6.76 18.39 32.83
CA TYR C 306 7.80 18.66 31.86
C TYR C 306 7.58 19.97 31.13
N LEU C 307 6.38 20.16 30.60
CA LEU C 307 6.08 21.36 29.81
C LEU C 307 6.08 22.60 30.69
N SER C 308 5.78 22.41 31.97
CA SER C 308 5.63 23.52 32.92
C SER C 308 6.95 23.97 33.51
N ARG C 309 8.06 23.43 32.99
CA ARG C 309 9.38 23.81 33.49
C ARG C 309 9.78 25.20 33.01
N MET D 1 33.25 36.10 6.86
CA MET D 1 32.75 34.73 6.69
C MET D 1 33.82 33.83 6.09
N VAL D 2 34.05 32.68 6.72
CA VAL D 2 35.02 31.71 6.22
C VAL D 2 34.48 31.00 4.99
N ARG D 3 35.37 30.35 4.24
CA ARG D 3 34.96 29.58 3.07
C ARG D 3 34.31 28.25 3.46
N ILE D 4 33.34 27.82 2.66
CA ILE D 4 32.54 26.65 2.99
C ILE D 4 32.66 25.56 1.93
N TYR D 5 32.90 24.34 2.38
CA TYR D 5 32.98 23.20 1.47
C TYR D 5 32.04 22.10 1.95
N THR D 6 31.51 21.32 1.01
CA THR D 6 30.75 20.12 1.37
C THR D 6 31.35 18.86 0.74
N LEU D 7 31.16 17.73 1.40
CA LEU D 7 31.65 16.45 0.87
C LEU D 7 30.51 15.46 0.71
N THR D 8 30.43 14.86 -0.48
CA THR D 8 29.40 13.87 -0.77
C THR D 8 30.04 12.59 -1.33
N LEU D 9 30.23 11.60 -0.47
CA LEU D 9 30.85 10.34 -0.89
C LEU D 9 29.88 9.49 -1.72
N ALA D 10 28.59 9.70 -1.51
CA ALA D 10 27.56 9.06 -2.32
C ALA D 10 26.69 10.09 -3.02
N PRO D 11 27.19 10.68 -4.11
CA PRO D 11 26.42 11.67 -4.87
C PRO D 11 25.29 11.00 -5.65
N SER D 12 24.38 11.81 -6.17
CA SER D 12 23.22 11.29 -6.88
C SER D 12 22.84 12.17 -8.07
N LEU D 13 22.45 11.54 -9.16
CA LEU D 13 21.76 12.24 -10.23
C LEU D 13 20.27 11.94 -10.10
N ASP D 14 19.53 12.88 -9.52
CA ASP D 14 18.11 12.64 -9.28
C ASP D 14 17.25 12.92 -10.50
N SER D 15 16.27 12.06 -10.74
CA SER D 15 15.30 12.28 -11.80
C SER D 15 13.89 12.27 -11.21
N ALA D 16 12.99 13.03 -11.81
CA ALA D 16 11.64 13.18 -11.32
C ALA D 16 10.67 13.05 -12.47
N THR D 17 9.54 12.38 -12.22
CA THR D 17 8.55 12.17 -13.26
C THR D 17 7.15 12.17 -12.67
N ILE D 18 6.16 12.25 -13.56
CA ILE D 18 4.75 12.26 -13.16
C ILE D 18 3.97 11.12 -13.81
N THR D 19 3.12 10.48 -13.03
CA THR D 19 2.27 9.41 -13.55
C THR D 19 0.87 9.51 -12.94
N PRO D 20 -0.18 9.18 -13.72
CA PRO D 20 -1.57 9.30 -13.29
C PRO D 20 -1.92 8.57 -11.99
N GLN D 21 -1.53 7.30 -11.88
CA GLN D 21 -1.82 6.55 -10.66
C GLN D 21 -0.75 5.49 -10.40
N ILE D 22 -0.81 4.89 -9.21
CA ILE D 22 0.16 3.85 -8.86
C ILE D 22 -0.52 2.52 -8.49
N TYR D 23 -0.10 1.46 -9.18
CA TYR D 23 -0.60 0.11 -8.92
C TYR D 23 0.42 -0.87 -9.50
N PRO D 24 0.49 -2.10 -8.93
CA PRO D 24 1.52 -3.05 -9.34
C PRO D 24 1.27 -3.69 -10.71
N GLU D 25 2.30 -4.35 -11.23
CA GLU D 25 2.22 -5.19 -12.44
C GLU D 25 1.95 -4.48 -13.77
N GLY D 26 1.07 -3.47 -13.77
CA GLY D 26 0.77 -2.77 -15.01
C GLY D 26 1.83 -1.75 -15.38
N LYS D 27 1.92 -1.43 -16.67
CA LYS D 27 2.83 -0.39 -17.14
C LYS D 27 2.31 0.98 -16.73
N LEU D 28 3.01 1.63 -15.80
CA LEU D 28 2.64 2.97 -15.38
C LEU D 28 3.35 3.98 -16.27
N ARG D 29 2.57 4.64 -17.12
CA ARG D 29 3.12 5.62 -18.06
C ARG D 29 3.60 6.89 -17.35
N CYS D 30 4.89 7.17 -17.45
CA CYS D 30 5.50 8.31 -16.78
C CYS D 30 5.93 9.38 -17.78
N THR D 31 5.94 10.63 -17.32
CA THR D 31 6.33 11.76 -18.17
C THR D 31 7.84 11.81 -18.34
N ALA D 32 8.30 12.56 -19.34
CA ALA D 32 9.72 12.75 -19.56
C ALA D 32 10.38 13.36 -18.32
N PRO D 33 11.35 12.63 -17.75
CA PRO D 33 11.97 13.00 -16.47
C PRO D 33 12.66 14.34 -16.47
N VAL D 34 12.64 15.00 -15.31
CA VAL D 34 13.38 16.23 -15.09
C VAL D 34 14.55 15.93 -14.16
N PHE D 35 15.74 16.38 -14.51
CA PHE D 35 16.93 16.03 -13.75
C PHE D 35 17.37 17.10 -12.77
N GLU D 36 17.92 16.67 -11.65
CA GLU D 36 18.44 17.57 -10.61
C GLU D 36 19.63 16.94 -9.90
N PRO D 37 20.55 17.76 -9.41
CA PRO D 37 21.65 17.23 -8.59
C PRO D 37 21.12 16.69 -7.26
N GLY D 38 21.77 15.65 -6.74
CA GLY D 38 21.33 15.06 -5.49
C GLY D 38 22.48 14.62 -4.63
N GLY D 39 22.19 14.31 -3.37
CA GLY D 39 23.23 13.93 -2.42
C GLY D 39 23.24 14.88 -1.24
N GLY D 40 23.58 14.36 -0.06
CA GLY D 40 23.58 15.15 1.16
C GLY D 40 24.36 16.44 1.08
N GLY D 41 25.68 16.34 0.96
CA GLY D 41 26.54 17.50 0.89
C GLY D 41 26.22 18.38 -0.30
N ILE D 42 25.85 17.76 -1.41
CA ILE D 42 25.52 18.51 -2.62
C ILE D 42 24.32 19.43 -2.43
N ASN D 43 23.26 18.90 -1.83
CA ASN D 43 22.06 19.69 -1.57
C ASN D 43 22.29 20.77 -0.52
N VAL D 44 23.18 20.48 0.43
CA VAL D 44 23.58 21.49 1.40
C VAL D 44 24.17 22.67 0.65
N ALA D 45 25.06 22.36 -0.30
CA ALA D 45 25.69 23.37 -1.15
C ALA D 45 24.66 24.17 -1.94
N ARG D 46 23.70 23.47 -2.53
CA ARG D 46 22.63 24.12 -3.28
C ARG D 46 21.75 24.99 -2.38
N ALA D 47 21.41 24.49 -1.19
CA ALA D 47 20.60 25.24 -0.24
C ALA D 47 21.30 26.52 0.18
N ILE D 48 22.61 26.42 0.42
CA ILE D 48 23.42 27.57 0.80
C ILE D 48 23.43 28.62 -0.32
N ALA D 49 23.46 28.16 -1.57
CA ALA D 49 23.44 29.06 -2.71
C ALA D 49 22.10 29.80 -2.81
N HIS D 50 21.02 29.10 -2.49
CA HIS D 50 19.69 29.70 -2.50
C HIS D 50 19.58 30.80 -1.46
N LEU D 51 20.34 30.66 -0.38
CA LEU D 51 20.30 31.63 0.72
C LEU D 51 21.29 32.78 0.54
N GLY D 52 21.84 32.90 -0.66
CA GLY D 52 22.74 33.99 -0.98
C GLY D 52 24.19 33.70 -0.64
N GLY D 53 24.47 32.49 -0.17
CA GLY D 53 25.82 32.12 0.20
C GLY D 53 26.59 31.45 -0.93
N SER D 54 27.76 30.91 -0.61
CA SER D 54 28.56 30.16 -1.57
C SER D 54 29.23 28.96 -0.91
N ALA D 55 29.11 27.80 -1.55
CA ALA D 55 29.72 26.57 -1.04
C ALA D 55 30.21 25.71 -2.19
N THR D 56 31.46 25.25 -2.10
CA THR D 56 32.04 24.40 -3.12
C THR D 56 31.80 22.93 -2.78
N ALA D 57 31.27 22.18 -3.74
CA ALA D 57 30.87 20.80 -3.50
C ALA D 57 31.92 19.82 -3.99
N ILE D 58 32.43 18.99 -3.07
CA ILE D 58 33.41 17.96 -3.42
C ILE D 58 32.74 16.59 -3.47
N PHE D 59 32.91 15.89 -4.60
CA PHE D 59 32.27 14.59 -4.80
C PHE D 59 32.90 13.80 -5.95
N PRO D 60 32.70 12.46 -5.96
CA PRO D 60 33.10 11.65 -7.11
C PRO D 60 32.06 11.72 -8.21
N ALA D 61 32.51 11.80 -9.46
CA ALA D 61 31.61 11.84 -10.61
C ALA D 61 31.98 10.71 -11.57
N GLY D 62 31.09 9.74 -11.72
CA GLY D 62 31.35 8.60 -12.57
C GLY D 62 30.45 8.50 -13.78
N GLY D 63 31.08 8.35 -14.95
CA GLY D 63 30.35 8.09 -16.19
C GLY D 63 29.51 9.23 -16.71
N ALA D 64 28.58 8.90 -17.59
CA ALA D 64 27.70 9.89 -18.20
C ALA D 64 26.76 10.53 -17.19
N THR D 65 26.29 9.73 -16.24
CA THR D 65 25.45 10.23 -15.16
C THR D 65 26.23 11.26 -14.34
N GLY D 66 27.49 10.94 -14.06
CA GLY D 66 28.39 11.84 -13.37
C GLY D 66 28.56 13.15 -14.11
N GLU D 67 28.69 13.07 -15.43
CA GLU D 67 28.82 14.26 -16.26
C GLU D 67 27.60 15.17 -16.13
N HIS D 68 26.41 14.58 -16.23
CA HIS D 68 25.17 15.36 -16.15
C HIS D 68 25.03 16.06 -14.80
N LEU D 69 25.35 15.33 -13.73
CA LEU D 69 25.35 15.90 -12.38
C LEU D 69 26.25 17.12 -12.31
N VAL D 70 27.44 17.00 -12.87
CA VAL D 70 28.38 18.11 -12.95
C VAL D 70 27.79 19.27 -13.75
N SER D 71 27.19 18.95 -14.89
CA SER D 71 26.64 19.96 -15.79
C SER D 71 25.52 20.78 -15.13
N LEU D 72 24.61 20.09 -14.44
CA LEU D 72 23.47 20.73 -13.80
C LEU D 72 23.92 21.68 -12.70
N LEU D 73 24.92 21.26 -11.94
CA LEU D 73 25.48 22.10 -10.90
C LEU D 73 26.13 23.34 -11.50
N ALA D 74 26.73 23.19 -12.67
CA ALA D 74 27.35 24.31 -13.38
C ALA D 74 26.29 25.33 -13.80
N ASP D 75 25.12 24.83 -14.18
CA ASP D 75 24.01 25.70 -14.53
C ASP D 75 23.47 26.38 -13.29
N GLU D 76 23.57 25.71 -12.15
CA GLU D 76 23.05 26.21 -10.89
C GLU D 76 24.06 27.13 -10.18
N ASN D 77 25.17 27.42 -10.86
CA ASN D 77 26.21 28.31 -10.32
C ASN D 77 26.78 27.85 -8.97
N VAL D 78 26.87 26.54 -8.79
CA VAL D 78 27.47 25.97 -7.59
C VAL D 78 28.87 25.47 -7.91
N PRO D 79 29.89 26.04 -7.24
CA PRO D 79 31.27 25.60 -7.46
C PRO D 79 31.47 24.12 -7.10
N VAL D 80 32.31 23.43 -7.85
CA VAL D 80 32.50 22.00 -7.67
C VAL D 80 33.96 21.57 -7.73
N ALA D 81 34.31 20.58 -6.92
CA ALA D 81 35.62 19.97 -6.98
C ALA D 81 35.45 18.45 -7.05
N THR D 82 35.73 17.88 -8.22
CA THR D 82 35.38 16.49 -8.46
C THR D 82 36.59 15.56 -8.64
N VAL D 83 36.29 14.26 -8.60
CA VAL D 83 37.29 13.22 -8.78
C VAL D 83 36.70 12.21 -9.74
N GLU D 84 37.43 11.87 -10.79
CA GLU D 84 36.94 10.90 -11.77
C GLU D 84 36.84 9.51 -11.15
N ALA D 85 35.63 8.98 -11.06
CA ALA D 85 35.43 7.65 -10.52
C ALA D 85 35.05 6.69 -11.64
N LYS D 86 35.36 5.41 -11.46
CA LYS D 86 35.04 4.42 -12.47
C LYS D 86 33.57 4.01 -12.42
N ASP D 87 33.09 3.61 -11.24
CA ASP D 87 31.70 3.22 -11.09
C ASP D 87 30.81 4.43 -11.31
N TRP D 88 29.91 4.33 -12.27
CA TRP D 88 29.06 5.45 -12.68
C TRP D 88 28.15 5.97 -11.57
N THR D 89 27.98 7.29 -11.54
CA THR D 89 27.12 7.96 -10.57
C THR D 89 25.69 7.39 -10.60
N ARG D 90 25.17 7.05 -9.42
CA ARG D 90 23.84 6.45 -9.29
C ARG D 90 22.74 7.39 -9.78
N GLN D 91 21.62 6.81 -10.18
CA GLN D 91 20.49 7.59 -10.64
C GLN D 91 19.23 7.20 -9.88
N ASN D 92 18.66 8.15 -9.15
CA ASN D 92 17.46 7.90 -8.35
C ASN D 92 16.21 8.42 -9.06
N LEU D 93 15.06 7.85 -8.72
CA LEU D 93 13.80 8.25 -9.35
C LEU D 93 12.78 8.75 -8.32
N HIS D 94 12.19 9.90 -8.62
CA HIS D 94 11.16 10.51 -7.80
C HIS D 94 9.85 10.53 -8.60
N VAL D 95 8.83 9.84 -8.11
CA VAL D 95 7.57 9.73 -8.83
C VAL D 95 6.41 10.48 -8.17
N HIS D 96 5.83 11.42 -8.89
CA HIS D 96 4.61 12.08 -8.42
C HIS D 96 3.37 11.43 -9.00
N VAL D 97 2.48 10.98 -8.11
CA VAL D 97 1.25 10.33 -8.51
C VAL D 97 0.09 11.33 -8.53
N GLU D 98 -0.53 11.52 -9.69
CA GLU D 98 -1.54 12.56 -9.86
C GLU D 98 -2.79 12.33 -9.03
N ALA D 99 -3.32 11.11 -9.06
CA ALA D 99 -4.58 10.80 -8.41
C ALA D 99 -4.58 11.14 -6.91
N SER D 100 -3.48 10.82 -6.23
CA SER D 100 -3.43 11.00 -4.78
C SER D 100 -2.60 12.20 -4.35
N GLY D 101 -1.80 12.74 -5.27
CA GLY D 101 -0.91 13.84 -4.96
C GLY D 101 0.31 13.41 -4.15
N GLU D 102 0.48 12.10 -3.99
CA GLU D 102 1.60 11.57 -3.21
C GLU D 102 2.86 11.37 -4.05
N GLN D 103 4.00 11.29 -3.37
CA GLN D 103 5.28 11.12 -4.06
C GLN D 103 6.00 9.87 -3.55
N TYR D 104 6.72 9.22 -4.46
CA TYR D 104 7.49 8.02 -4.14
C TYR D 104 8.95 8.22 -4.50
N ARG D 105 9.83 7.93 -3.55
CA ARG D 105 11.26 8.16 -3.71
C ARG D 105 12.04 6.86 -3.65
N PHE D 106 12.55 6.43 -4.80
CA PHE D 106 13.35 5.21 -4.87
C PHE D 106 14.83 5.58 -4.86
N VAL D 107 15.51 5.20 -3.77
CA VAL D 107 16.87 5.66 -3.54
C VAL D 107 17.88 4.51 -3.66
N MET D 108 18.64 4.51 -4.75
CA MET D 108 19.70 3.51 -4.97
C MET D 108 20.92 3.84 -4.12
N PRO D 109 21.78 2.84 -3.86
CA PRO D 109 23.01 3.12 -3.11
C PRO D 109 23.96 3.95 -3.94
N GLY D 110 24.85 4.72 -3.30
CA GLY D 110 25.85 5.47 -4.04
C GLY D 110 26.76 4.52 -4.80
N ALA D 111 27.31 4.98 -5.92
CA ALA D 111 28.28 4.19 -6.66
C ALA D 111 29.47 3.87 -5.76
N ALA D 112 30.14 2.75 -6.02
CA ALA D 112 31.27 2.35 -5.20
C ALA D 112 32.45 3.30 -5.38
N LEU D 113 33.33 3.33 -4.37
CA LEU D 113 34.59 4.07 -4.46
C LEU D 113 35.77 3.15 -4.18
N ASN D 114 36.75 3.12 -5.08
CA ASN D 114 37.97 2.36 -4.84
C ASN D 114 38.92 3.14 -3.93
N GLU D 115 40.05 2.52 -3.57
CA GLU D 115 41.02 3.15 -2.68
C GLU D 115 41.58 4.40 -3.34
N ASP D 116 41.74 4.31 -4.66
CA ASP D 116 42.27 5.39 -5.46
C ASP D 116 41.40 6.63 -5.43
N GLU D 117 40.11 6.44 -5.71
CA GLU D 117 39.15 7.54 -5.74
C GLU D 117 38.97 8.16 -4.36
N PHE D 118 38.98 7.33 -3.33
CA PHE D 118 38.88 7.84 -1.97
C PHE D 118 40.10 8.65 -1.58
N ARG D 119 41.28 8.24 -2.08
CA ARG D 119 42.52 8.95 -1.80
C ARG D 119 42.46 10.36 -2.36
N GLN D 120 41.95 10.49 -3.58
CA GLN D 120 41.88 11.78 -4.26
C GLN D 120 40.87 12.71 -3.60
N LEU D 121 39.77 12.15 -3.11
CA LEU D 121 38.79 12.94 -2.38
C LEU D 121 39.43 13.51 -1.11
N GLU D 122 40.21 12.68 -0.42
CA GLU D 122 40.90 13.13 0.79
C GLU D 122 41.90 14.24 0.48
N GLU D 123 42.59 14.11 -0.66
CA GLU D 123 43.54 15.13 -1.10
C GLU D 123 42.84 16.46 -1.36
N GLN D 124 41.67 16.41 -1.98
CA GLN D 124 40.88 17.61 -2.21
C GLN D 124 40.49 18.28 -0.90
N VAL D 125 40.00 17.48 0.03
CA VAL D 125 39.63 17.95 1.37
C VAL D 125 40.81 18.62 2.07
N LEU D 126 42.00 18.01 1.97
CA LEU D 126 43.16 18.55 2.66
C LEU D 126 43.81 19.73 1.92
N GLU D 127 43.15 20.22 0.88
CA GLU D 127 43.56 21.46 0.21
C GLU D 127 42.80 22.65 0.78
N ILE D 128 41.79 22.34 1.60
CA ILE D 128 40.98 23.38 2.27
C ILE D 128 41.80 24.15 3.28
N GLU D 129 41.68 25.48 3.27
CA GLU D 129 42.47 26.34 4.14
C GLU D 129 42.07 26.18 5.59
N SER D 130 43.02 26.41 6.49
CA SER D 130 42.76 26.34 7.92
C SER D 130 41.71 27.38 8.32
N GLY D 131 40.74 26.96 9.12
CA GLY D 131 39.69 27.87 9.58
C GLY D 131 38.41 27.75 8.77
N ALA D 132 38.48 27.09 7.62
CA ALA D 132 37.30 26.92 6.77
C ALA D 132 36.39 25.77 7.23
N ILE D 133 35.15 25.79 6.77
CA ILE D 133 34.16 24.78 7.18
C ILE D 133 33.99 23.67 6.14
N LEU D 134 33.91 22.43 6.60
CA LEU D 134 33.62 21.30 5.74
C LEU D 134 32.38 20.55 6.22
N VAL D 135 31.37 20.49 5.36
CA VAL D 135 30.14 19.75 5.69
C VAL D 135 30.17 18.37 5.04
N ILE D 136 30.23 17.32 5.85
CA ILE D 136 30.14 15.96 5.35
C ILE D 136 28.72 15.44 5.51
N SER D 137 27.98 15.34 4.41
CA SER D 137 26.58 14.95 4.49
C SER D 137 26.19 13.86 3.50
N GLY D 138 25.43 12.88 3.99
CA GLY D 138 24.91 11.82 3.14
C GLY D 138 25.32 10.42 3.54
N SER D 139 24.92 9.45 2.72
CA SER D 139 25.20 8.04 3.01
C SER D 139 26.61 7.63 2.58
N LEU D 140 27.08 6.52 3.13
CA LEU D 140 28.41 6.00 2.80
C LEU D 140 28.28 4.97 1.69
N PRO D 141 29.00 5.19 0.58
CA PRO D 141 28.94 4.30 -0.57
C PRO D 141 29.74 3.03 -0.31
N PRO D 142 29.44 1.94 -1.03
CA PRO D 142 30.23 0.70 -0.97
C PRO D 142 31.69 0.96 -1.31
N GLY D 143 32.59 0.14 -0.78
CA GLY D 143 34.01 0.25 -1.09
C GLY D 143 34.75 1.27 -0.24
N VAL D 144 34.10 1.78 0.80
CA VAL D 144 34.74 2.74 1.68
C VAL D 144 34.73 2.24 3.13
N LYS D 145 35.90 1.83 3.60
CA LYS D 145 36.05 1.35 4.97
C LYS D 145 35.66 2.41 5.97
N LEU D 146 34.95 1.99 7.01
CA LEU D 146 34.47 2.91 8.05
C LEU D 146 35.64 3.65 8.70
N GLU D 147 36.81 3.01 8.72
CA GLU D 147 38.01 3.61 9.27
C GLU D 147 38.55 4.75 8.42
N LYS D 148 38.32 4.66 7.11
CA LYS D 148 38.81 5.68 6.18
C LYS D 148 38.14 7.05 6.38
N LEU D 149 36.83 7.03 6.55
CA LEU D 149 36.09 8.27 6.79
C LEU D 149 36.59 8.95 8.06
N THR D 150 36.81 8.14 9.09
CA THR D 150 37.32 8.62 10.37
C THR D 150 38.70 9.25 10.23
N GLN D 151 39.56 8.60 9.44
CA GLN D 151 40.92 9.10 9.21
C GLN D 151 40.90 10.40 8.42
N LEU D 152 39.97 10.52 7.50
CA LEU D 152 39.83 11.74 6.71
C LEU D 152 39.40 12.91 7.61
N ILE D 153 38.46 12.64 8.51
CA ILE D 153 37.99 13.68 9.43
C ILE D 153 39.12 14.10 10.38
N SER D 154 39.80 13.13 10.96
CA SER D 154 40.93 13.38 11.85
C SER D 154 42.00 14.21 11.15
N ALA D 155 42.22 13.94 9.87
CA ALA D 155 43.24 14.64 9.10
C ALA D 155 42.84 16.09 8.83
N ALA D 156 41.56 16.31 8.53
CA ALA D 156 41.06 17.65 8.26
C ALA D 156 41.15 18.52 9.50
N GLN D 157 40.70 17.99 10.62
CA GLN D 157 40.75 18.71 11.90
C GLN D 157 42.18 19.05 12.26
N LYS D 158 43.09 18.15 11.94
CA LYS D 158 44.50 18.30 12.25
C LYS D 158 45.10 19.57 11.64
N GLN D 159 44.57 20.00 10.50
CA GLN D 159 45.04 21.24 9.89
C GLN D 159 44.03 22.39 9.96
N GLY D 160 43.20 22.39 11.01
CA GLY D 160 42.35 23.53 11.31
C GLY D 160 41.06 23.64 10.54
N ILE D 161 40.64 22.56 9.88
CA ILE D 161 39.36 22.53 9.18
C ILE D 161 38.22 22.23 10.16
N ARG D 162 37.12 22.96 10.03
CA ARG D 162 35.99 22.82 10.93
C ARG D 162 34.91 21.93 10.31
N CYS D 163 34.65 20.80 10.95
CA CYS D 163 33.80 19.78 10.36
C CYS D 163 32.38 19.75 10.91
N ILE D 164 31.43 19.67 9.99
CA ILE D 164 30.02 19.53 10.30
C ILE D 164 29.53 18.22 9.69
N VAL D 165 28.82 17.42 10.47
CA VAL D 165 28.47 16.06 10.05
C VAL D 165 26.96 15.81 10.04
N ASP D 166 26.48 15.26 8.92
CA ASP D 166 25.11 14.79 8.84
C ASP D 166 25.08 13.43 8.14
N SER D 167 24.96 12.37 8.92
CA SER D 167 24.89 11.02 8.37
C SER D 167 23.92 10.12 9.14
N SER D 168 24.08 8.81 8.99
CA SER D 168 23.20 7.85 9.64
C SER D 168 23.94 6.57 9.98
N GLY D 169 23.42 5.85 10.97
CA GLY D 169 23.91 4.52 11.31
C GLY D 169 25.36 4.44 11.70
N GLU D 170 26.09 3.60 10.99
CA GLU D 170 27.46 3.24 11.32
C GLU D 170 28.43 4.38 10.99
N ALA D 171 28.25 4.97 9.82
CA ALA D 171 29.11 6.09 9.40
C ALA D 171 28.98 7.28 10.33
N LEU D 172 27.78 7.52 10.85
CA LEU D 172 27.57 8.62 11.78
C LEU D 172 28.32 8.37 13.08
N SER D 173 28.21 7.16 13.62
CA SER D 173 28.89 6.80 14.86
C SER D 173 30.42 6.86 14.67
N ALA D 174 30.86 6.56 13.46
CA ALA D 174 32.28 6.64 13.11
C ALA D 174 32.79 8.08 13.10
N ALA D 175 32.01 8.99 12.54
CA ALA D 175 32.39 10.39 12.45
C ALA D 175 32.55 11.01 13.84
N LEU D 176 31.70 10.59 14.76
CA LEU D 176 31.73 11.12 16.12
C LEU D 176 32.69 10.34 17.02
N ALA D 177 33.27 9.26 16.49
CA ALA D 177 34.25 8.47 17.23
C ALA D 177 35.49 9.30 17.50
N ILE D 178 35.85 10.13 16.54
CA ILE D 178 36.97 11.06 16.70
C ILE D 178 36.66 12.08 17.79
N GLY D 179 35.64 12.88 17.54
CA GLY D 179 35.28 13.96 18.45
C GLY D 179 35.64 15.32 17.88
N ASN D 180 35.34 16.36 18.65
CA ASN D 180 35.59 17.74 18.24
C ASN D 180 34.87 18.14 16.96
N ILE D 181 33.79 17.44 16.65
CA ILE D 181 32.92 17.81 15.54
C ILE D 181 32.19 19.11 15.88
N GLU D 182 32.27 20.11 15.01
CA GLU D 182 31.71 21.42 15.31
C GLU D 182 30.19 21.36 15.48
N LEU D 183 29.53 20.54 14.67
CA LEU D 183 28.08 20.42 14.68
C LEU D 183 27.60 19.15 13.99
N VAL D 184 26.68 18.43 14.62
CA VAL D 184 25.95 17.35 13.97
C VAL D 184 24.45 17.58 14.03
N LYS D 185 23.75 17.18 12.98
CA LYS D 185 22.29 17.22 12.95
C LYS D 185 21.69 15.84 12.75
N PRO D 186 21.51 15.09 13.85
CA PRO D 186 20.76 13.84 13.73
C PRO D 186 19.26 14.12 13.80
N ASN D 187 18.45 13.34 13.09
CA ASN D 187 17.03 13.37 13.37
C ASN D 187 16.76 12.48 14.59
N GLN D 188 15.50 12.25 14.93
CA GLN D 188 15.19 11.53 16.15
C GLN D 188 15.60 10.08 16.08
N LYS D 189 15.40 9.48 14.91
CA LYS D 189 15.75 8.10 14.68
C LYS D 189 17.27 7.96 14.70
N GLU D 190 17.94 8.81 13.95
CA GLU D 190 19.40 8.84 13.91
C GLU D 190 20.01 9.03 15.30
N LEU D 191 19.44 9.94 16.09
CA LEU D 191 19.89 10.13 17.46
C LEU D 191 19.66 8.85 18.29
N SER D 192 18.49 8.25 18.10
CA SER D 192 18.13 7.03 18.83
C SER D 192 19.11 5.88 18.58
N ALA D 193 19.46 5.66 17.32
CA ALA D 193 20.40 4.60 16.96
C ALA D 193 21.80 4.93 17.46
N LEU D 194 22.13 6.21 17.48
CA LEU D 194 23.45 6.66 17.90
C LEU D 194 23.75 6.31 19.35
N VAL D 195 22.84 6.68 20.25
CA VAL D 195 23.02 6.37 21.67
C VAL D 195 22.47 4.99 22.04
N ASN D 196 21.98 4.27 21.02
CA ASN D 196 21.45 2.92 21.19
C ASN D 196 20.47 2.75 22.34
N ARG D 197 19.47 3.62 22.40
CA ARG D 197 18.38 3.45 23.35
C ARG D 197 17.14 4.20 22.87
N GLU D 198 15.97 3.67 23.21
CA GLU D 198 14.72 4.27 22.78
C GLU D 198 14.44 5.54 23.58
N LEU D 199 14.01 6.58 22.88
CA LEU D 199 13.77 7.88 23.52
C LEU D 199 12.28 8.04 23.82
N THR D 200 11.84 7.48 24.93
CA THR D 200 10.42 7.44 25.25
C THR D 200 9.98 8.53 26.24
N GLN D 201 10.91 8.96 27.09
CA GLN D 201 10.58 9.97 28.09
C GLN D 201 10.73 11.38 27.51
N PRO D 202 9.96 12.34 28.04
CA PRO D 202 9.93 13.71 27.48
C PRO D 202 11.31 14.37 27.41
N ASP D 203 12.17 14.10 28.39
CA ASP D 203 13.47 14.76 28.43
C ASP D 203 14.60 13.90 27.86
N ASP D 204 14.24 12.76 27.28
CA ASP D 204 15.23 11.82 26.75
C ASP D 204 16.09 12.38 25.60
N VAL D 205 15.45 13.05 24.65
CA VAL D 205 16.17 13.64 23.51
C VAL D 205 17.21 14.66 23.95
N ARG D 206 16.84 15.51 24.92
CA ARG D 206 17.77 16.51 25.43
C ARG D 206 18.92 15.87 26.20
N LYS D 207 18.62 14.85 27.00
CA LYS D 207 19.65 14.15 27.75
C LYS D 207 20.61 13.42 26.83
N ALA D 208 20.09 12.88 25.73
CA ALA D 208 20.94 12.18 24.77
C ALA D 208 21.86 13.16 24.05
N ALA D 209 21.29 14.29 23.64
CA ALA D 209 22.06 15.33 22.95
C ALA D 209 23.13 15.93 23.85
N GLN D 210 22.80 16.10 25.12
CA GLN D 210 23.74 16.70 26.06
C GLN D 210 24.91 15.76 26.33
N GLU D 211 24.61 14.48 26.41
CA GLU D 211 25.62 13.43 26.60
C GLU D 211 26.66 13.45 25.49
N ILE D 212 26.21 13.67 24.26
CA ILE D 212 27.11 13.74 23.11
C ILE D 212 28.07 14.93 23.23
N VAL D 213 27.55 16.08 23.62
CA VAL D 213 28.38 17.26 23.84
C VAL D 213 29.32 17.08 25.02
N ASN D 214 28.77 16.57 26.12
CA ASN D 214 29.53 16.38 27.36
C ASN D 214 30.72 15.45 27.20
N SER D 215 30.61 14.49 26.28
CA SER D 215 31.67 13.52 26.04
C SER D 215 32.70 14.06 25.06
N GLY D 216 32.43 15.23 24.49
CA GLY D 216 33.38 15.87 23.61
C GLY D 216 33.35 15.41 22.17
N LYS D 217 32.38 14.56 21.82
CA LYS D 217 32.25 14.11 20.44
C LYS D 217 31.87 15.26 19.50
N ALA D 218 30.99 16.14 19.98
CA ALA D 218 30.56 17.31 19.20
C ALA D 218 30.33 18.52 20.08
N LYS D 219 30.71 19.70 19.55
CA LYS D 219 30.54 20.95 20.28
C LYS D 219 29.07 21.40 20.26
N ARG D 220 28.37 21.09 19.18
CA ARG D 220 26.95 21.42 19.05
C ARG D 220 26.16 20.25 18.50
N VAL D 221 25.05 19.93 19.15
CA VAL D 221 24.13 18.94 18.64
C VAL D 221 22.77 19.58 18.38
N VAL D 222 22.35 19.56 17.13
CA VAL D 222 21.00 20.00 16.79
C VAL D 222 20.16 18.81 16.35
N VAL D 223 19.29 18.35 17.25
CA VAL D 223 18.38 17.27 16.94
C VAL D 223 17.16 17.82 16.22
N SER D 224 17.02 17.45 14.96
CA SER D 224 15.90 17.90 14.14
CA SER D 224 15.89 17.91 14.15
C SER D 224 14.67 17.03 14.42
N LEU D 225 13.51 17.66 14.60
CA LEU D 225 12.31 16.96 15.04
C LEU D 225 11.14 16.99 14.06
N GLY D 226 11.42 17.13 12.77
CA GLY D 226 10.34 17.20 11.78
C GLY D 226 9.39 18.36 12.04
N PRO D 227 8.09 18.07 12.16
CA PRO D 227 7.10 19.13 12.38
C PRO D 227 7.32 19.87 13.69
N GLN D 228 8.04 19.26 14.64
CA GLN D 228 8.25 19.88 15.93
C GLN D 228 9.46 20.83 15.95
N GLY D 229 10.15 20.92 14.83
CA GLY D 229 11.26 21.85 14.71
C GLY D 229 12.59 21.25 15.06
N ALA D 230 13.25 21.81 16.08
CA ALA D 230 14.56 21.32 16.48
C ALA D 230 14.88 21.64 17.95
N LEU D 231 15.84 20.88 18.50
CA LEU D 231 16.34 21.13 19.85
C LEU D 231 17.85 21.15 19.74
N GLY D 232 18.47 22.26 20.15
CA GLY D 232 19.90 22.42 20.02
C GLY D 232 20.58 22.63 21.37
N VAL D 233 21.73 21.98 21.55
CA VAL D 233 22.51 22.12 22.77
C VAL D 233 24.01 22.25 22.50
N ASP D 234 24.67 23.14 23.25
CA ASP D 234 26.13 23.13 23.37
C ASP D 234 26.51 22.89 24.83
N SER D 235 27.69 23.33 25.22
CA SER D 235 28.18 23.01 26.56
C SER D 235 27.61 23.94 27.64
N GLU D 236 26.70 24.83 27.26
CA GLU D 236 26.16 25.79 28.22
C GLU D 236 24.66 26.01 28.07
N ASN D 237 24.19 26.09 26.83
CA ASN D 237 22.80 26.47 26.57
C ASN D 237 21.94 25.41 25.87
N CYS D 238 20.64 25.59 25.96
CA CYS D 238 19.68 24.75 25.25
C CYS D 238 18.61 25.62 24.62
N ILE D 239 18.35 25.39 23.34
CA ILE D 239 17.31 26.13 22.63
C ILE D 239 16.36 25.19 21.87
N GLN D 240 15.07 25.47 21.97
CA GLN D 240 14.06 24.71 21.26
C GLN D 240 13.24 25.65 20.35
N VAL D 241 13.18 25.31 19.07
CA VAL D 241 12.48 26.15 18.09
C VAL D 241 11.44 25.34 17.34
N VAL D 242 10.23 25.89 17.25
CA VAL D 242 9.12 25.22 16.59
C VAL D 242 8.74 26.01 15.34
N PRO D 243 8.51 25.32 14.22
CA PRO D 243 8.13 26.01 12.98
C PRO D 243 6.77 26.70 13.15
N PRO D 244 6.44 27.64 12.25
CA PRO D 244 5.13 28.31 12.27
C PRO D 244 4.01 27.33 11.90
N PRO D 245 2.79 27.57 12.41
CA PRO D 245 1.69 26.66 12.12
C PRO D 245 1.18 26.82 10.69
N VAL D 246 1.98 26.38 9.72
CA VAL D 246 1.58 26.38 8.31
C VAL D 246 1.78 24.98 7.73
N LYS D 247 0.76 24.48 7.03
CA LYS D 247 0.75 23.11 6.54
C LYS D 247 1.93 22.78 5.63
N SER D 248 2.53 21.62 5.86
CA SER D 248 3.60 21.11 5.01
C SER D 248 3.07 20.56 3.69
N GLN D 249 3.72 20.93 2.59
CA GLN D 249 3.36 20.41 1.27
C GLN D 249 4.20 19.17 0.93
N SER D 250 5.49 19.24 1.23
CA SER D 250 6.41 18.15 0.92
C SER D 250 7.67 18.26 1.77
N THR D 251 7.93 17.23 2.59
CA THR D 251 9.08 17.27 3.50
C THR D 251 10.43 17.02 2.81
N VAL D 252 10.40 16.74 1.51
CA VAL D 252 11.64 16.48 0.78
C VAL D 252 12.55 17.71 0.76
N GLY D 253 13.80 17.52 1.16
CA GLY D 253 14.79 18.58 1.13
C GLY D 253 14.93 19.31 2.45
N ALA D 254 14.03 19.02 3.38
CA ALA D 254 13.99 19.72 4.67
C ALA D 254 15.30 19.61 5.46
N GLY D 255 15.85 18.40 5.53
CA GLY D 255 17.02 18.13 6.34
C GLY D 255 18.27 18.83 5.84
N ASP D 256 18.43 18.86 4.52
CA ASP D 256 19.60 19.46 3.90
C ASP D 256 19.50 20.99 3.92
N SER D 257 18.29 21.50 3.73
CA SER D 257 18.04 22.94 3.82
C SER D 257 18.41 23.45 5.21
N MET D 258 18.04 22.71 6.24
CA MET D 258 18.37 23.09 7.62
C MET D 258 19.88 23.05 7.89
N VAL D 259 20.57 22.05 7.35
CA VAL D 259 22.02 21.95 7.53
C VAL D 259 22.76 23.08 6.81
N GLY D 260 22.34 23.38 5.58
CA GLY D 260 22.94 24.48 4.83
C GLY D 260 22.81 25.81 5.54
N ALA D 261 21.61 26.11 6.02
CA ALA D 261 21.34 27.34 6.77
C ALA D 261 22.18 27.46 8.06
N MET D 262 22.24 26.38 8.83
CA MET D 262 23.01 26.37 10.07
C MET D 262 24.50 26.48 9.80
N THR D 263 24.92 25.96 8.64
CA THR D 263 26.32 26.06 8.23
C THR D 263 26.69 27.51 7.96
N LEU D 264 25.83 28.22 7.25
CA LEU D 264 26.03 29.65 6.99
C LEU D 264 26.16 30.45 8.28
N LYS D 265 25.31 30.13 9.25
CA LYS D 265 25.32 30.83 10.53
C LYS D 265 26.60 30.58 11.32
N LEU D 266 27.05 29.33 11.33
CA LEU D 266 28.31 28.99 11.99
C LEU D 266 29.45 29.77 11.32
N ALA D 267 29.37 29.88 10.01
CA ALA D 267 30.37 30.62 9.23
C ALA D 267 30.43 32.10 9.64
N GLU D 268 29.28 32.66 10.01
CA GLU D 268 29.21 34.06 10.42
C GLU D 268 29.27 34.23 11.94
N ASN D 269 29.78 33.22 12.63
CA ASN D 269 29.93 33.28 14.09
C ASN D 269 28.62 33.63 14.78
N ALA D 270 27.54 32.96 14.36
CA ALA D 270 26.23 33.21 14.94
C ALA D 270 26.11 32.53 16.29
N SER D 271 25.24 33.08 17.14
CA SER D 271 24.94 32.44 18.42
C SER D 271 24.20 31.13 18.15
N LEU D 272 24.09 30.30 19.19
CA LEU D 272 23.38 29.04 19.06
C LEU D 272 21.91 29.31 18.71
N GLU D 273 21.36 30.36 19.30
CA GLU D 273 19.96 30.71 19.10
C GLU D 273 19.65 31.02 17.63
N GLU D 274 20.44 31.90 17.03
CA GLU D 274 20.26 32.27 15.63
C GLU D 274 20.51 31.10 14.69
N MET D 275 21.48 30.27 15.03
CA MET D 275 21.80 29.12 14.19
C MET D 275 20.61 28.16 14.07
N VAL D 276 20.04 27.80 15.22
CA VAL D 276 18.92 26.86 15.26
C VAL D 276 17.65 27.44 14.63
N ARG D 277 17.34 28.69 14.96
CA ARG D 277 16.17 29.37 14.40
C ARG D 277 16.25 29.52 12.88
N PHE D 278 17.42 29.89 12.38
CA PHE D 278 17.62 30.00 10.94
C PHE D 278 17.60 28.61 10.31
N GLY D 279 18.00 27.61 11.09
CA GLY D 279 17.95 26.23 10.65
C GLY D 279 16.52 25.74 10.48
N VAL D 280 15.66 26.09 11.44
CA VAL D 280 14.26 25.69 11.37
C VAL D 280 13.52 26.45 10.28
N ALA D 281 13.89 27.71 10.09
CA ALA D 281 13.30 28.54 9.05
C ALA D 281 13.53 27.95 7.66
N ALA D 282 14.75 27.52 7.38
CA ALA D 282 15.09 26.98 6.07
C ALA D 282 14.48 25.60 5.86
N GLY D 283 14.55 24.77 6.89
CA GLY D 283 14.00 23.42 6.83
C GLY D 283 12.50 23.46 6.60
N SER D 284 11.83 24.37 7.31
CA SER D 284 10.38 24.53 7.14
C SER D 284 10.03 25.22 5.84
N ALA D 285 10.90 26.12 5.38
CA ALA D 285 10.68 26.82 4.11
C ALA D 285 10.69 25.83 2.96
N ALA D 286 11.49 24.77 3.10
CA ALA D 286 11.58 23.75 2.06
C ALA D 286 10.28 22.96 1.92
N THR D 287 9.58 22.78 3.03
CA THR D 287 8.33 22.01 3.04
C THR D 287 7.14 22.79 2.45
N LEU D 288 7.30 24.09 2.25
CA LEU D 288 6.22 24.88 1.64
C LEU D 288 6.14 24.63 0.14
N ASN D 289 7.24 24.16 -0.43
CA ASN D 289 7.29 23.87 -1.86
C ASN D 289 6.84 22.45 -2.18
N GLN D 290 6.26 22.26 -3.35
CA GLN D 290 5.89 20.92 -3.81
C GLN D 290 7.13 20.12 -4.12
N GLY D 291 7.00 18.80 -4.15
CA GLY D 291 8.07 17.93 -4.58
C GLY D 291 9.41 18.12 -3.88
N THR D 292 10.45 18.30 -4.69
CA THR D 292 11.83 18.23 -4.19
C THR D 292 12.55 19.57 -4.01
N ARG D 293 11.86 20.67 -4.27
CA ARG D 293 12.45 22.00 -4.15
C ARG D 293 12.97 22.30 -2.75
N LEU D 294 14.20 22.79 -2.67
CA LEU D 294 14.80 23.17 -1.40
C LEU D 294 14.30 24.55 -0.97
N CYS D 295 14.72 24.98 0.22
CA CYS D 295 14.36 26.29 0.75
C CYS D 295 14.74 27.42 -0.22
N SER D 296 13.86 28.40 -0.37
CA SER D 296 14.19 29.62 -1.09
C SER D 296 14.57 30.70 -0.09
N HIS D 297 15.24 31.74 -0.57
CA HIS D 297 15.70 32.82 0.29
C HIS D 297 14.54 33.53 0.99
N ASP D 298 13.51 33.89 0.22
CA ASP D 298 12.41 34.71 0.73
C ASP D 298 11.57 34.00 1.79
N ASP D 299 11.23 32.73 1.55
CA ASP D 299 10.45 31.96 2.53
C ASP D 299 11.24 31.81 3.83
N THR D 300 12.51 31.48 3.69
CA THR D 300 13.40 31.30 4.83
C THR D 300 13.47 32.58 5.66
N GLN D 301 13.77 33.69 4.99
CA GLN D 301 13.86 34.98 5.65
C GLN D 301 12.56 35.33 6.36
N LYS D 302 11.45 35.09 5.68
CA LYS D 302 10.13 35.37 6.24
C LYS D 302 9.87 34.58 7.54
N ILE D 303 10.20 33.29 7.51
CA ILE D 303 10.06 32.47 8.70
C ILE D 303 11.06 32.87 9.79
N TYR D 304 12.29 33.17 9.37
CA TYR D 304 13.33 33.58 10.30
C TYR D 304 12.94 34.86 11.05
N ALA D 305 12.41 35.83 10.32
CA ALA D 305 11.94 37.08 10.90
C ALA D 305 10.84 36.82 11.93
N TYR D 306 9.95 35.89 11.62
CA TYR D 306 8.86 35.53 12.51
C TYR D 306 9.39 34.89 13.80
N LEU D 307 10.30 33.94 13.66
CA LEU D 307 10.88 33.25 14.81
C LEU D 307 11.74 34.16 15.67
N SER D 308 12.31 35.20 15.08
CA SER D 308 13.30 36.03 15.76
C SER D 308 12.76 37.30 16.42
N ARG D 309 11.44 37.45 16.41
CA ARG D 309 10.79 38.59 17.05
C ARG D 309 11.15 38.70 18.53
PG ATP E . -10.86 -19.14 -1.69
O1G ATP E . -12.12 -18.32 -2.00
O2G ATP E . -11.19 -19.88 -0.44
O3G ATP E . -9.65 -18.27 -1.52
PB ATP E . -9.45 -21.12 -3.02
O1B ATP E . -9.55 -22.20 -1.91
O2B ATP E . -8.09 -20.35 -2.91
O3B ATP E . -10.65 -20.09 -2.90
PA ATP E . -9.18 -21.08 -5.78
O1A ATP E . -8.57 -19.73 -5.51
O2A ATP E . -8.25 -21.94 -6.63
O3A ATP E . -9.55 -21.77 -4.46
O5' ATP E . -10.56 -20.81 -6.57
C5' ATP E . -11.35 -21.89 -6.90
C4' ATP E . -11.93 -21.92 -8.24
O4' ATP E . -12.48 -20.61 -8.52
C3' ATP E . -10.89 -22.07 -9.27
O3' ATP E . -10.59 -23.39 -9.48
C2' ATP E . -11.54 -21.47 -10.44
O2' ATP E . -12.50 -22.33 -10.92
C1' ATP E . -12.20 -20.28 -9.85
N9 ATP E . -11.36 -19.09 -9.93
C8 ATP E . -10.61 -18.62 -8.91
N7 ATP E . -9.96 -17.53 -9.36
C5 ATP E . -10.29 -17.32 -10.65
C6 ATP E . -9.93 -16.35 -11.61
N6 ATP E . -8.98 -15.25 -11.24
N1 ATP E . -10.45 -16.43 -12.84
C2 ATP E . -11.31 -17.41 -13.17
N3 ATP E . -11.67 -18.34 -12.28
C4 ATP E . -11.19 -18.32 -11.03
O1 F6P F . -14.95 -17.25 1.71
C1 F6P F . -15.17 -16.19 2.61
C2 F6P F . -15.45 -16.72 4.00
O2 F6P F . -15.88 -18.10 3.93
C3 F6P F . -16.52 -15.91 4.74
O3 F6P F . -17.71 -16.64 4.81
C4 F6P F . -15.97 -15.65 6.12
O4 F6P F . -16.00 -14.27 6.42
C5 F6P F . -14.55 -16.17 6.10
O5 F6P F . -14.28 -16.64 4.79
C6 F6P F . -14.42 -17.35 7.05
O6 F6P F . -13.48 -17.12 8.08
P F6P F . -12.27 -18.15 8.31
O1P F6P F . -12.78 -19.55 8.09
O2P F6P F . -11.81 -18.03 9.75
O3P F6P F . -11.13 -17.85 7.36
MG MG G . -10.15 -22.21 -0.22
MG MG H . -7.87 -18.39 -1.61
P1 FBP I . 5.75 -6.31 -21.55
O1P FBP I . 4.59 -5.89 -22.53
O2P FBP I . 5.61 -5.71 -20.19
O3P FBP I . 5.80 -7.82 -21.46
O1 FBP I . 7.04 -5.85 -22.35
C1 FBP I . 8.24 -5.47 -21.71
C2 FBP I . 8.84 -4.18 -22.20
O2 FBP I . 9.17 -4.33 -23.55
C3 FBP I . 9.96 -3.72 -21.39
O3 FBP I . 11.13 -4.31 -21.83
C4 FBP I . 9.94 -2.30 -21.66
O4 FBP I . 10.49 -1.64 -20.56
C5 FBP I . 8.54 -1.99 -21.79
O5 FBP I . 7.87 -3.21 -22.11
C6 FBP I . 8.23 -1.04 -22.87
O6 FBP I . 6.86 -0.82 -23.07
P2 FBP I . 6.29 -0.04 -24.32
O4P FBP I . 4.74 -0.30 -24.39
O5P FBP I . 6.92 -0.64 -25.56
O6P FBP I . 6.57 1.45 -24.20
PB ADP J . 0.72 -9.53 -22.35
O1B ADP J . -0.65 -9.32 -21.76
O2B ADP J . 0.84 -9.24 -23.83
O3B ADP J . 1.81 -8.90 -21.50
PA ADP J . 0.26 -12.09 -21.24
O1A ADP J . -0.95 -12.63 -21.97
O2A ADP J . 0.04 -11.40 -19.91
O3A ADP J . 1.03 -11.09 -22.23
O5' ADP J . 1.35 -13.26 -21.09
C5' ADP J . 1.85 -13.92 -22.24
C4' ADP J . 2.22 -15.34 -21.88
O4' ADP J . 3.08 -15.35 -20.74
C3' ADP J . 0.99 -16.12 -21.45
O3' ADP J . 0.28 -16.69 -22.54
C2' ADP J . 1.58 -17.18 -20.54
O2' ADP J . 2.13 -18.22 -21.34
C1' ADP J . 2.73 -16.44 -19.88
N9 ADP J . 2.24 -15.90 -18.59
C8 ADP J . 1.95 -14.61 -18.33
N7 ADP J . 1.54 -14.45 -17.06
C5 ADP J . 1.55 -15.66 -16.47
C6 ADP J . 1.23 -16.21 -15.13
N6 ADP J . 0.80 -15.40 -14.14
N1 ADP J . 1.38 -17.53 -14.93
C2 ADP J . 1.81 -18.35 -15.91
N3 ADP J . 2.12 -17.92 -17.15
C4 ADP J . 2.02 -16.61 -17.48
MG MG K . 1.85 -6.85 -24.92
PG ATP L . 15.17 9.63 7.30
O1G ATP L . 14.94 11.10 7.39
O2G ATP L . 16.23 9.38 6.23
O3G ATP L . 15.59 9.06 8.63
PB ATP L . 12.90 9.70 5.80
O1B ATP L . 12.61 11.16 6.23
O2B ATP L . 13.55 9.63 4.37
O3B ATP L . 13.87 8.97 6.82
PA ATP L . 10.81 8.58 7.04
O1A ATP L . 10.18 7.21 6.89
O2A ATP L . 11.70 8.66 8.27
O3A ATP L . 11.59 8.86 5.76
O5' ATP L . 9.61 9.65 7.12
C5' ATP L . 8.37 9.25 7.59
C4' ATP L . 7.47 8.66 6.62
O4' ATP L . 8.00 7.38 6.20
C3' ATP L . 6.18 8.38 7.25
O3' ATP L . 5.30 9.37 6.94
C2' ATP L . 5.73 7.11 6.67
O2' ATP L . 4.77 7.36 5.72
C1' ATP L . 6.92 6.52 6.01
N9 ATP L . 7.18 5.16 6.46
C8 ATP L . 8.32 4.74 7.03
N7 ATP L . 8.19 3.42 7.30
C5 ATP L . 6.97 3.02 6.91
C6 ATP L . 6.28 1.79 6.94
N6 ATP L . 6.93 0.57 7.51
N1 ATP L . 5.03 1.74 6.44
C2 ATP L . 4.44 2.83 5.93
N3 ATP L . 5.06 4.01 5.89
C4 ATP L . 6.31 4.14 6.37
PG ATP M . -6.17 -18.33 0.70
O1G ATP M . -7.27 -18.80 -0.20
O2G ATP M . -6.76 -18.16 2.11
O3G ATP M . -5.02 -19.29 0.71
PB ATP M . -6.73 -15.99 -0.52
O1B ATP M . -7.34 -15.01 0.57
O2B ATP M . -7.84 -16.80 -1.24
O3B ATP M . -5.72 -16.94 0.22
PA ATP M . -4.46 -14.84 -1.34
O1A ATP M . -4.36 -13.57 -0.53
O2A ATP M . -3.75 -16.01 -0.63
O3A ATP M . -5.93 -15.14 -1.55
O5' ATP M . -3.81 -14.56 -2.78
C5' ATP M . -4.53 -13.80 -3.68
C4' ATP M . -4.51 -12.36 -3.48
O4' ATP M . -3.92 -12.05 -2.20
C3' ATP M . -3.62 -11.78 -4.50
O3' ATP M . -4.22 -10.64 -5.01
C2' ATP M . -2.41 -11.40 -3.77
O2' ATP M . -1.85 -10.30 -4.34
C1' ATP M . -2.93 -11.09 -2.43
N9 ATP M . -1.89 -11.04 -1.41
C8 ATP M . -1.57 -12.02 -0.55
N7 ATP M . -0.57 -11.58 0.24
C5 ATP M . -0.25 -10.31 -0.11
C6 ATP M . 0.70 -9.38 0.34
N6 ATP M . 1.63 -9.71 1.47
N1 ATP M . 0.75 -8.17 -0.25
C2 ATP M . -0.09 -7.87 -1.27
N3 ATP M . -1.00 -8.74 -1.72
C4 ATP M . -1.10 -9.96 -1.17
P1 FBP N . -11.12 11.55 17.37
O1P FBP N . -12.24 12.49 16.97
O2P FBP N . -10.23 11.29 16.17
O3P FBP N . -10.22 12.19 18.51
O1 FBP N . -11.67 10.15 17.88
C1 FBP N . -12.74 10.09 18.81
C2 FBP N . -13.98 9.33 18.42
O2 FBP N . -15.03 9.82 19.22
C3 FBP N . -13.91 7.88 18.46
O3 FBP N . -14.00 7.43 19.75
C4 FBP N . -15.09 7.55 17.72
O4 FBP N . -15.03 6.24 17.23
C5 FBP N . -15.03 8.49 16.62
O5 FBP N . -14.28 9.62 17.10
C6 FBP N . -16.35 8.99 16.20
O6 FBP N . -16.28 9.85 15.09
P2 FBP N . -17.31 11.02 14.87
O4P FBP N . -18.51 10.44 14.17
O5P FBP N . -17.78 11.56 16.30
O6P FBP N . -16.67 12.12 14.05
PB ADP O . -7.86 16.75 16.11
O1B ADP O . -8.87 17.79 16.51
O2B ADP O . -7.17 17.01 14.80
O3B ADP O . -8.31 15.32 16.28
PA ADP O . -5.18 17.01 16.93
O1A ADP O . -4.86 18.46 16.70
O2A ADP O . -4.81 16.02 15.86
O3A ADP O . -6.74 16.86 17.25
O5' ADP O . -4.57 16.53 18.35
C5' ADP O . -5.03 17.13 19.56
C4' ADP O . -3.88 17.23 20.55
O4' ADP O . -3.39 15.93 20.89
C3' ADP O . -2.68 17.99 19.99
O3' ADP O . -2.77 19.41 20.16
C2' ADP O . -1.53 17.37 20.75
O2' ADP O . -1.37 17.98 22.03
C1' ADP O . -1.96 15.93 20.95
N9 ADP O . -1.46 15.22 19.75
C8 ADP O . -2.19 14.86 18.68
N7 ADP O . -1.42 14.25 17.76
C5 ADP O . -0.17 14.20 18.23
C6 ADP O . 1.13 13.69 17.76
N6 ADP O . 1.23 13.08 16.55
N1 ADP O . 2.20 13.85 18.57
C2 ADP O . 2.10 14.45 19.77
N3 ADP O . 0.96 14.95 20.26
C4 ADP O . -0.19 14.85 19.55
MG MG P . -11.36 16.40 16.21
PG ATP Q . 15.63 14.50 5.60
O1G ATP Q . 15.34 15.29 4.30
O2G ATP Q . 17.11 14.37 5.61
O3G ATP Q . 14.89 13.19 5.67
PB ATP Q . 15.58 15.09 8.30
O1B ATP Q . 14.77 13.85 8.87
O2B ATP Q . 17.09 14.83 8.49
O3B ATP Q . 15.22 15.39 6.78
PA ATP Q . 13.73 16.71 9.63
O1A ATP Q . 12.71 15.74 9.10
O2A ATP Q . 13.67 16.75 11.16
O3A ATP Q . 15.13 16.37 9.11
O5' ATP Q . 13.35 18.12 9.00
C5' ATP Q . 14.17 19.23 9.18
C4' ATP Q . 13.51 20.50 9.50
O4' ATP Q . 12.57 20.82 8.46
C3' ATP Q . 12.70 20.38 10.72
O3' ATP Q . 13.43 20.63 11.86
C2' ATP Q . 11.67 21.39 10.51
O2' ATP Q . 12.16 22.64 10.80
C1' ATP Q . 11.37 21.25 9.08
N9 ATP Q . 10.28 20.31 8.88
C8 ATP Q . 10.40 18.99 8.61
N7 ATP Q . 9.15 18.46 8.53
C5 ATP Q . 8.25 19.44 8.75
C6 ATP Q . 6.86 19.49 8.77
N6 ATP Q . 6.05 18.25 8.53
N1 ATP Q . 6.26 20.67 9.03
C2 ATP Q . 6.97 21.79 9.26
N3 ATP Q . 8.32 21.78 9.23
C4 ATP Q . 8.97 20.62 8.98
O1 F6P R . 17.31 13.72 0.68
C1 F6P R . 17.50 14.07 -0.69
C2 F6P R . 18.71 13.33 -1.25
O2 F6P R . 19.91 14.03 -0.92
C3 F6P R . 18.60 13.16 -2.76
O3 F6P R . 19.36 14.16 -3.44
C4 F6P R . 19.14 11.77 -3.03
O4 F6P R . 18.33 11.12 -4.02
C5 F6P R . 19.06 11.04 -1.70
O5 F6P R . 18.78 12.01 -0.70
C6 F6P R . 20.35 10.31 -1.37
O6 F6P R . 20.31 9.92 0.01
P F6P R . 21.55 9.17 0.71
O1P F6P R . 22.72 10.09 0.46
O2P F6P R . 21.63 7.85 0.00
O3P F6P R . 21.14 9.08 2.16
MG MG S . 18.49 14.33 7.15
MG MG T . 13.82 12.08 7.66
#